data_3POD
# 
_entry.id   3POD 
# 
_audit_conform.dict_name       mmcif_pdbx.dic 
_audit_conform.dict_version    5.379 
_audit_conform.dict_location   http://mmcif.pdb.org/dictionaries/ascii/mmcif_pdbx.dic 
# 
loop_
_database_2.database_id 
_database_2.database_code 
_database_2.pdbx_database_accession 
_database_2.pdbx_DOI 
PDB   3POD         pdb_00003pod 10.2210/pdb3pod/pdb 
RCSB  RCSB062620   ?            ?                   
WWPDB D_1000062620 ?            ?                   
# 
_pdbx_database_related.db_name        PDB 
_pdbx_database_related.db_id          3POB 
_pdbx_database_related.details        'crystal structure in complex with MASP-1 CUB2' 
_pdbx_database_related.content_type   unspecified 
# 
_pdbx_database_status.status_code                     REL 
_pdbx_database_status.entry_id                        3POD 
_pdbx_database_status.recvd_initial_deposition_date   2010-11-22 
_pdbx_database_status.deposit_site                    RCSB 
_pdbx_database_status.process_site                    RCSB 
_pdbx_database_status.status_code_sf                  REL 
_pdbx_database_status.status_code_mr                  ? 
_pdbx_database_status.SG_entry                        ? 
_pdbx_database_status.status_code_cs                  ? 
_pdbx_database_status.pdb_format_compatible           Y 
_pdbx_database_status.status_code_nmr_data            ? 
_pdbx_database_status.methods_development_category    ? 
# 
loop_
_audit_author.name 
_audit_author.pdbx_ordinal 
'Gingras, A.R.' 1 
'Moody, P.C.E.' 2 
'Wallis, R.'    3 
# 
_citation.id                        primary 
_citation.title                     
;Structural Basis of Mannan-Binding Lectin Recognition by Its Associated Serine Protease MASP-1: Implications for Complement Activation.
;
_citation.journal_abbrev            Structure 
_citation.journal_volume            19 
_citation.page_first                1635 
_citation.page_last                 1643 
_citation.year                      2011 
_citation.journal_id_ASTM           STRUE6 
_citation.country                   UK 
_citation.journal_id_ISSN           0969-2126 
_citation.journal_id_CSD            2005 
_citation.book_publisher            ? 
_citation.pdbx_database_id_PubMed   22078562 
_citation.pdbx_database_id_DOI      10.1016/j.str.2011.08.014 
# 
loop_
_citation_author.citation_id 
_citation_author.name 
_citation_author.ordinal 
_citation_author.identifier_ORCID 
primary 'Gingras, A.R.'  1 ? 
primary 'Girija, U.V.'   2 ? 
primary 'Keeble, A.H.'   3 ? 
primary 'Panchal, R.'    4 ? 
primary 'Mitchell, D.A.' 5 ? 
primary 'Moody, P.C.'    6 ? 
primary 'Wallis, R.'     7 ? 
# 
_cell.entry_id           3POD 
_cell.length_a           84.880 
_cell.length_b           23.440 
_cell.length_c           25.800 
_cell.angle_alpha        90.00 
_cell.angle_beta         94.03 
_cell.angle_gamma        90.00 
_cell.Z_PDB              12 
_cell.pdbx_unique_axis   ? 
_cell.length_a_esd       ? 
_cell.length_b_esd       ? 
_cell.length_c_esd       ? 
_cell.angle_alpha_esd    ? 
_cell.angle_beta_esd     ? 
_cell.angle_gamma_esd    ? 
# 
_symmetry.entry_id                         3POD 
_symmetry.space_group_name_H-M             'C 1 2 1' 
_symmetry.pdbx_full_space_group_name_H-M   ? 
_symmetry.cell_setting                     ? 
_symmetry.Int_Tables_number                5 
_symmetry.space_group_name_Hall            ? 
# 
loop_
_entity.id 
_entity.type 
_entity.src_method 
_entity.pdbx_description 
_entity.formula_weight 
_entity.pdbx_number_of_molecules 
_entity.pdbx_ec 
_entity.pdbx_mutation 
_entity.pdbx_fragment 
_entity.details 
1 polymer syn 'MBL collagen-like peptide' 2212.419 3  ? ? ? ? 
2 water   nat water                       18.015   94 ? ? ? ? 
# 
_entity_poly.entity_id                      1 
_entity_poly.type                           'polypeptide(L)' 
_entity_poly.nstd_linkage                   no 
_entity_poly.nstd_monomer                   yes 
_entity_poly.pdbx_seq_one_letter_code       '(ACE)GP(HYP)GP(HYP)GP(HYP)GKLGP(HYP)GP(HYP)GP(HYP)GP(HYP)(NH2)' 
_entity_poly.pdbx_seq_one_letter_code_can   XGPPGPPGPPGKLGPPGPPGPPGPPX 
_entity_poly.pdbx_strand_id                 A,B,C 
_entity_poly.pdbx_target_identifier         ? 
# 
loop_
_entity_poly_seq.entity_id 
_entity_poly_seq.num 
_entity_poly_seq.mon_id 
_entity_poly_seq.hetero 
1 1  ACE n 
1 2  GLY n 
1 3  PRO n 
1 4  HYP n 
1 5  GLY n 
1 6  PRO n 
1 7  HYP n 
1 8  GLY n 
1 9  PRO n 
1 10 HYP n 
1 11 GLY n 
1 12 LYS n 
1 13 LEU n 
1 14 GLY n 
1 15 PRO n 
1 16 HYP n 
1 17 GLY n 
1 18 PRO n 
1 19 HYP n 
1 20 GLY n 
1 21 PRO n 
1 22 HYP n 
1 23 GLY n 
1 24 PRO n 
1 25 HYP n 
1 26 NH2 n 
# 
_pdbx_entity_src_syn.entity_id              1 
_pdbx_entity_src_syn.pdbx_src_id            1 
_pdbx_entity_src_syn.pdbx_alt_source_flag   sample 
_pdbx_entity_src_syn.pdbx_beg_seq_num       ? 
_pdbx_entity_src_syn.pdbx_end_seq_num       ? 
_pdbx_entity_src_syn.organism_scientific    ? 
_pdbx_entity_src_syn.organism_common_name   ? 
_pdbx_entity_src_syn.ncbi_taxonomy_id       ? 
_pdbx_entity_src_syn.details                peptide 
# 
_struct_ref.id                         1 
_struct_ref.db_name                    PDB 
_struct_ref.db_code                    3POD 
_struct_ref.pdbx_db_accession          3POD 
_struct_ref.entity_id                  1 
_struct_ref.pdbx_align_begin           1 
_struct_ref.pdbx_seq_one_letter_code   XGPPGPPGPPGKLGPPGPPGPPGPPX 
_struct_ref.pdbx_db_isoform            ? 
# 
loop_
_struct_ref_seq.align_id 
_struct_ref_seq.ref_id 
_struct_ref_seq.pdbx_PDB_id_code 
_struct_ref_seq.pdbx_strand_id 
_struct_ref_seq.seq_align_beg 
_struct_ref_seq.pdbx_seq_align_beg_ins_code 
_struct_ref_seq.seq_align_end 
_struct_ref_seq.pdbx_seq_align_end_ins_code 
_struct_ref_seq.pdbx_db_accession 
_struct_ref_seq.db_align_beg 
_struct_ref_seq.pdbx_db_align_beg_ins_code 
_struct_ref_seq.db_align_end 
_struct_ref_seq.pdbx_db_align_end_ins_code 
_struct_ref_seq.pdbx_auth_seq_align_beg 
_struct_ref_seq.pdbx_auth_seq_align_end 
1 1 3POD A 1 ? 26 ? 3POD 1 ? 26 ? 1 26 
2 1 3POD B 1 ? 26 ? 3POD 1 ? 26 ? 1 26 
3 1 3POD C 1 ? 26 ? 3POD 1 ? 26 ? 1 26 
# 
loop_
_chem_comp.id 
_chem_comp.type 
_chem_comp.mon_nstd_flag 
_chem_comp.name 
_chem_comp.pdbx_synonyms 
_chem_comp.formula 
_chem_comp.formula_weight 
ACE non-polymer         . 'ACETYL GROUP'   ?              'C2 H4 O'        44.053  
GLY 'peptide linking'   y GLYCINE          ?              'C2 H5 N O2'     75.067  
HOH non-polymer         . WATER            ?              'H2 O'           18.015  
HYP 'L-peptide linking' n 4-HYDROXYPROLINE HYDROXYPROLINE 'C5 H9 N O3'     131.130 
LEU 'L-peptide linking' y LEUCINE          ?              'C6 H13 N O2'    131.173 
LYS 'L-peptide linking' y LYSINE           ?              'C6 H15 N2 O2 1' 147.195 
NH2 non-polymer         . 'AMINO GROUP'    ?              'H2 N'           16.023  
PRO 'L-peptide linking' y PROLINE          ?              'C5 H9 N O2'     115.130 
# 
_exptl.entry_id          3POD 
_exptl.method            'X-RAY DIFFRACTION' 
_exptl.crystals_number   1 
# 
_exptl_crystal.id                    1 
_exptl_crystal.density_meas          ? 
_exptl_crystal.density_Matthews      1.93 
_exptl_crystal.density_percent_sol   36.22 
_exptl_crystal.description           ? 
_exptl_crystal.F_000                 ? 
_exptl_crystal.preparation           ? 
# 
_exptl_crystal_grow.crystal_id      1 
_exptl_crystal_grow.method          'VAPOR DIFFUSION, SITTING DROP' 
_exptl_crystal_grow.temp            293 
_exptl_crystal_grow.temp_details    ? 
_exptl_crystal_grow.pH              6.0 
_exptl_crystal_grow.pdbx_details    
'1.6M ammonium sulfate, 100mM MES buffer, pH 6.0, VAPOR DIFFUSION, SITTING DROP, temperature 293K' 
_exptl_crystal_grow.pdbx_pH_range   ? 
# 
_diffrn.id                     1 
_diffrn.ambient_temp           100 
_diffrn.ambient_temp_details   ? 
_diffrn.crystal_id             1 
# 
_diffrn_detector.diffrn_id              1 
_diffrn_detector.detector               CCD 
_diffrn_detector.type                   'ADSC QUANTUM 4' 
_diffrn_detector.pdbx_collection_date   2010-04-14 
_diffrn_detector.details                mirrors 
# 
_diffrn_radiation.diffrn_id                        1 
_diffrn_radiation.wavelength_id                    1 
_diffrn_radiation.pdbx_monochromatic_or_laue_m_l   M 
_diffrn_radiation.monochromator                    ? 
_diffrn_radiation.pdbx_diffrn_protocol             'SINGLE WAVELENGTH' 
_diffrn_radiation.pdbx_scattering_type             x-ray 
# 
_diffrn_radiation_wavelength.id           1 
_diffrn_radiation_wavelength.wavelength   0.9330 
_diffrn_radiation_wavelength.wt           1.0 
# 
_diffrn_source.diffrn_id                   1 
_diffrn_source.source                      SYNCHROTRON 
_diffrn_source.type                        'ESRF BEAMLINE ID14-2' 
_diffrn_source.pdbx_synchrotron_site       ESRF 
_diffrn_source.pdbx_synchrotron_beamline   ID14-2 
_diffrn_source.pdbx_wavelength             ? 
_diffrn_source.pdbx_wavelength_list        0.9330 
# 
_reflns.entry_id                     3POD 
_reflns.observed_criterion_sigma_I   0 
_reflns.observed_criterion_sigma_F   0 
_reflns.d_resolution_low             50 
_reflns.d_resolution_high            1.497 
_reflns.number_obs                   8299 
_reflns.number_all                   8301 
_reflns.percent_possible_obs         98.8 
_reflns.pdbx_Rmerge_I_obs            0.045 
_reflns.pdbx_Rsym_value              ? 
_reflns.pdbx_netI_over_sigmaI        25.94 
_reflns.B_iso_Wilson_estimate        ? 
_reflns.pdbx_redundancy              2.98 
_reflns.R_free_details               ? 
_reflns.limit_h_max                  ? 
_reflns.limit_h_min                  ? 
_reflns.limit_k_max                  ? 
_reflns.limit_k_min                  ? 
_reflns.limit_l_max                  ? 
_reflns.limit_l_min                  ? 
_reflns.observed_criterion_F_max     ? 
_reflns.observed_criterion_F_min     ? 
_reflns.pdbx_chi_squared             ? 
_reflns.pdbx_scaling_rejects         ? 
_reflns.pdbx_ordinal                 1 
_reflns.pdbx_diffrn_id               1 
# 
_reflns_shell.d_res_high             1.497 
_reflns_shell.d_res_low              1.59 
_reflns_shell.percent_possible_all   96.9 
_reflns_shell.Rmerge_I_obs           0.152 
_reflns_shell.pdbx_Rsym_value        ? 
_reflns_shell.meanI_over_sigI_obs    10.15 
_reflns_shell.pdbx_redundancy        2.95 
_reflns_shell.percent_possible_obs   ? 
_reflns_shell.number_unique_all      1300 
_reflns_shell.number_measured_all    ? 
_reflns_shell.number_measured_obs    ? 
_reflns_shell.number_unique_obs      ? 
_reflns_shell.pdbx_chi_squared       ? 
_reflns_shell.pdbx_ordinal           1 
_reflns_shell.pdbx_diffrn_id         1 
# 
_refine.entry_id                                 3POD 
_refine.ls_number_reflns_obs                     7884 
_refine.ls_number_reflns_all                     8301 
_refine.pdbx_ls_sigma_I                          ? 
_refine.pdbx_ls_sigma_F                          . 
_refine.pdbx_data_cutoff_high_absF               ? 
_refine.pdbx_data_cutoff_low_absF                ? 
_refine.pdbx_data_cutoff_high_rms_absF           ? 
_refine.ls_d_res_low                             22.71 
_refine.ls_d_res_high                            1.497 
_refine.ls_percent_reflns_obs                    100.00 
_refine.ls_R_factor_obs                          0.11857 
_refine.ls_R_factor_all                          0.11857 
_refine.ls_R_factor_R_work                       0.11500 
_refine.ls_R_factor_R_free                       0.19179 
_refine.ls_R_factor_R_free_error                 ? 
_refine.ls_R_factor_R_free_error_details         ? 
_refine.ls_percent_reflns_R_free                 5.0 
_refine.ls_number_reflns_R_free                  415 
_refine.ls_number_parameters                     ? 
_refine.ls_number_restraints                     ? 
_refine.occupancy_min                            ? 
_refine.occupancy_max                            ? 
_refine.correlation_coeff_Fo_to_Fc               0.981 
_refine.correlation_coeff_Fo_to_Fc_free          0.952 
_refine.B_iso_mean                               8.125 
_refine.aniso_B[1][1]                            -0.42 
_refine.aniso_B[2][2]                            0.47 
_refine.aniso_B[3][3]                            -0.10 
_refine.aniso_B[1][2]                            0.00 
_refine.aniso_B[1][3]                            -0.36 
_refine.aniso_B[2][3]                            0.00 
_refine.solvent_model_details                    MASK 
_refine.solvent_model_param_ksol                 ? 
_refine.solvent_model_param_bsol                 ? 
_refine.pdbx_solvent_vdw_probe_radii             1.40 
_refine.pdbx_solvent_ion_probe_radii             0.80 
_refine.pdbx_solvent_shrinkage_radii             0.80 
_refine.pdbx_ls_cross_valid_method               THROUGHOUT 
_refine.details                                  'HYDROGENS HAVE BEEN ADDED IN THE RIDING POSITIONS' 
_refine.pdbx_starting_model                      'PDB ENTRY 1CAG' 
_refine.pdbx_method_to_determine_struct          'MOLECULAR REPLACEMENT' 
_refine.pdbx_isotropic_thermal_model             ? 
_refine.pdbx_stereochemistry_target_values       'MAXIMUM LIKELIHOOD' 
_refine.pdbx_stereochem_target_val_spec_case     ? 
_refine.pdbx_R_Free_selection_details            RANDOM 
_refine.pdbx_overall_ESU_R_Free                  0.078 
_refine.overall_SU_ML                            0.039 
_refine.overall_SU_B                             2.312 
_refine.overall_SU_R_Cruickshank_DPI             ? 
_refine.ls_redundancy_reflns_obs                 ? 
_refine.B_iso_min                                ? 
_refine.B_iso_max                                ? 
_refine.overall_SU_R_free                        ? 
_refine.ls_wR_factor_R_free                      ? 
_refine.ls_wR_factor_R_work                      ? 
_refine.overall_FOM_free_R_set                   ? 
_refine.overall_FOM_work_R_set                   ? 
_refine.pdbx_overall_phase_error                 ? 
_refine.pdbx_refine_id                           'X-RAY DIFFRACTION' 
_refine.pdbx_overall_ESU_R                       0.079 
_refine.pdbx_diffrn_id                           1 
_refine.pdbx_TLS_residual_ADP_flag               ? 
_refine.pdbx_overall_SU_R_free_Cruickshank_DPI   ? 
_refine.pdbx_overall_SU_R_Blow_DPI               ? 
_refine.pdbx_overall_SU_R_free_Blow_DPI          ? 
# 
_refine_hist.pdbx_refine_id                   'X-RAY DIFFRACTION' 
_refine_hist.cycle_id                         LAST 
_refine_hist.pdbx_number_atoms_protein        473 
_refine_hist.pdbx_number_atoms_nucleic_acid   0 
_refine_hist.pdbx_number_atoms_ligand         0 
_refine_hist.number_atoms_solvent             94 
_refine_hist.number_atoms_total               567 
_refine_hist.d_res_high                       1.497 
_refine_hist.d_res_low                        22.71 
# 
loop_
_refine_ls_restr.type 
_refine_ls_restr.dev_ideal 
_refine_ls_restr.dev_ideal_target 
_refine_ls_restr.weight 
_refine_ls_restr.number 
_refine_ls_restr.pdbx_refine_id 
_refine_ls_restr.pdbx_restraint_function 
r_bond_refined_d       0.024  0.021  ? 510 'X-RAY DIFFRACTION' ? 
r_bond_other_d         0.003  0.020  ? 390 'X-RAY DIFFRACTION' ? 
r_angle_refined_deg    2.653  2.503  ? 735 'X-RAY DIFFRACTION' ? 
r_angle_other_deg      1.297  3.000  ? 933 'X-RAY DIFFRACTION' ? 
r_dihedral_angle_1_deg 7.031  5.000  ? 69  'X-RAY DIFFRACTION' ? 
r_dihedral_angle_3_deg 20.220 15.000 ? 18  'X-RAY DIFFRACTION' ? 
r_chiral_restr         0.191  0.200  ? 72  'X-RAY DIFFRACTION' ? 
r_gen_planes_refined   0.010  0.030  ? 525 'X-RAY DIFFRACTION' ? 
r_gen_planes_other     0.000  0.020  ? 27  'X-RAY DIFFRACTION' ? 
r_mcbond_it            2.182  1.500  ? 384 'X-RAY DIFFRACTION' ? 
r_mcbond_other         0.847  1.500  ? 126 'X-RAY DIFFRACTION' ? 
r_mcangle_it           3.154  2.000  ? 633 'X-RAY DIFFRACTION' ? 
r_scbond_it            4.475  3.000  ? 126 'X-RAY DIFFRACTION' ? 
r_scangle_it           6.411  4.500  ? 102 'X-RAY DIFFRACTION' ? 
r_rigid_bond_restr     1.835  3.000  ? 897 'X-RAY DIFFRACTION' ? 
# 
_refine_ls_shell.pdbx_total_number_of_bins_used   20 
_refine_ls_shell.d_res_high                       1.497 
_refine_ls_shell.d_res_low                        1.535 
_refine_ls_shell.number_reflns_R_work             549 
_refine_ls_shell.R_factor_R_work                  0.140 
_refine_ls_shell.percent_reflns_obs               100.00 
_refine_ls_shell.R_factor_R_free                  0.209 
_refine_ls_shell.R_factor_R_free_error            ? 
_refine_ls_shell.percent_reflns_R_free            ? 
_refine_ls_shell.number_reflns_R_free             29 
_refine_ls_shell.number_reflns_all                ? 
_refine_ls_shell.R_factor_all                     ? 
_refine_ls_shell.number_reflns_obs                ? 
_refine_ls_shell.redundancy_reflns_obs            ? 
_refine_ls_shell.pdbx_refine_id                   'X-RAY DIFFRACTION' 
# 
_struct.entry_id                  3POD 
_struct.title                     'Crystal structure of MBL collagen-like peptide' 
_struct.pdbx_model_details        ? 
_struct.pdbx_CASP_flag            ? 
_struct.pdbx_model_type_details   ? 
# 
_struct_keywords.entry_id        3POD 
_struct_keywords.pdbx_keywords   'UNKNOWN FUNCTION' 
_struct_keywords.text            
'Collagen peptide, complement proteins, lectin pathway of complement, MASP-1 CUB1 and CUB2 domains, Bloodstream, UNKNOWN FUNCTION' 
# 
loop_
_struct_asym.id 
_struct_asym.pdbx_blank_PDB_chainid_flag 
_struct_asym.pdbx_modified 
_struct_asym.entity_id 
_struct_asym.details 
A N N 1 ? 
B N N 1 ? 
C N N 1 ? 
D N N 2 ? 
E N N 2 ? 
F N N 2 ? 
# 
_struct_biol.id        1 
_struct_biol.details   ? 
# 
loop_
_struct_conn.id 
_struct_conn.conn_type_id 
_struct_conn.pdbx_leaving_atom_flag 
_struct_conn.pdbx_PDB_id 
_struct_conn.ptnr1_label_asym_id 
_struct_conn.ptnr1_label_comp_id 
_struct_conn.ptnr1_label_seq_id 
_struct_conn.ptnr1_label_atom_id 
_struct_conn.pdbx_ptnr1_label_alt_id 
_struct_conn.pdbx_ptnr1_PDB_ins_code 
_struct_conn.pdbx_ptnr1_standard_comp_id 
_struct_conn.ptnr1_symmetry 
_struct_conn.ptnr2_label_asym_id 
_struct_conn.ptnr2_label_comp_id 
_struct_conn.ptnr2_label_seq_id 
_struct_conn.ptnr2_label_atom_id 
_struct_conn.pdbx_ptnr2_label_alt_id 
_struct_conn.pdbx_ptnr2_PDB_ins_code 
_struct_conn.ptnr1_auth_asym_id 
_struct_conn.ptnr1_auth_comp_id 
_struct_conn.ptnr1_auth_seq_id 
_struct_conn.ptnr2_auth_asym_id 
_struct_conn.ptnr2_auth_comp_id 
_struct_conn.ptnr2_auth_seq_id 
_struct_conn.ptnr2_symmetry 
_struct_conn.pdbx_ptnr3_label_atom_id 
_struct_conn.pdbx_ptnr3_label_seq_id 
_struct_conn.pdbx_ptnr3_label_comp_id 
_struct_conn.pdbx_ptnr3_label_asym_id 
_struct_conn.pdbx_ptnr3_label_alt_id 
_struct_conn.pdbx_ptnr3_PDB_ins_code 
_struct_conn.details 
_struct_conn.pdbx_dist_value 
_struct_conn.pdbx_value_order 
_struct_conn.pdbx_role 
covale1  covale both ? A ACE 1  C ? ? ? 1_555 A GLY 2  N ? ? A ACE 1  A GLY 2  1_555 ? ? ? ? ? ? ? 1.331 ? ? 
covale2  covale both ? A PRO 3  C ? ? ? 1_555 A HYP 4  N ? ? A PRO 3  A HYP 4  1_555 ? ? ? ? ? ? ? 1.353 ? ? 
covale3  covale both ? A HYP 4  C ? ? ? 1_555 A GLY 5  N ? ? A HYP 4  A GLY 5  1_555 ? ? ? ? ? ? ? 1.321 ? ? 
covale4  covale both ? A PRO 6  C ? ? ? 1_555 A HYP 7  N ? ? A PRO 6  A HYP 7  1_555 ? ? ? ? ? ? ? 1.350 ? ? 
covale5  covale both ? A HYP 7  C ? ? ? 1_555 A GLY 8  N ? ? A HYP 7  A GLY 8  1_555 ? ? ? ? ? ? ? 1.308 ? ? 
covale6  covale both ? A PRO 9  C ? ? ? 1_555 A HYP 10 N ? ? A PRO 9  A HYP 10 1_555 ? ? ? ? ? ? ? 1.332 ? ? 
covale7  covale both ? A HYP 10 C ? ? ? 1_555 A GLY 11 N ? ? A HYP 10 A GLY 11 1_555 ? ? ? ? ? ? ? 1.335 ? ? 
covale8  covale both ? A PRO 15 C ? ? ? 1_555 A HYP 16 N ? ? A PRO 15 A HYP 16 1_555 ? ? ? ? ? ? ? 1.315 ? ? 
covale9  covale both ? A HYP 16 C ? ? ? 1_555 A GLY 17 N ? ? A HYP 16 A GLY 17 1_555 ? ? ? ? ? ? ? 1.328 ? ? 
covale10 covale both ? A PRO 18 C ? ? ? 1_555 A HYP 19 N ? ? A PRO 18 A HYP 19 1_555 ? ? ? ? ? ? ? 1.354 ? ? 
covale11 covale both ? A HYP 19 C ? ? ? 1_555 A GLY 20 N ? ? A HYP 19 A GLY 20 1_555 ? ? ? ? ? ? ? 1.318 ? ? 
covale12 covale both ? A PRO 21 C ? ? ? 1_555 A HYP 22 N ? ? A PRO 21 A HYP 22 1_555 ? ? ? ? ? ? ? 1.323 ? ? 
covale13 covale both ? A HYP 22 C ? ? ? 1_555 A GLY 23 N ? ? A HYP 22 A GLY 23 1_555 ? ? ? ? ? ? ? 1.305 ? ? 
covale14 covale both ? A PRO 24 C ? ? ? 1_555 A HYP 25 N ? ? A PRO 24 A HYP 25 1_555 ? ? ? ? ? ? ? 1.353 ? ? 
covale15 covale both ? A HYP 25 C ? ? ? 1_555 A NH2 26 N ? ? A HYP 25 A NH2 26 1_555 ? ? ? ? ? ? ? 1.378 ? ? 
covale16 covale both ? B ACE 1  C ? ? ? 1_555 B GLY 2  N ? ? B ACE 1  B GLY 2  1_555 ? ? ? ? ? ? ? 1.329 ? ? 
covale17 covale both ? B PRO 3  C ? ? ? 1_555 B HYP 4  N ? ? B PRO 3  B HYP 4  1_555 ? ? ? ? ? ? ? 1.323 ? ? 
covale18 covale both ? B HYP 4  C ? ? ? 1_555 B GLY 5  N ? ? B HYP 4  B GLY 5  1_555 ? ? ? ? ? ? ? 1.311 ? ? 
covale19 covale both ? B PRO 6  C ? ? ? 1_555 B HYP 7  N ? ? B PRO 6  B HYP 7  1_555 ? ? ? ? ? ? ? 1.354 ? ? 
covale20 covale both ? B HYP 7  C ? ? ? 1_555 B GLY 8  N ? ? B HYP 7  B GLY 8  1_555 ? ? ? ? ? ? ? 1.331 ? ? 
covale21 covale both ? B PRO 9  C ? ? ? 1_555 B HYP 10 N ? ? B PRO 9  B HYP 10 1_555 ? ? ? ? ? ? ? 1.337 ? ? 
covale22 covale both ? B HYP 10 C ? ? ? 1_555 B GLY 11 N ? ? B HYP 10 B GLY 11 1_555 ? ? ? ? ? ? ? 1.350 ? ? 
covale23 covale both ? B PRO 15 C ? ? ? 1_555 B HYP 16 N ? ? B PRO 15 B HYP 16 1_555 ? ? ? ? ? ? ? 1.338 ? ? 
covale24 covale both ? B HYP 16 C ? ? ? 1_555 B GLY 17 N ? ? B HYP 16 B GLY 17 1_555 ? ? ? ? ? ? ? 1.342 ? ? 
covale25 covale both ? B PRO 18 C ? ? ? 1_555 B HYP 19 N ? ? B PRO 18 B HYP 19 1_555 ? ? ? ? ? ? ? 1.326 ? ? 
covale26 covale both ? B HYP 19 C ? ? ? 1_555 B GLY 20 N ? ? B HYP 19 B GLY 20 1_555 ? ? ? ? ? ? ? 1.320 ? ? 
covale27 covale both ? B PRO 21 C ? ? ? 1_555 B HYP 22 N ? ? B PRO 21 B HYP 22 1_555 ? ? ? ? ? ? ? 1.327 ? ? 
covale28 covale both ? B HYP 22 C ? ? ? 1_555 B GLY 23 N ? ? B HYP 22 B GLY 23 1_555 ? ? ? ? ? ? ? 1.323 ? ? 
covale29 covale both ? B PRO 24 C ? ? ? 1_555 B HYP 25 N ? ? B PRO 24 B HYP 25 1_555 ? ? ? ? ? ? ? 1.340 ? ? 
covale30 covale both ? B HYP 25 C ? ? ? 1_555 B NH2 26 N ? ? B HYP 25 B NH2 26 1_555 ? ? ? ? ? ? ? 1.361 ? ? 
covale31 covale both ? C ACE 1  C ? ? ? 1_555 C GLY 2  N ? ? C ACE 1  C GLY 2  1_555 ? ? ? ? ? ? ? 1.332 ? ? 
covale32 covale both ? C PRO 3  C ? ? ? 1_555 C HYP 4  N ? ? C PRO 3  C HYP 4  1_555 ? ? ? ? ? ? ? 1.357 ? ? 
covale33 covale both ? C HYP 4  C ? ? ? 1_555 C GLY 5  N ? ? C HYP 4  C GLY 5  1_555 ? ? ? ? ? ? ? 1.323 ? ? 
covale34 covale both ? C PRO 6  C ? ? ? 1_555 C HYP 7  N ? ? C PRO 6  C HYP 7  1_555 ? ? ? ? ? ? ? 1.322 ? ? 
covale35 covale both ? C HYP 7  C ? ? ? 1_555 C GLY 8  N ? ? C HYP 7  C GLY 8  1_555 ? ? ? ? ? ? ? 1.327 ? ? 
covale36 covale both ? C PRO 9  C ? ? ? 1_555 C HYP 10 N ? ? C PRO 9  C HYP 10 1_555 ? ? ? ? ? ? ? 1.323 ? ? 
covale37 covale both ? C HYP 10 C ? ? ? 1_555 C GLY 11 N ? ? C HYP 10 C GLY 11 1_555 ? ? ? ? ? ? ? 1.318 ? ? 
covale38 covale both ? C PRO 15 C ? ? ? 1_555 C HYP 16 N ? ? C PRO 15 C HYP 16 1_555 ? ? ? ? ? ? ? 1.339 ? ? 
covale39 covale both ? C HYP 16 C ? ? ? 1_555 C GLY 17 N ? ? C HYP 16 C GLY 17 1_555 ? ? ? ? ? ? ? 1.320 ? ? 
covale40 covale both ? C PRO 18 C ? ? ? 1_555 C HYP 19 N ? ? C PRO 18 C HYP 19 1_555 ? ? ? ? ? ? ? 1.357 ? ? 
covale41 covale both ? C HYP 19 C ? ? ? 1_555 C GLY 20 N ? ? C HYP 19 C GLY 20 1_555 ? ? ? ? ? ? ? 1.336 ? ? 
covale42 covale both ? C PRO 21 C ? ? ? 1_555 C HYP 22 N ? ? C PRO 21 C HYP 22 1_555 ? ? ? ? ? ? ? 1.344 ? ? 
covale43 covale both ? C HYP 22 C ? ? ? 1_555 C GLY 23 N ? ? C HYP 22 C GLY 23 1_555 ? ? ? ? ? ? ? 1.315 ? ? 
covale44 covale both ? C PRO 24 C ? ? ? 1_555 C HYP 25 N ? ? C PRO 24 C HYP 25 1_555 ? ? ? ? ? ? ? 1.351 ? ? 
# 
_struct_conn_type.id          covale 
_struct_conn_type.criteria    ? 
_struct_conn_type.reference   ? 
# 
_atom_sites.entry_id                    3POD 
_atom_sites.fract_transf_matrix[1][1]   -0.00569990 
_atom_sites.fract_transf_matrix[1][2]   -0.00069740 
_atom_sites.fract_transf_matrix[1][3]   -0.01032016 
_atom_sites.fract_transf_matrix[2][1]   -0.00035626 
_atom_sites.fract_transf_matrix[2][2]   -0.04254975 
_atom_sites.fract_transf_matrix[2][3]   0.00307213 
_atom_sites.fract_transf_matrix[3][1]   -0.03526337 
_atom_sites.fract_transf_matrix[3][2]   0.00146866 
_atom_sites.fract_transf_matrix[3][3]   0.01625198 
_atom_sites.fract_transf_vector[1]      0.017748 
_atom_sites.fract_transf_vector[2]      -0.095987 
_atom_sites.fract_transf_vector[3]      0.265871 
# 
loop_
_atom_type.symbol 
C 
N 
O 
# 
loop_
_atom_site.group_PDB 
_atom_site.id 
_atom_site.type_symbol 
_atom_site.label_atom_id 
_atom_site.label_alt_id 
_atom_site.label_comp_id 
_atom_site.label_asym_id 
_atom_site.label_entity_id 
_atom_site.label_seq_id 
_atom_site.pdbx_PDB_ins_code 
_atom_site.Cartn_x 
_atom_site.Cartn_y 
_atom_site.Cartn_z 
_atom_site.occupancy 
_atom_site.B_iso_or_equiv 
_atom_site.pdbx_formal_charge 
_atom_site.auth_seq_id 
_atom_site.auth_comp_id 
_atom_site.auth_asym_id 
_atom_site.auth_atom_id 
_atom_site.pdbx_PDB_model_num 
HETATM 1   C C   . ACE A 1 1  ? 28.446  3.829  22.790  1.00 20.26 ? 1  ACE A C   1 
HETATM 2   O O   . ACE A 1 1  ? 28.609  3.211  23.839  1.00 24.08 ? 1  ACE A O   1 
HETATM 3   C CH3 . ACE A 1 1  ? 28.981  5.225  22.623  1.00 17.48 ? 1  ACE A CH3 1 
ATOM   4   N N   . GLY A 1 2  ? 28.067  3.113  21.734  1.00 17.92 ? 2  GLY A N   1 
ATOM   5   C CA  . GLY A 1 2  ? 27.369  1.814  21.932  1.00 16.93 ? 2  GLY A CA  1 
ATOM   6   C C   . GLY A 1 2  ? 26.880  1.366  20.571  1.00 15.66 ? 2  GLY A C   1 
ATOM   7   O O   . GLY A 1 2  ? 26.851  2.165  19.636  1.00 16.73 ? 2  GLY A O   1 
ATOM   8   N N   . PRO A 1 3  ? 26.498  0.096  20.445  1.00 12.92 ? 3  PRO A N   1 
ATOM   9   C CA  . PRO A 1 3  ? 25.915  -0.287 19.179  1.00 12.16 ? 3  PRO A CA  1 
ATOM   10  C C   . PRO A 1 3  ? 24.605  0.447  18.922  1.00 11.76 ? 3  PRO A C   1 
ATOM   11  O O   . PRO A 1 3  ? 23.858  0.680  19.875  1.00 11.53 ? 3  PRO A O   1 
ATOM   12  C CB  . PRO A 1 3  ? 25.657  -1.784 19.340  1.00 11.78 ? 3  PRO A CB  1 
ATOM   13  C CG  . PRO A 1 3  ? 26.505  -2.204 20.417  1.00 15.48 ? 3  PRO A CG  1 
ATOM   14  C CD  . PRO A 1 3  ? 26.604  -1.042 21.357  1.00 14.76 ? 3  PRO A CD  1 
HETATM 15  N N   . HYP A 1 4  ? 24.332  0.770  17.637  1.00 10.64 ? 4  HYP A N   1 
HETATM 16  C CA  . HYP A 1 4  ? 23.010  1.305  17.359  1.00 10.73 ? 4  HYP A CA  1 
HETATM 17  C C   . HYP A 1 4  ? 21.999  0.267  17.789  1.00 7.41  ? 4  HYP A C   1 
HETATM 18  O O   . HYP A 1 4  ? 22.267  -0.963 17.740  1.00 9.35  ? 4  HYP A O   1 
HETATM 19  C CB  . HYP A 1 4  ? 23.019  1.399  15.822  1.00 9.83  ? 4  HYP A CB  1 
HETATM 20  C CG  . HYP A 1 4  ? 24.500  1.685  15.474  1.00 11.93 ? 4  HYP A CG  1 
HETATM 21  C CD  . HYP A 1 4  ? 25.264  0.781  16.433  1.00 11.18 ? 4  HYP A CD  1 
HETATM 22  O OD1 . HYP A 1 4  ? 24.802  3.054  15.775  1.00 15.70 ? 4  HYP A OD1 1 
ATOM   23  N N   . GLY A 1 5  ? 20.810  0.733  18.128  1.00 5.84  ? 5  GLY A N   1 
ATOM   24  C CA  . GLY A 1 5  ? 19.674  -0.143 18.327  1.00 4.69  ? 5  GLY A CA  1 
ATOM   25  C C   . GLY A 1 5  ? 19.338  -0.891 17.063  1.00 5.07  ? 5  GLY A C   1 
ATOM   26  O O   . GLY A 1 5  ? 19.814  -0.539 15.987  1.00 7.55  ? 5  GLY A O   1 
ATOM   27  N N   . PRO A 1 6  ? 18.509  -1.932 17.190  1.00 6.15  ? 6  PRO A N   1 
ATOM   28  C CA  . PRO A 1 6  ? 18.015  -2.561 15.977  1.00 6.73  ? 6  PRO A CA  1 
ATOM   29  C C   . PRO A 1 6  ? 17.091  -1.733 15.160  1.00 4.86  ? 6  PRO A C   1 
ATOM   30  O O   . PRO A 1 6  ? 16.463  -0.831 15.697  1.00 5.94  ? 6  PRO A O   1 
ATOM   31  C CB  . PRO A 1 6  ? 17.238  -3.747 16.476  1.00 7.86  ? 6  PRO A CB  1 
ATOM   32  C CG  . PRO A 1 6  ? 16.830  -3.440 17.797  1.00 7.68  ? 6  PRO A CG  1 
ATOM   33  C CD  . PRO A 1 6  ? 17.860  -2.427 18.392  1.00 6.73  ? 6  PRO A CD  1 
HETATM 34  N N   . HYP A 1 7  ? 16.931  -2.064 13.862  1.00 5.67  ? 7  HYP A N   1 
HETATM 35  C CA  . HYP A 1 7  ? 15.892  -1.448 13.053  1.00 4.97  ? 7  HYP A CA  1 
HETATM 36  C C   . HYP A 1 7  ? 14.540  -1.577 13.762  1.00 4.11  ? 7  HYP A C   1 
HETATM 37  O O   . HYP A 1 7  ? 14.291  -2.546 14.502  1.00 7.26  ? 7  HYP A O   1 
HETATM 38  C CB  . HYP A 1 7  ? 15.874  -2.379 11.849  1.00 7.78  ? 7  HYP A CB  1 
HETATM 39  C CG  . HYP A 1 7  ? 17.305  -2.798 11.698  1.00 7.13  ? 7  HYP A CG  1 
HETATM 40  C CD  . HYP A 1 7  ? 17.775  -3.028 13.117  1.00 6.87  ? 7  HYP A CD  1 
HETATM 41  O OD1 . HYP A 1 7  ? 17.981  -1.700 11.097  1.00 11.35 ? 7  HYP A OD1 1 
ATOM   42  N N   . GLY A 1 8  ? 13.670  -0.630 13.523  1.00 5.14  ? 8  GLY A N   1 
ATOM   43  C CA  . GLY A 1 8  ? 12.355  -0.619 14.074  1.00 4.95  ? 8  GLY A CA  1 
ATOM   44  C C   . GLY A 1 8  ? 11.458  -1.671 13.415  1.00 3.93  ? 8  GLY A C   1 
ATOM   45  O O   . GLY A 1 8  ? 11.866  -2.424 12.462  1.00 4.75  ? 8  GLY A O   1 
ATOM   46  N N   . PRO A 1 9  ? 10.207  -1.711 13.870  1.00 5.59  ? 9  PRO A N   1 
ATOM   47  C CA  . PRO A 1 9  ? 9.217   -2.603 13.207  1.00 5.09  ? 9  PRO A CA  1 
ATOM   48  C C   . PRO A 1 9  ? 8.967   -2.188 11.740  1.00 5.77  ? 9  PRO A C   1 
ATOM   49  O O   . PRO A 1 9  ? 9.269   -1.018 11.374  1.00 6.43  ? 9  PRO A O   1 
ATOM   50  C CB  . PRO A 1 9  ? 7.950   -2.348 14.037  1.00 7.76  ? 9  PRO A CB  1 
ATOM   51  C CG  . PRO A 1 9  ? 8.371   -1.718 15.301  1.00 7.99  ? 9  PRO A CG  1 
ATOM   52  C CD  . PRO A 1 9  ? 9.629   -0.938 14.977  1.00 5.19  ? 9  PRO A CD  1 
HETATM 53  N N   . HYP A 1 10 ? 8.379   -3.069 10.933  1.00 6.77  ? 10 HYP A N   1 
HETATM 54  C CA  . HYP A 1 10 ? 7.961   -2.714 9.588   1.00 6.48  ? 10 HYP A CA  1 
HETATM 55  C C   . HYP A 1 10 ? 7.002   -1.523 9.637   1.00 6.53  ? 10 HYP A C   1 
HETATM 56  O O   . HYP A 1 10 ? 6.270   -1.327 10.616  1.00 6.88  ? 10 HYP A O   1 
HETATM 57  C CB  . HYP A 1 10 ? 7.298   -3.942 9.067   1.00 8.89  ? 10 HYP A CB  1 
HETATM 58  C CG  . HYP A 1 10 ? 7.877   -5.017 9.879   1.00 8.38  ? 10 HYP A CG  1 
HETATM 59  C CD  . HYP A 1 10 ? 8.033   -4.442 11.256  1.00 7.58  ? 10 HYP A CD  1 
HETATM 60  O OD1 . HYP A 1 10 ? 9.166   -5.292 9.352   1.00 10.34 ? 10 HYP A OD1 1 
ATOM   61  N N   . GLY A 1 11 ? 7.021   -0.722 8.569   1.00 6.12  ? 11 GLY A N   1 
ATOM   62  C CA  . GLY A 1 11 ? 6.028   0.304  8.351   1.00 6.15  ? 11 GLY A CA  1 
ATOM   63  C C   . GLY A 1 11 ? 4.592   -0.187 8.224   1.00 6.55  ? 11 GLY A C   1 
ATOM   64  O O   . GLY A 1 11 ? 4.340   -1.367 8.071   1.00 7.27  ? 11 GLY A O   1 
ATOM   65  N N   . LYS A 1 12 ? 3.669   0.776  8.243   1.00 7.69  ? 12 LYS A N   1 
ATOM   66  C CA  . LYS A 1 12 ? 2.261   0.525  7.962   1.00 8.43  ? 12 LYS A CA  1 
ATOM   67  C C   . LYS A 1 12 ? 2.074   -0.094 6.581   1.00 7.41  ? 12 LYS A C   1 
ATOM   68  O O   . LYS A 1 12 ? 2.816   0.229  5.636   1.00 8.56  ? 12 LYS A O   1 
ATOM   69  C CB  . LYS A 1 12 ? 1.506   1.857  7.941   1.00 10.28 ? 12 LYS A CB  1 
ATOM   70  C CG  . LYS A 1 12 ? 1.407   2.546  9.275   1.00 12.36 ? 12 LYS A CG  1 
ATOM   71  C CD  . LYS A 1 12 ? 0.656   3.826  9.055   1.00 16.93 ? 12 LYS A CD  1 
ATOM   72  C CE  . LYS A 1 12 ? 0.709   4.682  10.270  1.00 23.09 ? 12 LYS A CE  1 
ATOM   73  N NZ  . LYS A 1 12 ? 0.027   5.978  9.980   1.00 25.05 ? 12 LYS A NZ  1 
ATOM   74  N N   . LEU A 1 13 ? 1.043   -0.916 6.444   1.00 5.92  ? 13 LEU A N   1 
ATOM   75  C CA  . LEU A 1 13 ? 0.608   -1.395 5.154   1.00 7.03  ? 13 LEU A CA  1 
ATOM   76  C C   . LEU A 1 13 ? 0.374   -0.188 4.250   1.00 6.77  ? 13 LEU A C   1 
ATOM   77  O O   . LEU A 1 13 ? -0.193  0.830  4.718   1.00 6.51  ? 13 LEU A O   1 
ATOM   78  C CB  . LEU A 1 13 ? -0.689  -2.186 5.344   1.00 8.18  ? 13 LEU A CB  1 
ATOM   79  C CG  . LEU A 1 13 ? -1.354  -2.788 4.127   1.00 7.52  ? 13 LEU A CG  1 
ATOM   80  C CD1 . LEU A 1 13 ? -0.375  -3.831 3.515   1.00 10.40 ? 13 LEU A CD1 1 
ATOM   81  C CD2 . LEU A 1 13 ? -2.728  -3.400 4.465   1.00 11.67 ? 13 LEU A CD2 1 
ATOM   82  N N   . GLY A 1 14 ? 0.701   -0.293 2.955   1.00 6.34  ? 14 GLY A N   1 
ATOM   83  C CA  . GLY A 1 14 ? 0.443   0.807  2.049   1.00 6.27  ? 14 GLY A CA  1 
ATOM   84  C C   . GLY A 1 14 ? -1.046  1.097  1.842   1.00 6.46  ? 14 GLY A C   1 
ATOM   85  O O   . GLY A 1 14 ? -1.917  0.258  2.159   1.00 5.88  ? 14 GLY A O   1 
ATOM   86  N N   . PRO A 1 15 ? -1.358  2.292  1.333   1.00 6.14  ? 15 PRO A N   1 
ATOM   87  C CA  . PRO A 1 15 ? -2.749  2.592  1.076   1.00 6.70  ? 15 PRO A CA  1 
ATOM   88  C C   . PRO A 1 15 ? -3.333  1.744  -0.058  1.00 5.23  ? 15 PRO A C   1 
ATOM   89  O O   . PRO A 1 15 ? -2.578  1.262  -0.921  1.00 7.40  ? 15 PRO A O   1 
ATOM   90  C CB  . PRO A 1 15 ? -2.750  4.065  0.716   1.00 9.02  ? 15 PRO A CB  1 
ATOM   91  C CG  . PRO A 1 15 ? -1.396  4.547  0.843   1.00 13.18 ? 15 PRO A CG  1 
ATOM   92  C CD  . PRO A 1 15 ? -0.483  3.436  1.070   1.00 8.30  ? 15 PRO A CD  1 
HETATM 93  N N   . HYP A 1 16 ? -4.638  1.582  -0.094  1.00 5.95  ? 16 HYP A N   1 
HETATM 94  C CA  . HYP A 1 16 ? -5.264  0.913  -1.236  1.00 5.19  ? 16 HYP A CA  1 
HETATM 95  C C   . HYP A 1 16 ? -4.907  1.605  -2.563  1.00 7.22  ? 16 HYP A C   1 
HETATM 96  O O   . HYP A 1 16 ? -4.743  2.817  -2.650  1.00 9.15  ? 16 HYP A O   1 
HETATM 97  C CB  . HYP A 1 16 ? -6.770  1.002  -0.944  1.00 5.04  ? 16 HYP A CB  1 
HETATM 98  C CG  . HYP A 1 16 ? -6.781  1.102  0.598   1.00 6.41  ? 16 HYP A CG  1 
HETATM 99  C CD  . HYP A 1 16 ? -5.624  2.023  0.872   1.00 6.96  ? 16 HYP A CD  1 
HETATM 100 O OD1 . HYP A 1 16 ? -6.597  -0.175 1.153   1.00 7.93  ? 16 HYP A OD1 1 
ATOM   101 N N   . GLY A 1 17 ? -4.773  0.790  -3.602  1.00 6.17  ? 17 GLY A N   1 
ATOM   102 C CA  . GLY A 1 17 ? -4.496  1.259  -4.928  1.00 7.46  ? 17 GLY A CA  1 
ATOM   103 C C   . GLY A 1 17 ? -5.560  2.150  -5.519  1.00 8.14  ? 17 GLY A C   1 
ATOM   104 O O   . GLY A 1 17 ? -6.693  2.272  -4.994  1.00 7.56  ? 17 GLY A O   1 
ATOM   105 N N   . PRO A 1 18 ? -5.228  2.715  -6.698  1.00 8.53  ? 18 PRO A N   1 
ATOM   106 C CA  . PRO A 1 18 ? -6.178  3.479  -7.440  1.00 9.62  ? 18 PRO A CA  1 
ATOM   107 C C   . PRO A 1 18 ? -7.433  2.666  -7.810  1.00 7.02  ? 18 PRO A C   1 
ATOM   108 O O   . PRO A 1 18 ? -7.298  1.483  -8.010  1.00 7.68  ? 18 PRO A O   1 
ATOM   109 C CB  . PRO A 1 18 ? -5.395  3.812  -8.738  1.00 8.44  ? 18 PRO A CB  1 
ATOM   110 C CG  . PRO A 1 18 ? -3.980  3.623  -8.429  1.00 13.45 ? 18 PRO A CG  1 
ATOM   111 C CD  . PRO A 1 18 ? -3.910  2.599  -7.387  1.00 10.60 ? 18 PRO A CD  1 
HETATM 112 N N   . HYP A 1 19 ? -8.627  3.297  -7.903  1.00 6.78  ? 19 HYP A N   1 
HETATM 113 C CA  . HYP A 1 19 ? -9.793  2.522  -8.456  1.00 6.32  ? 19 HYP A CA  1 
HETATM 114 C C   . HYP A 1 19 ? -9.499  1.974  -9.852  1.00 5.68  ? 19 HYP A C   1 
HETATM 115 O O   . HYP A 1 19 ? -8.753  2.590  -10.637 1.00 5.69  ? 19 HYP A O   1 
HETATM 116 C CB  . HYP A 1 19 ? -10.931 3.547  -8.518  1.00 7.38  ? 19 HYP A CB  1 
HETATM 117 C CG  . HYP A 1 19 ? -10.403 4.579  -7.504  1.00 8.14  ? 19 HYP A CG  1 
HETATM 118 C CD  . HYP A 1 19 ? -8.925  4.741  -7.689  1.00 7.86  ? 19 HYP A CD  1 
HETATM 119 O OD1 . HYP A 1 19 ? -10.759 4.147  -6.191  1.00 11.92 ? 19 HYP A OD1 1 
ATOM   120 N N   . GLY A 1 20 ? -10.061 0.828  -10.180 1.00 4.70  ? 20 GLY A N   1 
ATOM   121 C CA  . GLY A 1 20 ? -9.893  0.296  -11.505 1.00 4.32  ? 20 GLY A CA  1 
ATOM   122 C C   . GLY A 1 20 ? -10.517 1.115  -12.603 1.00 3.35  ? 20 GLY A C   1 
ATOM   123 O O   . GLY A 1 20 ? -11.279 2.076  -12.345 1.00 4.35  ? 20 GLY A O   1 
ATOM   124 N N   . PRO A 1 21 ? -10.186 0.769  -13.854 1.00 3.40  ? 21 PRO A N   1 
ATOM   125 C CA  . PRO A 1 21 ? -10.790 1.452  -15.000 1.00 3.60  ? 21 PRO A CA  1 
ATOM   126 C C   . PRO A 1 21 ? -12.266 1.114  -15.159 1.00 3.61  ? 21 PRO A C   1 
ATOM   127 O O   . PRO A 1 21 ? -12.720 0.109  -14.627 1.00 3.11  ? 21 PRO A O   1 
ATOM   128 C CB  . PRO A 1 21 ? -9.987  0.936  -16.155 1.00 4.62  ? 21 PRO A CB  1 
ATOM   129 C CG  . PRO A 1 21 ? -9.509  -0.394 -15.740 1.00 6.50  ? 21 PRO A CG  1 
ATOM   130 C CD  . PRO A 1 21 ? -9.316  -0.354 -14.251 1.00 5.23  ? 21 PRO A CD  1 
HETATM 131 N N   . HYP A 1 22 ? -13.019 1.929  -15.879 1.00 3.82  ? 22 HYP A N   1 
HETATM 132 C CA  . HYP A 1 22 ? -14.392 1.592  -16.175 1.00 3.80  ? 22 HYP A CA  1 
HETATM 133 C C   . HYP A 1 22 ? -14.515 0.274  -16.968 1.00 3.78  ? 22 HYP A C   1 
HETATM 134 O O   . HYP A 1 22 ? -13.591 -0.104 -17.737 1.00 5.39  ? 22 HYP A O   1 
HETATM 135 C CB  . HYP A 1 22 ? -14.907 2.801  -17.009 1.00 4.37  ? 22 HYP A CB  1 
HETATM 136 C CG  . HYP A 1 22 ? -13.946 3.944  -16.673 1.00 4.96  ? 22 HYP A CG  1 
HETATM 137 C CD  . HYP A 1 22 ? -12.610 3.207  -16.488 1.00 4.68  ? 22 HYP A CD  1 
HETATM 138 O OD1 . HYP A 1 22 ? -14.342 4.474  -15.441 1.00 6.71  ? 22 HYP A OD1 1 
ATOM   139 N N   . GLY A 1 23 ? -15.606 -0.419 -16.785 1.00 4.75  ? 23 GLY A N   1 
ATOM   140 C CA  . GLY A 1 23 ? -15.889 -1.604 -17.541 1.00 5.36  ? 23 GLY A CA  1 
ATOM   141 C C   . GLY A 1 23 ? -16.068 -1.382 -19.046 1.00 5.17  ? 23 GLY A C   1 
ATOM   142 O O   . GLY A 1 23 ? -16.158 -0.222 -19.509 1.00 5.73  ? 23 GLY A O   1 
ATOM   143 N N   . PRO A 1 24 ? -16.204 -2.482 -19.778 1.00 5.95  ? 24 PRO A N   1 
ATOM   144 C CA  . PRO A 1 24 ? -16.514 -2.425 -21.185 1.00 7.15  ? 24 PRO A CA  1 
ATOM   145 C C   . PRO A 1 24 ? -17.943 -1.962 -21.453 1.00 6.78  ? 24 PRO A C   1 
ATOM   146 O O   . PRO A 1 24 ? -18.809 -2.004 -20.565 1.00 6.56  ? 24 PRO A O   1 
ATOM   147 C CB  . PRO A 1 24 ? -16.294 -3.846 -21.626 1.00 8.40  ? 24 PRO A CB  1 
ATOM   148 C CG  . PRO A 1 24 ? -16.657 -4.651 -20.477 1.00 9.51  ? 24 PRO A CG  1 
ATOM   149 C CD  . PRO A 1 24 ? -16.187 -3.865 -19.268 1.00 7.29  ? 24 PRO A CD  1 
HETATM 150 N N   . HYP A 1 25 ? -18.208 -1.527 -22.706 1.00 8.58  ? 25 HYP A N   1 
HETATM 151 C CA  . HYP A 1 25 ? -19.584 -1.140 -23.001 1.00 9.71  ? 25 HYP A CA  1 
HETATM 152 C C   . HYP A 1 25 ? -20.565 -2.328 -22.832 1.00 11.13 ? 25 HYP A C   1 
HETATM 153 O O   . HYP A 1 25 ? -20.148 -3.485 -23.055 1.00 13.99 ? 25 HYP A O   1 
HETATM 154 C CB  . HYP A 1 25 ? -19.530 -0.724 -24.449 1.00 11.04 ? 25 HYP A CB  1 
HETATM 155 C CG  . HYP A 1 25 ? -18.097 -0.277 -24.651 1.00 11.55 ? 25 HYP A CG  1 
HETATM 156 C CD  . HYP A 1 25 ? -17.282 -1.261 -23.812 1.00 9.55  ? 25 HYP A CD  1 
HETATM 157 O OD1 . HYP A 1 25 ? -17.905 1.009  -24.115 1.00 13.66 ? 25 HYP A OD1 1 
HETATM 158 N N   . NH2 A 1 26 ? -21.810 -1.905 -22.421 1.00 10.79 ? 26 NH2 A N   1 
HETATM 159 C C   . ACE B 1 1  ? 25.101  4.290  23.757  1.00 22.98 ? 1  ACE B C   1 
HETATM 160 O O   . ACE B 1 1  ? 25.605  5.335  23.165  1.00 23.65 ? 1  ACE B O   1 
HETATM 161 C CH3 . ACE B 1 1  ? 25.343  3.973  25.211  1.00 23.80 ? 1  ACE B CH3 1 
ATOM   162 N N   . GLY B 1 2  ? 24.264  3.432  23.183  1.00 21.87 ? 2  GLY B N   1 
ATOM   163 C CA  . GLY B 1 2  ? 23.989  3.514  21.772  1.00 19.38 ? 2  GLY B CA  1 
ATOM   164 C C   . GLY B 1 2  ? 22.835  4.385  21.293  1.00 16.74 ? 2  GLY B C   1 
ATOM   165 O O   . GLY B 1 2  ? 21.839  4.642  21.962  1.00 16.00 ? 2  GLY B O   1 
ATOM   166 N N   . PRO B 1 3  ? 22.962  4.835  20.065  1.00 13.22 ? 3  PRO B N   1 
ATOM   167 C CA  . PRO B 1 3  ? 21.864  5.602  19.435  1.00 11.84 ? 3  PRO B CA  1 
ATOM   168 C C   . PRO B 1 3  ? 20.672  4.730  19.077  1.00 9.13  ? 3  PRO B C   1 
ATOM   169 O O   . PRO B 1 3  ? 20.777  3.507  18.939  1.00 8.19  ? 3  PRO B O   1 
ATOM   170 C CB  . PRO B 1 3  ? 22.507  6.145  18.161  1.00 13.20 ? 3  PRO B CB  1 
ATOM   171 C CG  . PRO B 1 3  ? 23.939  5.974  18.377  1.00 17.74 ? 3  PRO B CG  1 
ATOM   172 C CD  . PRO B 1 3  ? 24.138  4.768  19.192  1.00 16.52 ? 3  PRO B CD  1 
HETATM 173 N N   . HYP B 1 4  ? 19.519  5.345  18.866  1.00 7.07  ? 4  HYP B N   1 
HETATM 174 C CA  . HYP B 1 4  ? 18.350  4.585  18.358  1.00 6.85  ? 4  HYP B CA  1 
HETATM 175 C C   . HYP B 1 4  ? 18.673  3.895  17.060  1.00 6.33  ? 4  HYP B C   1 
HETATM 176 O O   . HYP B 1 4  ? 19.464  4.379  16.266  1.00 7.54  ? 4  HYP B O   1 
HETATM 177 C CB  . HYP B 1 4  ? 17.319  5.654  18.076  1.00 8.02  ? 4  HYP B CB  1 
HETATM 178 C CG  . HYP B 1 4  ? 17.644  6.705  19.105  1.00 9.48  ? 4  HYP B CG  1 
HETATM 179 C CD  . HYP B 1 4  ? 19.161  6.705  19.110  1.00 9.82  ? 4  HYP B CD  1 
HETATM 180 O OD1 . HYP B 1 4  ? 17.149  6.312  20.412  1.00 9.68  ? 4  HYP B OD1 1 
ATOM   181 N N   . GLY B 1 5  ? 18.052  2.759  16.852  1.00 4.56  ? 5  GLY B N   1 
ATOM   182 C CA  . GLY B 1 5  ? 18.169  2.104  15.588  1.00 4.11  ? 5  GLY B CA  1 
ATOM   183 C C   . GLY B 1 5  ? 17.549  2.872  14.445  1.00 3.55  ? 5  GLY B C   1 
ATOM   184 O O   . GLY B 1 5  ? 16.798  3.844  14.656  1.00 4.94  ? 5  GLY B O   1 
ATOM   185 N N   . PRO B 1 6  ? 17.823  2.434  13.216  1.00 3.94  ? 6  PRO B N   1 
ATOM   186 C CA  . PRO B 1 6  ? 17.220  3.029  12.043  1.00 4.33  ? 6  PRO B CA  1 
ATOM   187 C C   . PRO B 1 6  ? 15.702  2.746  12.010  1.00 4.11  ? 6  PRO B C   1 
ATOM   188 O O   . PRO B 1 6  ? 15.221  1.808  12.649  1.00 3.87  ? 6  PRO B O   1 
ATOM   189 C CB  . PRO B 1 6  ? 17.894  2.305  10.894  1.00 7.04  ? 6  PRO B CB  1 
ATOM   190 C CG  . PRO B 1 6  ? 18.856  1.456  11.415  1.00 8.75  ? 6  PRO B CG  1 
ATOM   191 C CD  . PRO B 1 6  ? 18.715  1.322  12.879  1.00 4.58  ? 6  PRO B CD  1 
HETATM 192 N N   . HYP B 1 7  ? 14.942  3.468  11.153  1.00 5.22  ? 7  HYP B N   1 
HETATM 193 C CA  . HYP B 1 7  ? 13.569  3.063  10.890  1.00 5.51  ? 7  HYP B CA  1 
HETATM 194 C C   . HYP B 1 7  ? 13.563  1.636  10.370  1.00 5.62  ? 7  HYP B C   1 
HETATM 195 O O   . HYP B 1 7  ? 14.527  1.190  9.728   1.00 5.73  ? 7  HYP B O   1 
HETATM 196 C CB  . HYP B 1 7  ? 13.153  4.044  9.776   1.00 7.35  ? 7  HYP B CB  1 
HETATM 197 C CG  . HYP B 1 7  ? 14.071  5.236  10.009  1.00 8.22  ? 7  HYP B CG  1 
HETATM 198 C CD  . HYP B 1 7  ? 15.394  4.623  10.427  1.00 7.13  ? 7  HYP B CD  1 
HETATM 199 O OD1 . HYP B 1 7  ? 13.506  6.006  11.056  1.00 11.17 ? 7  HYP B OD1 1 
ATOM   200 N N   . GLY B 1 8  ? 12.466  0.922  10.616  1.00 5.76  ? 8  GLY B N   1 
ATOM   201 C CA  . GLY B 1 8  ? 12.321  -0.425 10.145  1.00 4.88  ? 8  GLY B CA  1 
ATOM   202 C C   . GLY B 1 8  ? 12.164  -0.473 8.626   1.00 5.60  ? 8  GLY B C   1 
ATOM   203 O O   . GLY B 1 8  ? 12.156  0.582  7.915   1.00 6.37  ? 8  GLY B O   1 
ATOM   204 N N   . PRO B 1 9  ? 12.027  -1.697 8.117   1.00 5.92  ? 9  PRO B N   1 
ATOM   205 C CA  . PRO B 1 9  ? 11.773  -1.842 6.694   1.00 7.97  ? 9  PRO B CA  1 
ATOM   206 C C   . PRO B 1 9  ? 10.444  -1.210 6.296   1.00 6.26  ? 9  PRO B C   1 
ATOM   207 O O   . PRO B 1 9  ? 9.576   -1.014 7.137   1.00 6.41  ? 9  PRO B O   1 
ATOM   208 C CB  . PRO B 1 9  ? 11.669  -3.344 6.521   1.00 9.99  ? 9  PRO B CB  1 
ATOM   209 C CG  . PRO B 1 9  ? 11.798  -3.995 7.777   1.00 11.23 ? 9  PRO B CG  1 
ATOM   210 C CD  . PRO B 1 9  ? 12.026  -2.964 8.848   1.00 7.54  ? 9  PRO B CD  1 
HETATM 211 N N   . HYP B 1 10 ? 10.268  -0.836 5.025   1.00 6.80  ? 10 HYP B N   1 
HETATM 212 C CA  . HYP B 1 10 ? 8.952   -0.305 4.650   1.00 7.61  ? 10 HYP B CA  1 
HETATM 213 C C   . HYP B 1 10 ? 7.811   -1.319 4.864   1.00 7.99  ? 10 HYP B C   1 
HETATM 214 O O   . HYP B 1 10 ? 8.047   -2.521 4.896   1.00 8.62  ? 10 HYP B O   1 
HETATM 215 C CB  . HYP B 1 10 ? 9.119   -0.066 3.170   1.00 9.42  ? 10 HYP B CB  1 
HETATM 216 C CG  . HYP B 1 10 ? 10.602  0.068  2.936   1.00 10.76 ? 10 HYP B CG  1 
HETATM 217 C CD  . HYP B 1 10 ? 11.247  -0.938 3.911   1.00 8.89  ? 10 HYP B CD  1 
HETATM 218 O OD1 . HYP B 1 10 ? 11.002  1.366  3.298   1.00 15.50 ? 10 HYP B OD1 1 
ATOM   219 N N   . GLY B 1 11 ? 6.566   -0.812 4.984   1.00 8.08  ? 11 GLY B N   1 
ATOM   220 C CA  . GLY B 1 11 ? 5.447   -1.690 5.038   1.00 8.09  ? 11 GLY B CA  1 
ATOM   221 C C   . GLY B 1 11 ? 5.223   -2.394 3.719   1.00 9.86  ? 11 GLY B C   1 
ATOM   222 O O   . GLY B 1 11 ? 5.808   -2.065 2.658   1.00 11.21 ? 11 GLY B O   1 
ATOM   223 N N   . LYS B 1 12 ? 4.333   -3.362 3.768   1.00 10.42 ? 12 LYS B N   1 
ATOM   224 C CA  . LYS B 1 12 ? 3.940   -4.102 2.587   1.00 11.69 ? 12 LYS B CA  1 
ATOM   225 C C   . LYS B 1 12 ? 3.164   -3.234 1.596   1.00 10.84 ? 12 LYS B C   1 
ATOM   226 O O   . LYS B 1 12 ? 2.513   -2.256 1.950   1.00 8.12  ? 12 LYS B O   1 
ATOM   227 C CB  . LYS B 1 12 ? 3.097   -5.294 3.037   1.00 13.62 ? 12 LYS B CB  1 
ATOM   228 C CG  . LYS B 1 12 ? 3.911   -6.376 3.783   1.00 20.47 ? 12 LYS B CG  1 
ATOM   229 C CD  . LYS B 1 12 ? 3.084   -7.529 4.425   1.00 27.58 ? 12 LYS B CD  1 
ATOM   230 C CE  . LYS B 1 12 ? 3.995   -8.375 5.450   1.00 34.79 ? 12 LYS B CE  1 
ATOM   231 N NZ  . LYS B 1 12 ? 3.597   -9.806 5.783   1.00 39.52 ? 12 LYS B NZ  1 
ATOM   232 N N   . LEU B 1 13 ? 3.167   -3.706 0.349   1.00 10.91 ? 13 LEU B N   1 
ATOM   233 C CA  . LEU B 1 13 ? 2.364   -3.161 -0.719  1.00 11.68 ? 13 LEU B CA  1 
ATOM   234 C C   . LEU B 1 13 ? 0.930   -3.057 -0.286  1.00 10.02 ? 13 LEU B C   1 
ATOM   235 O O   . LEU B 1 13 ? 0.370   -4.026 0.277   1.00 10.68 ? 13 LEU B O   1 
ATOM   236 C CB  . LEU B 1 13 ? 2.475   -4.164 -1.843  1.00 12.93 ? 13 LEU B CB  1 
ATOM   237 C CG  . LEU B 1 13 ? 2.201   -3.817 -3.276  1.00 18.91 ? 13 LEU B CG  1 
ATOM   238 C CD1 . LEU B 1 13 ? 1.539   -4.973 -3.996  1.00 20.63 ? 13 LEU B CD1 1 
ATOM   239 C CD2 . LEU B 1 13 ? 1.952   -2.443 -3.709  1.00 15.26 ? 13 LEU B CD2 1 
ATOM   240 N N   . GLY B 1 14 ? 0.283   -1.925 -0.574  1.00 8.83  ? 14 GLY B N   1 
ATOM   241 C CA  . GLY B 1 14 ? -1.115  -1.802 -0.211  1.00 8.52  ? 14 GLY B CA  1 
ATOM   242 C C   . GLY B 1 14 ? -2.018  -2.776 -0.989  1.00 6.86  ? 14 GLY B C   1 
ATOM   243 O O   . GLY B 1 14 ? -1.602  -3.355 -2.063  1.00 8.76  ? 14 GLY B O   1 
ATOM   244 N N   . PRO B 1 15 ? -3.276  -2.941 -0.532  1.00 5.46  ? 15 PRO B N   1 
ATOM   245 C CA  . PRO B 1 15 ? -4.255  -3.704 -1.275  1.00 6.06  ? 15 PRO B CA  1 
ATOM   246 C C   . PRO B 1 15 ? -4.532  -3.118 -2.657  1.00 5.11  ? 15 PRO B C   1 
ATOM   247 O O   . PRO B 1 15 ? -4.373  -1.926 -2.857  1.00 6.79  ? 15 PRO B O   1 
ATOM   248 C CB  . PRO B 1 15 ? -5.503  -3.650 -0.363  1.00 6.98  ? 15 PRO B CB  1 
ATOM   249 C CG  . PRO B 1 15 ? -4.995  -3.258 0.950   1.00 6.91  ? 15 PRO B CG  1 
ATOM   250 C CD  . PRO B 1 15 ? -3.854  -2.389 0.686   1.00 7.03  ? 15 PRO B CD  1 
HETATM 251 N N   . HYP B 1 16 ? -5.022  -3.954 -3.579  1.00 5.00  ? 16 HYP B N   1 
HETATM 252 C CA  . HYP B 1 16 ? -5.539  -3.404 -4.807  1.00 5.99  ? 16 HYP B CA  1 
HETATM 253 C C   . HYP B 1 16 ? -6.667  -2.408 -4.553  1.00 5.93  ? 16 HYP B C   1 
HETATM 254 O O   . HYP B 1 16 ? -7.379  -2.524 -3.547  1.00 5.87  ? 16 HYP B O   1 
HETATM 255 C CB  . HYP B 1 16 ? -6.097  -4.604 -5.592  1.00 6.40  ? 16 HYP B CB  1 
HETATM 256 C CG  . HYP B 1 16 ? -5.405  -5.758 -4.972  1.00 6.84  ? 16 HYP B CG  1 
HETATM 257 C CD  . HYP B 1 16 ? -5.295  -5.409 -3.504  1.00 7.07  ? 16 HYP B CD  1 
HETATM 258 O OD1 . HYP B 1 16 ? -4.166  -5.972 -5.543  1.00 9.11  ? 16 HYP B OD1 1 
ATOM   259 N N   . GLY B 1 17 ? -6.831  -1.427 -5.454  1.00 5.36  ? 17 GLY B N   1 
ATOM   260 C CA  . GLY B 1 17 ? -7.969  -0.559 -5.437  1.00 4.23  ? 17 GLY B CA  1 
ATOM   261 C C   . GLY B 1 17 ? -9.299  -1.298 -5.612  1.00 4.98  ? 17 GLY B C   1 
ATOM   262 O O   . GLY B 1 17 ? -9.330  -2.486 -5.954  1.00 6.22  ? 17 GLY B O   1 
ATOM   263 N N   . PRO B 1 18 ? -10.396 -0.582 -5.392  1.00 5.30  ? 18 PRO B N   1 
ATOM   264 C CA  . PRO B 1 18 ? -11.706 -1.195 -5.611  1.00 5.14  ? 18 PRO B CA  1 
ATOM   265 C C   . PRO B 1 18 ? -11.989 -1.324 -7.125  1.00 4.23  ? 18 PRO B C   1 
ATOM   266 O O   . PRO B 1 18 ? -11.283 -0.683 -7.970  1.00 5.65  ? 18 PRO B O   1 
ATOM   267 C CB  . PRO B 1 18 ? -12.654 -0.216 -4.966  1.00 7.46  ? 18 PRO B CB  1 
ATOM   268 C CG  . PRO B 1 18 ? -11.947 1.057  -5.077  1.00 9.48  ? 18 PRO B CG  1 
ATOM   269 C CD  . PRO B 1 18 ? -10.492 0.762  -4.881  1.00 6.83  ? 18 PRO B CD  1 
HETATM 270 N N   . HYP B 1 19 ? -12.982 -2.125 -7.488  1.00 4.87  ? 19 HYP B N   1 
HETATM 271 C CA  . HYP B 1 19 ? -13.353 -2.233 -8.905  1.00 4.73  ? 19 HYP B CA  1 
HETATM 272 C C   . HYP B 1 19 ? -13.728 -0.874 -9.485  1.00 4.84  ? 19 HYP B C   1 
HETATM 273 O O   . HYP B 1 19 ? -14.267 -0.014 -8.771  1.00 5.83  ? 19 HYP B O   1 
HETATM 274 C CB  . HYP B 1 19 ? -14.548 -3.203 -8.842  1.00 4.68  ? 19 HYP B CB  1 
HETATM 275 C CG  . HYP B 1 19 ? -14.383 -4.006 -7.623  1.00 5.44  ? 19 HYP B CG  1 
HETATM 276 C CD  . HYP B 1 19 ? -13.833 -2.996 -6.637  1.00 4.80  ? 19 HYP B CD  1 
HETATM 277 O OD1 . HYP B 1 19 ? -13.420 -5.001 -7.907  1.00 6.38  ? 19 HYP B OD1 1 
ATOM   278 N N   . GLY B 1 20 ? -13.483 -0.714 -10.773 1.00 3.91  ? 20 GLY B N   1 
ATOM   279 C CA  . GLY B 1 20 ? -13.835 0.478  -11.458 1.00 3.83  ? 20 GLY B CA  1 
ATOM   280 C C   . GLY B 1 20 ? -15.309 0.688  -11.682 1.00 3.11  ? 20 GLY B C   1 
ATOM   281 O O   . GLY B 1 20 ? -16.154 -0.177 -11.415 1.00 3.70  ? 20 GLY B O   1 
ATOM   282 N N   . PRO B 1 21 ? -15.642 1.850  -12.269 1.00 3.80  ? 21 PRO B N   1 
ATOM   283 C CA  . PRO B 1 21 ? -17.036 2.139  -12.561 1.00 4.25  ? 21 PRO B CA  1 
ATOM   284 C C   . PRO B 1 21 ? -17.638 1.157  -13.584 1.00 3.55  ? 21 PRO B C   1 
ATOM   285 O O   . PRO B 1 21 ? -16.911 0.619  -14.428 1.00 4.03  ? 21 PRO B O   1 
ATOM   286 C CB  . PRO B 1 21 ? -17.012 3.552  -13.117 1.00 5.37  ? 21 PRO B CB  1 
ATOM   287 C CG  . PRO B 1 21 ? -15.788 4.141  -12.542 1.00 5.17  ? 21 PRO B CG  1 
ATOM   288 C CD  . PRO B 1 21 ? -14.765 2.992  -12.476 1.00 4.18  ? 21 PRO B CD  1 
HETATM 289 N N   . HYP B 1 22 ? -18.956 1.000  -13.581 1.00 3.14  ? 22 HYP B N   1 
HETATM 290 C CA  . HYP B 1 22 ? -19.612 0.299  -14.682 1.00 3.81  ? 22 HYP B CA  1 
HETATM 291 C C   . HYP B 1 22 ? -19.269 0.965  -16.025 1.00 4.45  ? 22 HYP B C   1 
HETATM 292 O O   . HYP B 1 22 ? -19.126 2.212  -16.091 1.00 4.35  ? 22 HYP B O   1 
HETATM 293 C CB  . HYP B 1 22 ? -21.097 0.349  -14.367 1.00 3.51  ? 22 HYP B CB  1 
HETATM 294 C CG  . HYP B 1 22 ? -21.146 0.598  -12.915 1.00 5.16  ? 22 HYP B CG  1 
HETATM 295 C CD  . HYP B 1 22 ? -19.939 1.502  -12.640 1.00 4.53  ? 22 HYP B CD  1 
HETATM 296 O OD1 . HYP B 1 22 ? -20.983 -0.659 -12.276 1.00 10.26 ? 22 HYP B OD1 1 
ATOM   297 N N   . GLY B 1 23 ? -19.156 0.171  -17.077 1.00 4.31  ? 23 GLY B N   1 
ATOM   298 C CA  . GLY B 1 23 ? -19.022 0.679  -18.403 1.00 5.38  ? 23 GLY B CA  1 
ATOM   299 C C   . GLY B 1 23 ? -20.297 1.355  -18.871 1.00 5.30  ? 23 GLY B C   1 
ATOM   300 O O   . GLY B 1 23 ? -21.356 1.306  -18.206 1.00 7.23  ? 23 GLY B O   1 
ATOM   301 N N   . PRO B 1 24 ? -20.215 2.015  -20.019 1.00 6.66  ? 24 PRO B N   1 
ATOM   302 C CA  . PRO B 1 24 ? -21.362 2.756  -20.513 1.00 8.07  ? 24 PRO B CA  1 
ATOM   303 C C   . PRO B 1 24 ? -22.379 1.833  -21.195 1.00 9.21  ? 24 PRO B C   1 
ATOM   304 O O   . PRO B 1 24 ? -22.045 0.700  -21.480 1.00 9.39  ? 24 PRO B O   1 
ATOM   305 C CB  . PRO B 1 24 ? -20.701 3.690  -21.516 1.00 8.98  ? 24 PRO B CB  1 
ATOM   306 C CG  . PRO B 1 24 ? -19.575 2.919  -22.062 1.00 9.00  ? 24 PRO B CG  1 
ATOM   307 C CD  . PRO B 1 24 ? -19.017 2.164  -20.881 1.00 6.59  ? 24 PRO B CD  1 
HETATM 308 N N   . HYP B 1 25 ? -23.576 2.342  -21.518 1.00 11.06 ? 25 HYP B N   1 
HETATM 309 C CA  . HYP B 1 25 ? -24.507 1.547  -22.348 1.00 12.07 ? 25 HYP B CA  1 
HETATM 310 C C   . HYP B 1 25 ? -23.989 1.094  -23.681 1.00 13.49 ? 25 HYP B C   1 
HETATM 311 O O   . HYP B 1 25 ? -23.334 1.890  -24.397 1.00 14.51 ? 25 HYP B O   1 
HETATM 312 C CB  . HYP B 1 25 ? -25.641 2.550  -22.641 1.00 14.63 ? 25 HYP B CB  1 
HETATM 313 C CG  . HYP B 1 25 ? -25.611 3.460  -21.416 1.00 12.46 ? 25 HYP B CG  1 
HETATM 314 C CD  . HYP B 1 25 ? -24.124 3.668  -21.141 1.00 11.17 ? 25 HYP B CD  1 
HETATM 315 O OD1 . HYP B 1 25 ? -26.214 2.822  -20.314 1.00 17.12 ? 25 HYP B OD1 1 
HETATM 316 N N   . NH2 B 1 26 ? -24.289 -0.191 -24.015 1.00 15.55 ? 26 NH2 B N   1 
HETATM 317 C C   . ACE C 1 1  ? 21.680  -0.246 22.713  1.00 17.67 ? 1  ACE C C   1 
HETATM 318 O O   . ACE C 1 1  ? 21.023  -0.099 23.764  1.00 18.56 ? 1  ACE C O   1 
HETATM 319 C CH3 . ACE C 1 1  ? 22.842  -1.199 22.460  1.00 18.53 ? 1  ACE C CH3 1 
ATOM   320 N N   . GLY C 1 2  ? 21.472  0.616  21.719  1.00 14.17 ? 2  GLY C N   1 
ATOM   321 C CA  . GLY C 1 2  ? 20.473  1.675  21.734  1.00 10.12 ? 2  GLY C CA  1 
ATOM   322 C C   . GLY C 1 2  ? 19.051  1.132  21.624  1.00 7.91  ? 2  GLY C C   1 
ATOM   323 O O   . GLY C 1 2  ? 18.812  -0.065 21.392  1.00 8.37  ? 2  GLY C O   1 
ATOM   324 N N   . PRO C 1 3  ? 18.073  2.042  21.756  1.00 7.06  ? 3  PRO C N   1 
ATOM   325 C CA  . PRO C 1 3  ? 16.698  1.640  21.598  1.00 6.91  ? 3  PRO C CA  1 
ATOM   326 C C   . PRO C 1 3  ? 16.381  1.131  20.213  1.00 4.70  ? 3  PRO C C   1 
ATOM   327 O O   . PRO C 1 3  ? 16.963  1.587  19.249  1.00 6.08  ? 3  PRO C O   1 
ATOM   328 C CB  . PRO C 1 3  ? 15.902  2.925  21.890  1.00 6.93  ? 3  PRO C CB  1 
ATOM   329 C CG  . PRO C 1 3  ? 16.874  3.772  22.681  1.00 8.90  ? 3  PRO C CG  1 
ATOM   330 C CD  . PRO C 1 3  ? 18.222  3.455  22.157  1.00 7.61  ? 3  PRO C CD  1 
HETATM 331 N N   . HYP C 1 4  ? 15.340  0.267  20.099  1.00 4.34  ? 4  HYP C N   1 
HETATM 332 C CA  . HYP C 1 4  ? 14.890  -0.115 18.769  1.00 4.43  ? 4  HYP C CA  1 
HETATM 333 C C   . HYP C 1 4  ? 14.404  1.116  17.989  1.00 3.04  ? 4  HYP C C   1 
HETATM 334 O O   . HYP C 1 4  ? 13.807  2.058  18.578  1.00 4.87  ? 4  HYP C O   1 
HETATM 335 C CB  . HYP C 1 4  ? 13.772  -1.082 19.094  1.00 4.80  ? 4  HYP C CB  1 
HETATM 336 C CG  . HYP C 1 4  ? 14.059  -1.492 20.533  1.00 4.72  ? 4  HYP C CG  1 
HETATM 337 C CD  . HYP C 1 4  ? 14.553  -0.259 21.194  1.00 6.19  ? 4  HYP C CD  1 
HETATM 338 O OD1 . HYP C 1 4  ? 15.053  -2.550 20.472  1.00 7.93  ? 4  HYP C OD1 1 
ATOM   339 N N   . GLY C 1 5  ? 14.586  1.114  16.679  1.00 3.46  ? 5  GLY C N   1 
ATOM   340 C CA  . GLY C 1 5  ? 14.213  2.221  15.859  1.00 3.67  ? 5  GLY C CA  1 
ATOM   341 C C   . GLY C 1 5  ? 12.738  2.435  15.718  1.00 3.45  ? 5  GLY C C   1 
ATOM   342 O O   . GLY C 1 5  ? 11.927  1.575  16.143  1.00 4.31  ? 5  GLY C O   1 
ATOM   343 N N   . PRO C 1 6  ? 12.365  3.546  15.053  1.00 4.16  ? 6  PRO C N   1 
ATOM   344 C CA  . PRO C 1 6  ? 10.945  3.774  14.782  1.00 4.71  ? 6  PRO C CA  1 
ATOM   345 C C   . PRO C 1 6  ? 10.381  2.815  13.714  1.00 4.34  ? 6  PRO C C   1 
ATOM   346 O O   . PRO C 1 6  ? 11.151  2.220  12.988  1.00 5.17  ? 6  PRO C O   1 
ATOM   347 C CB  . PRO C 1 6  ? 10.900  5.190  14.303  1.00 6.61  ? 6  PRO C CB  1 
ATOM   348 C CG  . PRO C 1 6  ? 12.256  5.706  14.307  1.00 8.73  ? 6  PRO C CG  1 
ATOM   349 C CD  . PRO C 1 6  ? 13.235  4.637  14.575  1.00 5.28  ? 6  PRO C CD  1 
HETATM 350 N N   . HYP C 1 7  ? 9.066   2.694  13.639  1.00 5.46  ? 7  HYP C N   1 
HETATM 351 C CA  . HYP C 1 7  ? 8.465   1.938  12.542  1.00 4.89  ? 7  HYP C CA  1 
HETATM 352 C C   . HYP C 1 7  ? 8.905   2.509  11.220  1.00 5.71  ? 7  HYP C C   1 
HETATM 353 O O   . HYP C 1 7  ? 9.158   3.725  11.067  1.00 6.87  ? 7  HYP C O   1 
HETATM 354 C CB  . HYP C 1 7  ? 6.961   2.152  12.756  1.00 5.53  ? 7  HYP C CB  1 
HETATM 355 C CG  . HYP C 1 7  ? 6.868   2.436  14.267  1.00 6.18  ? 7  HYP C CG  1 
HETATM 356 C CD  . HYP C 1 7  ? 8.056   3.331  14.574  1.00 5.26  ? 7  HYP C CD  1 
HETATM 357 O OD1 . HYP C 1 7  ? 6.808   1.239  14.989  1.00 8.89  ? 7  HYP C OD1 1 
ATOM   358 N N   . GLY C 1 8  ? 9.030   1.613  10.249  1.00 5.97  ? 8  GLY C N   1 
ATOM   359 C CA  . GLY C 1 8  ? 9.457   1.967  8.921   1.00 6.77  ? 8  GLY C CA  1 
ATOM   360 C C   . GLY C 1 8  ? 8.493   2.842  8.151   1.00 7.21  ? 8  GLY C C   1 
ATOM   361 O O   . GLY C 1 8  ? 7.398   3.115  8.607   1.00 7.16  ? 8  GLY C O   1 
ATOM   362 N N   . PRO C 1 9  ? 8.901   3.268  6.936   1.00 8.40  ? 9  PRO C N   1 
ATOM   363 C CA  . PRO C 1 9  ? 7.975   4.031  6.077   1.00 9.51  ? 9  PRO C CA  1 
ATOM   364 C C   . PRO C 1 9  ? 6.765   3.232  5.656   1.00 8.52  ? 9  PRO C C   1 
ATOM   365 O O   . PRO C 1 9  ? 6.815   1.998  5.565   1.00 8.80  ? 9  PRO C O   1 
ATOM   366 C CB  . PRO C 1 9  ? 8.784   4.360  4.857   1.00 10.43 ? 9  PRO C CB  1 
ATOM   367 C CG  . PRO C 1 9  ? 10.143  3.971  5.115   1.00 14.01 ? 9  PRO C CG  1 
ATOM   368 C CD  . PRO C 1 9  ? 10.253  3.161  6.365   1.00 10.05 ? 9  PRO C CD  1 
HETATM 369 N N   . HYP C 1 10 ? 5.681   3.943  5.387   1.00 10.23 ? 10 HYP C N   1 
HETATM 370 C CA  . HYP C 1 10 ? 4.514   3.250  4.875   1.00 11.24 ? 10 HYP C CA  1 
HETATM 371 C C   . HYP C 1 10 ? 4.802   2.526  3.566   1.00 9.93  ? 10 HYP C C   1 
HETATM 372 O O   . HYP C 1 10 ? 5.656   2.970  2.754   1.00 10.10 ? 10 HYP C O   1 
HETATM 373 C CB  . HYP C 1 10 ? 3.489   4.335  4.590   1.00 12.18 ? 10 HYP C CB  1 
HETATM 374 C CG  . HYP C 1 10 ? 3.916   5.433  5.524   1.00 13.70 ? 10 HYP C CG  1 
HETATM 375 C CD  . HYP C 1 10 ? 5.467   5.386  5.481   1.00 13.09 ? 10 HYP C CD  1 
HETATM 376 O OD1 . HYP C 1 10 ? 3.406   5.226  6.867   1.00 18.26 ? 10 HYP C OD1 1 
ATOM   377 N N   . GLY C 1 11 ? 4.117   1.417  3.370   1.00 10.20 ? 11 GLY C N   1 
ATOM   378 C CA  . GLY C 1 11 ? 4.198   0.700  2.111   1.00 10.44 ? 11 GLY C CA  1 
ATOM   379 C C   . GLY C 1 11 ? 3.701   1.504  0.931   1.00 9.75  ? 11 GLY C C   1 
ATOM   380 O O   . GLY C 1 11 ? 3.036   2.543  1.061   1.00 9.86  ? 11 GLY C O   1 
ATOM   381 N N   . LYS C 1 12 ? 4.137   1.041  -0.230  1.00 10.58 ? 12 LYS C N   1 
ATOM   382 C CA  . LYS C 1 12 ? 3.714   1.563  -1.497  1.00 12.39 ? 12 LYS C CA  1 
ATOM   383 C C   . LYS C 1 12 ? 2.184   1.501  -1.649  1.00 10.48 ? 12 LYS C C   1 
ATOM   384 O O   . LYS C 1 12 ? 1.576   0.531  -1.258  1.00 9.86  ? 12 LYS C O   1 
ATOM   385 C CB  . LYS C 1 12 ? 4.407   0.662  -2.562  1.00 13.59 ? 12 LYS C CB  1 
ATOM   386 C CG  . LYS C 1 12 ? 4.451   1.228  -3.942  1.00 18.53 ? 12 LYS C CG  1 
ATOM   387 C CD  . LYS C 1 12 ? 5.575   2.289  -4.156  1.00 19.93 ? 12 LYS C CD  1 
ATOM   388 C CE  . LYS C 1 12 ? 5.277   3.159  -5.360  1.00 21.45 ? 12 LYS C CE  1 
ATOM   389 N NZ  . LYS C 1 12 ? 6.345   4.105  -5.571  1.00 20.60 ? 12 LYS C NZ  1 
ATOM   390 N N   . LEU C 1 13 ? 1.571   2.485  -2.285  1.00 12.02 ? 13 LEU C N   1 
ATOM   391 C CA  . LEU C 1 13 ? 0.165   2.387  -2.642  1.00 12.79 ? 13 LEU C CA  1 
ATOM   392 C C   . LEU C 1 13 ? -0.018  1.111  -3.507  1.00 10.78 ? 13 LEU C C   1 
ATOM   393 O O   . LEU C 1 13 ? 0.850   0.764  -4.353  1.00 11.45 ? 13 LEU C O   1 
ATOM   394 C CB  . LEU C 1 13 ? -0.224  3.627  -3.414  1.00 16.26 ? 13 LEU C CB  1 
ATOM   395 C CG  . LEU C 1 13 ? -0.318  3.481  -4.939  1.00 21.23 ? 13 LEU C CG  1 
ATOM   396 C CD1 . LEU C 1 13 ? -1.410  4.559  -5.488  1.00 26.26 ? 13 LEU C CD1 1 
ATOM   397 C CD2 . LEU C 1 13 ? 1.159   3.451  -5.713  1.00 24.01 ? 13 LEU C CD2 1 
ATOM   398 N N   . GLY C 1 14 ? -1.162  0.473  -3.385  1.00 10.14 ? 14 GLY C N   1 
ATOM   399 C CA  . GLY C 1 14 ? -1.459  -0.773 -4.009  1.00 9.54  ? 14 GLY C CA  1 
ATOM   400 C C   . GLY C 1 14 ? -1.661  -0.739 -5.504  1.00 9.83  ? 14 GLY C C   1 
ATOM   401 O O   . GLY C 1 14 ? -1.701  0.385  -6.118  1.00 10.22 ? 14 GLY C O   1 
ATOM   402 N N   . PRO C 1 15 ? -1.747  -1.952 -6.103  1.00 9.58  ? 15 PRO C N   1 
ATOM   403 C CA  . PRO C 1 15 ? -2.083  -2.017 -7.545  1.00 10.79 ? 15 PRO C CA  1 
ATOM   404 C C   . PRO C 1 15 ? -3.451  -1.363 -7.869  1.00 9.44  ? 15 PRO C C   1 
ATOM   405 O O   . PRO C 1 15 ? -4.345  -1.226 -7.014  1.00 8.71  ? 15 PRO C O   1 
ATOM   406 C CB  . PRO C 1 15 ? -2.160  -3.531 -7.829  1.00 11.09 ? 15 PRO C CB  1 
ATOM   407 C CG  . PRO C 1 15 ? -1.348  -4.223 -6.715  1.00 12.59 ? 15 PRO C CG  1 
ATOM   408 C CD  . PRO C 1 15 ? -1.622  -3.294 -5.507  1.00 9.98  ? 15 PRO C CD  1 
HETATM 409 N N   . HYP C 1 16 ? -3.637  -1.012 -9.148  1.00 10.08 ? 16 HYP C N   1 
HETATM 410 C CA  . HYP C 1 16 ? -4.968  -0.557 -9.579  1.00 8.90  ? 16 HYP C CA  1 
HETATM 411 C C   . HYP C 1 16 ? -6.027  -1.606 -9.268  1.00 6.96  ? 16 HYP C C   1 
HETATM 412 O O   . HYP C 1 16 ? -5.748  -2.798 -9.328  1.00 7.09  ? 16 HYP C O   1 
HETATM 413 C CB  . HYP C 1 16 ? -4.767  -0.391 -11.080 1.00 10.22 ? 16 HYP C CB  1 
HETATM 414 C CG  . HYP C 1 16 ? -3.297  0.108  -11.189 1.00 9.59  ? 16 HYP C CG  1 
HETATM 415 C CD  . HYP C 1 16 ? -2.623  -0.862 -10.210 1.00 11.63 ? 16 HYP C CD  1 
HETATM 416 O OD1 . HYP C 1 16 ? -3.211  1.473  -10.843 1.00 15.27 ? 16 HYP C OD1 1 
ATOM   417 N N   . GLY C 1 17 ? -7.246  -1.174 -9.005  1.00 5.20  ? 17 GLY C N   1 
ATOM   418 C CA  . GLY C 1 17 ? -8.294  -2.098 -8.820  1.00 4.99  ? 17 GLY C CA  1 
ATOM   419 C C   . GLY C 1 17 ? -8.707  -2.803 -10.113 1.00 4.45  ? 17 GLY C C   1 
ATOM   420 O O   . GLY C 1 17 ? -8.301  -2.416 -11.215 1.00 5.50  ? 17 GLY C O   1 
ATOM   421 N N   . PRO C 1 18 ? -9.561  -3.845 -9.968  1.00 5.91  ? 18 PRO C N   1 
ATOM   422 C CA  . PRO C 1 18 ? -10.073 -4.495 -11.132 1.00 6.03  ? 18 PRO C CA  1 
ATOM   423 C C   . PRO C 1 18 ? -10.901 -3.580 -12.074 1.00 4.40  ? 18 PRO C C   1 
ATOM   424 O O   . PRO C 1 18 ? -11.523 -2.635 -11.602 1.00 4.63  ? 18 PRO C O   1 
ATOM   425 C CB  . PRO C 1 18 ? -10.981 -5.552 -10.485 1.00 6.07  ? 18 PRO C CB  1 
ATOM   426 C CG  . PRO C 1 18 ? -10.475 -5.812 -9.130  1.00 7.77  ? 18 PRO C CG  1 
ATOM   427 C CD  . PRO C 1 18 ? -10.099 -4.409 -8.707  1.00 6.53  ? 18 PRO C CD  1 
HETATM 428 N N   . HYP C 1 19 ? -10.978 -3.947 -13.379 1.00 3.60  ? 19 HYP C N   1 
HETATM 429 C CA  . HYP C 1 19 ? -11.885 -3.224 -14.256 1.00 4.62  ? 19 HYP C CA  1 
HETATM 430 C C   . HYP C 1 19 ? -13.330 -3.366 -13.806 1.00 3.58  ? 19 HYP C C   1 
HETATM 431 O O   . HYP C 1 19 ? -13.710 -4.401 -13.214 1.00 4.90  ? 19 HYP C O   1 
HETATM 432 C CB  . HYP C 1 19 ? -11.686 -3.888 -15.614 1.00 5.74  ? 19 HYP C CB  1 
HETATM 433 C CG  . HYP C 1 19 ? -10.288 -4.547 -15.453 1.00 6.02  ? 19 HYP C CG  1 
HETATM 434 C CD  . HYP C 1 19 ? -10.250 -5.076 -14.048 1.00 5.97  ? 19 HYP C CD  1 
HETATM 435 O OD1 . HYP C 1 19 ? -9.216  -3.593 -15.566 1.00 8.16  ? 19 HYP C OD1 1 
ATOM   436 N N   . GLY C 1 20 ? -14.130 -2.328 -14.070 1.00 3.40  ? 20 GLY C N   1 
ATOM   437 C CA  . GLY C 1 20 ? -15.511 -2.333 -13.607 1.00 4.12  ? 20 GLY C CA  1 
ATOM   438 C C   . GLY C 1 20 ? -16.396 -3.290 -14.393 1.00 3.06  ? 20 GLY C C   1 
ATOM   439 O O   . GLY C 1 20 ? -15.986 -3.873 -15.418 1.00 3.82  ? 20 GLY C O   1 
ATOM   440 N N   . PRO C 1 21 ? -17.659 -3.406 -13.975 1.00 4.09  ? 21 PRO C N   1 
ATOM   441 C CA  . PRO C 1 21 ? -18.617 -4.296 -14.636 1.00 3.64  ? 21 PRO C CA  1 
ATOM   442 C C   . PRO C 1 21 ? -18.963 -3.779 -16.041 1.00 3.22  ? 21 PRO C C   1 
ATOM   443 O O   . PRO C 1 21 ? -18.809 -2.586 -16.307 1.00 4.05  ? 21 PRO C O   1 
ATOM   444 C CB  . PRO C 1 21 ? -19.848 -4.201 -13.776 1.00 5.49  ? 21 PRO C CB  1 
ATOM   445 C CG  . PRO C 1 21 ? -19.494 -3.638 -12.580 1.00 9.19  ? 21 PRO C CG  1 
ATOM   446 C CD  . PRO C 1 21 ? -18.229 -2.777 -12.774 1.00 5.16  ? 21 PRO C CD  1 
HETATM 447 N N   . HYP C 1 22 ? -19.410 -4.639 -16.971 1.00 4.26  ? 22 HYP C N   1 
HETATM 448 C CA  . HYP C 1 22 ? -19.927 -4.142 -18.223 1.00 4.80  ? 22 HYP C CA  1 
HETATM 449 C C   . HYP C 1 22 ? -21.060 -3.140 -18.022 1.00 5.89  ? 22 HYP C C   1 
HETATM 450 O O   . HYP C 1 22 ? -21.856 -3.246 -17.055 1.00 6.81  ? 22 HYP C O   1 
HETATM 451 C CB  . HYP C 1 22 ? -20.522 -5.419 -18.841 1.00 5.01  ? 22 HYP C CB  1 
HETATM 452 C CG  . HYP C 1 22 ? -19.812 -6.565 -18.209 1.00 5.78  ? 22 HYP C CG  1 
HETATM 453 C CD  . HYP C 1 22 ? -19.594 -6.092 -16.817 1.00 5.44  ? 22 HYP C CD  1 
HETATM 454 O OD1 . HYP C 1 22 ? -18.575 -6.817 -18.807 1.00 8.78  ? 22 HYP C OD1 1 
ATOM   455 N N   . GLY C 1 23 ? -21.177 -2.208 -18.943 1.00 7.65  ? 23 GLY C N   1 
ATOM   456 C CA  . GLY C 1 23 ? -22.447 -1.487 -19.046 1.00 12.27 ? 23 GLY C CA  1 
ATOM   457 C C   . GLY C 1 23 ? -23.653 -2.382 -19.463 1.00 16.26 ? 23 GLY C C   1 
ATOM   458 O O   . GLY C 1 23 ? -23.447 -3.519 -19.877 1.00 17.21 ? 23 GLY C O   1 
ATOM   459 N N   . PRO C 1 24 ? -24.871 -1.842 -19.440 0.80 20.06 ? 24 PRO C N   1 
ATOM   460 C CA  . PRO C 1 24 ? -26.017 -2.545 -19.995 0.80 23.05 ? 24 PRO C CA  1 
ATOM   461 C C   . PRO C 1 24 ? -25.852 -2.847 -21.505 0.80 25.10 ? 24 PRO C C   1 
ATOM   462 O O   . PRO C 1 24 ? -25.202 -2.057 -22.231 0.80 22.75 ? 24 PRO C O   1 
ATOM   463 C CB  . PRO C 1 24 ? -27.144 -1.537 -19.833 0.80 23.88 ? 24 PRO C CB  1 
ATOM   464 C CG  . PRO C 1 24 ? -26.674 -0.495 -18.877 0.80 23.41 ? 24 PRO C CG  1 
ATOM   465 C CD  . PRO C 1 24 ? -25.189 -0.459 -19.065 0.80 21.14 ? 24 PRO C CD  1 
HETATM 466 N N   . HYP C 1 25 ? -26.508 -3.920 -21.997 0.50 27.17 ? 25 HYP C N   1 
HETATM 467 C CA  . HYP C 1 25 ? -26.274 -4.358 -23.374 0.50 27.85 ? 25 HYP C CA  1 
HETATM 468 C C   . HYP C 1 25 ? -26.555 -3.246 -24.384 0.50 26.64 ? 25 HYP C C   1 
HETATM 469 O O   . HYP C 1 25 ? -27.472 -2.464 -24.157 0.50 24.55 ? 25 HYP C O   1 
HETATM 470 C CB  . HYP C 1 25 ? -27.267 -5.521 -23.536 0.50 28.37 ? 25 HYP C CB  1 
HETATM 471 C CG  . HYP C 1 25 ? -27.613 -5.971 -22.120 0.50 28.69 ? 25 HYP C CG  1 
HETATM 472 C CD  . HYP C 1 25 ? -27.590 -4.695 -21.330 0.50 28.22 ? 25 HYP C CD  1 
HETATM 473 O OD1 . HYP C 1 25 ? -26.575 -6.750 -21.537 0.50 30.41 ? 25 HYP C OD1 1 
HETATM 474 O O   . HOH D 2 .  ? -7.210  2.304  -13.083 1.00 5.31  ? 27 HOH A O   1 
HETATM 475 O O   . HOH D 2 .  ? -8.570  -1.916 0.226   1.00 7.64  ? 28 HOH A O   1 
HETATM 476 O O   . HOH D 2 .  ? 12.925  -4.849 11.970  1.00 8.50  ? 29 HOH A O   1 
HETATM 477 O O   . HOH D 2 .  ? -11.261 4.763  -11.880 1.00 9.43  ? 30 HOH A O   1 
HETATM 478 O O   . HOH D 2 .  ? -14.229 1.468  -20.680 1.00 14.62 ? 31 HOH A O   1 
HETATM 479 O O   . HOH D 2 .  ? -1.566  3.293  4.638   1.00 20.71 ? 32 HOH A O   1 
HETATM 480 O O   . HOH D 2 .  ? -18.904 2.959  -25.746 1.00 24.54 ? 33 HOH A O   1 
HETATM 481 O O   . HOH D 2 .  ? -5.962  0.128  3.934   1.00 16.14 ? 34 HOH A O   1 
HETATM 482 O O   . HOH D 2 .  ? 3.247   -3.667 6.559   1.00 14.51 ? 35 HOH A O   1 
HETATM 483 O O   . HOH D 2 .  ? -15.240 1.728  -23.294 1.00 14.34 ? 36 HOH A O   1 
HETATM 484 O O   . HOH D 2 .  ? -0.787  -4.147 8.696   1.00 19.88 ? 37 HOH A O   1 
HETATM 485 O O   . HOH D 2 .  ? 23.090  5.118  14.742  1.00 15.54 ? 38 HOH A O   1 
HETATM 486 O O   . HOH D 2 .  ? -13.379 4.040  -5.812  1.00 25.88 ? 39 HOH A O   1 
HETATM 487 O O   . HOH D 2 .  ? -4.345  2.950  4.028   0.50 12.54 ? 40 HOH A O   1 
HETATM 488 O O   . HOH D 2 .  ? 16.001  -1.143 9.008   1.00 15.89 ? 41 HOH A O   1 
HETATM 489 O O   . HOH D 2 .  ? 21.270  -3.454 18.527  1.00 19.79 ? 43 HOH A O   1 
HETATM 490 O O   . HOH D 2 .  ? 10.948  -6.544 11.047  1.00 16.43 ? 45 HOH A O   1 
HETATM 491 O O   . HOH D 2 .  ? 1.059   -5.290 6.976   1.00 26.37 ? 46 HOH A O   1 
HETATM 492 O O   . HOH D 2 .  ? 8.982   -6.676 7.079   1.00 21.05 ? 50 HOH A O   1 
HETATM 493 O O   . HOH D 2 .  ? 4.643   -2.516 12.354  1.00 14.52 ? 51 HOH A O   1 
HETATM 494 O O   . HOH D 2 .  ? -7.263  3.331  -15.702 1.00 7.33  ? 62 HOH A O   1 
HETATM 495 O O   . HOH D 2 .  ? 19.760  -4.383 9.303   1.00 11.15 ? 69 HOH A O   1 
HETATM 496 O O   . HOH D 2 .  ? 23.514  -2.756 15.970  1.00 17.74 ? 74 HOH A O   1 
HETATM 497 O O   . HOH D 2 .  ? -8.194  4.012  -4.350  1.00 32.53 ? 76 HOH A O   1 
HETATM 498 O O   . HOH D 2 .  ? 15.418  -3.651 7.952   1.00 11.22 ? 78 HOH A O   1 
HETATM 499 O O   . HOH D 2 .  ? 23.493  -4.521 20.053  1.00 24.30 ? 84 HOH A O   1 
HETATM 500 O O   . HOH D 2 .  ? -6.427  4.638  -1.218  1.00 18.19 ? 86 HOH A O   1 
HETATM 501 O O   . HOH D 2 .  ? -18.104 -4.801 -24.596 1.00 36.48 ? 87 HOH A O   1 
HETATM 502 O O   . HOH D 2 .  ? -0.177  -7.113 5.173   1.00 39.64 ? 92 HOH A O   1 
HETATM 503 O O   . HOH E 2 .  ? -15.302 2.539  -9.036  1.00 15.12 ? 27 HOH B O   1 
HETATM 504 O O   . HOH E 2 .  ? 19.580  7.009  15.403  1.00 15.10 ? 28 HOH B O   1 
HETATM 505 O O   . HOH E 2 .  ? -14.146 -6.999 -9.611  1.00 10.64 ? 29 HOH B O   1 
HETATM 506 O O   . HOH E 2 .  ? -9.438  -1.359 -2.264  1.00 8.23  ? 30 HOH B O   1 
HETATM 507 O O   . HOH E 2 .  ? -17.527 -1.220 -9.266  1.00 22.55 ? 31 HOH B O   1 
HETATM 508 O O   . HOH E 2 .  ? -10.233 -4.736 -4.756  1.00 12.90 ? 32 HOH B O   1 
HETATM 509 O O   . HOH E 2 .  ? -20.591 4.280  -15.149 1.00 9.72  ? 34 HOH B O   1 
HETATM 510 O O   . HOH E 2 .  ? -12.384 -6.181 -5.726  1.00 8.75  ? 35 HOH B O   1 
HETATM 511 O O   . HOH E 2 .  ? 20.854  3.912  13.971  1.00 10.88 ? 36 HOH B O   1 
HETATM 512 O O   . HOH E 2 .  ? -11.470 -3.292 -2.522  1.00 22.97 ? 37 HOH B O   1 
HETATM 513 O O   . HOH E 2 .  ? -18.536 3.998  -18.109 1.00 10.83 ? 38 HOH B O   1 
HETATM 514 O O   . HOH E 2 .  ? -21.988 1.421  -26.632 1.00 23.35 ? 39 HOH B O   1 
HETATM 515 O O   . HOH E 2 .  ? -13.080 5.619  -9.853  1.00 17.29 ? 40 HOH B O   1 
HETATM 516 O O   . HOH E 2 .  ? 5.024   -5.798 7.236   1.00 23.37 ? 41 HOH B O   1 
HETATM 517 O O   . HOH E 2 .  ? 10.998  7.082  10.680  1.00 23.28 ? 42 HOH B O   1 
HETATM 518 O O   . HOH E 2 .  ? -28.966 2.527  -20.829 1.00 25.51 ? 44 HOH B O   1 
HETATM 519 O O   . HOH E 2 .  ? 7.908   -3.753 1.516   1.00 25.42 ? 49 HOH B O   1 
HETATM 520 O O   . HOH E 2 .  ? 26.853  6.889  25.133  1.00 29.92 ? 52 HOH B O   1 
HETATM 521 O O   . HOH E 2 .  ? 4.805   -6.242 -0.137  1.00 25.44 ? 55 HOH B O   1 
HETATM 522 O O   . HOH E 2 .  ? -25.769 2.509  -18.078 1.00 16.32 ? 56 HOH B O   1 
HETATM 523 O O   . HOH E 2 .  ? -8.679  -5.132 -2.567  1.00 25.63 ? 57 HOH B O   1 
HETATM 524 O O   . HOH E 2 .  ? -28.341 1.897  -17.501 1.00 26.50 ? 58 HOH B O   1 
HETATM 525 O O   . HOH E 2 .  ? 7.214   -5.149 5.531   1.00 21.31 ? 59 HOH B O   1 
HETATM 526 O O   . HOH E 2 .  ? 9.776   -3.991 3.456   1.00 24.64 ? 60 HOH B O   1 
HETATM 527 O O   . HOH E 2 .  ? -23.215 3.495  -15.323 1.00 10.70 ? 61 HOH B O   1 
HETATM 528 O O   . HOH E 2 .  ? 25.959  7.238  21.139  1.00 12.39 ? 64 HOH B O   1 
HETATM 529 O O   . HOH E 2 .  ? 14.450  5.830  20.504  1.00 8.75  ? 68 HOH B O   1 
HETATM 530 O O   . HOH E 2 .  ? -28.801 4.189  -22.781 1.00 31.46 ? 72 HOH B O   1 
HETATM 531 O O   . HOH E 2 .  ? -25.329 4.816  -16.710 1.00 11.46 ? 73 HOH B O   1 
HETATM 532 O O   . HOH E 2 .  ? -18.266 2.262  -9.444  1.00 17.91 ? 75 HOH B O   1 
HETATM 533 O O   . HOH E 2 .  ? -23.597 1.225  -16.814 1.00 12.76 ? 79 HOH B O   1 
HETATM 534 O O   . HOH E 2 .  ? -14.528 4.539  -7.909  1.00 22.80 ? 83 HOH B O   1 
HETATM 535 O O   . HOH E 2 .  ? 0.510   -6.640 0.350   1.00 24.22 ? 85 HOH B O   1 
HETATM 536 O O   . HOH E 2 .  ? 7.631   -6.812 3.272   1.00 47.63 ? 94 HOH B O   1 
HETATM 537 O O   . HOH F 2 .  ? 4.602   4.955  11.101  1.00 21.93 ? 27 HOH C O   1 
HETATM 538 O O   . HOH F 2 .  ? 10.696  0.611  18.254  1.00 13.08 ? 28 HOH C O   1 
HETATM 539 O O   . HOH F 2 .  ? 13.183  4.795  18.316  1.00 6.38  ? 29 HOH C O   1 
HETATM 540 O O   . HOH F 2 .  ? 4.710   3.500  8.568   1.00 9.42  ? 30 HOH C O   1 
HETATM 541 O O   . HOH F 2 .  ? 13.670  -4.814 20.600  1.00 10.33 ? 31 HOH C O   1 
HETATM 542 O O   . HOH F 2 .  ? -14.363 -5.783 -16.362 1.00 7.55  ? 32 HOH C O   1 
HETATM 543 O O   . HOH F 2 .  ? -23.844 -1.565 -15.941 1.00 12.06 ? 33 HOH C O   1 
HETATM 544 O O   . HOH F 2 .  ? -23.231 -5.315 -15.887 1.00 12.23 ? 34 HOH C O   1 
HETATM 545 O O   . HOH F 2 .  ? -7.297  -3.312 -13.551 1.00 7.82  ? 35 HOH C O   1 
HETATM 546 O O   . HOH F 2 .  ? -4.688  3.101  -12.228 1.00 14.19 ? 36 HOH C O   1 
HETATM 547 O O   . HOH F 2 .  ? -8.127  -4.241 -17.876 1.00 15.94 ? 37 HOH C O   1 
HETATM 548 O O   . HOH F 2 .  ? -12.872 -4.915 -18.757 1.00 13.23 ? 38 HOH C O   1 
HETATM 549 O O   . HOH F 2 .  ? -24.056 -6.751 -18.080 1.00 18.18 ? 47 HOH C O   1 
HETATM 550 O O   . HOH F 2 .  ? 17.111  -2.431 22.201  1.00 20.85 ? 48 HOH C O   1 
HETATM 551 O O   . HOH F 2 .  ? -0.446  1.513  -10.690 1.00 24.48 ? 53 HOH C O   1 
HETATM 552 O O   . HOH F 2 .  ? -24.013 -5.519 -20.548 1.00 27.57 ? 54 HOH C O   1 
HETATM 553 O O   . HOH F 2 .  ? 10.730  5.998  18.091  1.00 9.95  ? 63 HOH C O   1 
HETATM 554 O O   . HOH F 2 .  ? -7.287  -6.693 -17.255 1.00 8.71  ? 65 HOH C O   1 
HETATM 555 O O   . HOH F 2 .  ? 12.818  -4.467 23.182  1.00 8.26  ? 66 HOH C O   1 
HETATM 556 O O   . HOH F 2 .  ? -26.704 -7.990 -18.758 1.00 23.53 ? 67 HOH C O   1 
HETATM 557 O O   . HOH F 2 .  ? -4.751  -5.134 -10.467 1.00 11.40 ? 70 HOH C O   1 
HETATM 558 O O   . HOH F 2 .  ? -17.635 -7.078 -12.918 1.00 15.71 ? 71 HOH C O   1 
HETATM 559 O O   . HOH F 2 .  ? -15.717 -5.477 -11.674 1.00 10.13 ? 77 HOH C O   1 
HETATM 560 O O   . HOH F 2 .  ? -17.484 -5.015 -9.601  1.00 18.11 ? 80 HOH C O   1 
HETATM 561 O O   . HOH F 2 .  ? 16.673  -0.851 24.570  1.00 25.88 ? 81 HOH C O   1 
HETATM 562 O O   . HOH F 2 .  ? 10.408  -2.338 18.027  1.00 16.86 ? 82 HOH C O   1 
HETATM 563 O O   . HOH F 2 .  ? 3.159   5.100  0.535   1.00 31.29 ? 88 HOH C O   1 
HETATM 564 O O   . HOH F 2 .  ? 3.210   4.911  -2.493  1.00 32.22 ? 89 HOH C O   1 
HETATM 565 O O   . HOH F 2 .  ? 9.666   5.614  9.071   1.00 30.91 ? 90 HOH C O   1 
HETATM 566 O O   . HOH F 2 .  ? 20.125  -2.560 21.452  1.00 21.98 ? 91 HOH C O   1 
HETATM 567 O O   . HOH F 2 .  ? 7.470   7.153  7.909   1.00 39.87 ? 93 HOH C O   1 
# 
loop_
_atom_site_anisotrop.id 
_atom_site_anisotrop.type_symbol 
_atom_site_anisotrop.pdbx_label_atom_id 
_atom_site_anisotrop.pdbx_label_alt_id 
_atom_site_anisotrop.pdbx_label_comp_id 
_atom_site_anisotrop.pdbx_label_asym_id 
_atom_site_anisotrop.pdbx_label_seq_id 
_atom_site_anisotrop.pdbx_PDB_ins_code 
_atom_site_anisotrop.U[1][1] 
_atom_site_anisotrop.U[2][2] 
_atom_site_anisotrop.U[3][3] 
_atom_site_anisotrop.U[1][2] 
_atom_site_anisotrop.U[1][3] 
_atom_site_anisotrop.U[2][3] 
_atom_site_anisotrop.pdbx_auth_seq_id 
_atom_site_anisotrop.pdbx_auth_comp_id 
_atom_site_anisotrop.pdbx_auth_asym_id 
_atom_site_anisotrop.pdbx_auth_atom_id 
1   C C   . ACE A 1  ? 0.2874 0.2202 0.2620 -0.0161 -0.0105 0.0492  1  ACE A C   
2   O O   . ACE A 1  ? 0.3493 0.2587 0.3069 -0.0141 -0.0062 0.0586  1  ACE A O   
3   C CH3 . ACE A 1  ? 0.2596 0.1654 0.2391 -0.0109 0.0063  0.0747  1  ACE A CH3 
4   N N   . GLY A 2  ? 0.2309 0.1972 0.2527 -0.0155 -0.0090 0.0453  2  GLY A N   
5   C CA  . GLY A 2  ? 0.2138 0.1957 0.2335 -0.0179 -0.0144 0.0453  2  GLY A CA  
6   C C   . GLY A 2  ? 0.1811 0.1840 0.2299 -0.0205 -0.0210 0.0413  2  GLY A C   
7   O O   . GLY A 2  ? 0.1751 0.1865 0.2740 -0.0237 -0.0124 0.0438  2  GLY A O   
8   N N   . PRO A 3  ? 0.1555 0.1383 0.1970 -0.0128 -0.0150 0.0488  3  PRO A N   
9   C CA  . PRO A 3  ? 0.1311 0.1449 0.1858 -0.0003 0.0066  0.0547  3  PRO A CA  
10  C C   . PRO A 3  ? 0.1206 0.1504 0.1758 -0.0113 0.0028  0.0570  3  PRO A C   
11  O O   . PRO A 3  ? 0.1386 0.1537 0.1456 -0.0077 -0.0109 0.0462  3  PRO A O   
12  C CB  . PRO A 3  ? 0.1501 0.1330 0.1642 -0.0208 -0.0030 0.0342  3  PRO A CB  
13  C CG  . PRO A 3  ? 0.1666 0.1916 0.2297 0.0058  -0.0086 0.0335  3  PRO A CG  
14  C CD  . PRO A 3  ? 0.1681 0.1705 0.2222 -0.0172 -0.0010 0.0444  3  PRO A CD  
15  N N   . HYP A 4  ? 0.1042 0.1474 0.1524 0.0030  0.0185  0.0534  4  HYP A N   
16  C CA  . HYP A 4  ? 0.1080 0.1455 0.1543 0.0035  0.0230  0.0482  4  HYP A CA  
17  C C   . HYP A 4  ? 0.0875 0.0932 0.1007 0.0068  0.0458  0.0228  4  HYP A C   
18  O O   . HYP A 4  ? 0.1215 0.0940 0.1396 0.0031  0.0396  0.0451  4  HYP A O   
19  C CB  . HYP A 4  ? 0.0849 0.1398 0.1487 -0.0009 0.0488  0.0349  4  HYP A CB  
20  C CG  . HYP A 4  ? 0.1065 0.1929 0.1538 -0.0017 0.0345  0.0633  4  HYP A CG  
21  C CD  . HYP A 4  ? 0.1118 0.1288 0.1841 0.0048  0.0321  0.0623  4  HYP A CD  
22  O OD1 . HYP A 4  ? 0.1218 0.1759 0.2986 -0.0281 0.0156  0.0753  4  HYP A OD1 
23  N N   . GLY A 5  ? 0.0652 0.0732 0.0834 0.0187  0.0194  0.0111  5  GLY A N   
24  C CA  . GLY A 5  ? 0.0789 0.0452 0.0541 0.0179  0.0130  0.0177  5  GLY A CA  
25  C C   . GLY A 5  ? 0.0752 0.0515 0.0657 0.0218  0.0140  0.0200  5  GLY A C   
26  O O   . GLY A 5  ? 0.0985 0.0856 0.1026 0.0375  0.0108  0.0190  5  GLY A O   
27  N N   . PRO A 6  ? 0.0873 0.0677 0.0787 0.0245  0.0197  -0.0061 6  PRO A N   
28  C CA  . PRO A 6  ? 0.0994 0.0681 0.0883 0.0150  0.0032  -0.0012 6  PRO A CA  
29  C C   . PRO A 6  ? 0.0785 0.0418 0.0640 0.0105  0.0134  -0.0043 6  PRO A C   
30  O O   . PRO A 6  ? 0.0926 0.0342 0.0985 0.0042  0.0248  -0.0089 6  PRO A O   
31  C CB  . PRO A 6  ? 0.1484 0.0594 0.0907 0.0128  -0.0041 0.0267  6  PRO A CB  
32  C CG  . PRO A 6  ? 0.1105 0.0574 0.1237 -0.0208 0.0604  -0.0062 6  PRO A CG  
33  C CD  . PRO A 6  ? 0.0917 0.0780 0.0859 0.0258  0.0144  0.0126  6  PRO A CD  
34  N N   . HYP A 7  ? 0.0852 0.0385 0.0915 0.0078  0.0105  -0.0177 7  HYP A N   
35  C CA  . HYP A 7  ? 0.0718 0.0407 0.0760 0.0044  0.0126  0.0001  7  HYP A CA  
36  C C   . HYP A 7  ? 0.0460 0.0341 0.0759 -0.0026 0.0066  0.0163  7  HYP A C   
37  O O   . HYP A 7  ? 0.1015 0.0544 0.1199 0.0051  0.0014  0.0327  7  HYP A O   
38  C CB  . HYP A 7  ? 0.1046 0.0913 0.0994 0.0131  0.0250  -0.0140 7  HYP A CB  
39  C CG  . HYP A 7  ? 0.1017 0.0830 0.0859 -0.0068 0.0214  -0.0367 7  HYP A CG  
40  C CD  . HYP A 7  ? 0.1020 0.0664 0.0923 0.0043  0.0191  -0.0367 7  HYP A CD  
41  O OD1 . HYP A 7  ? 0.1338 0.1560 0.1415 0.0124  0.0936  -0.0571 7  HYP A OD1 
42  N N   . GLY A 8  ? 0.0562 0.0493 0.0897 -0.0051 0.0073  0.0027  8  GLY A N   
43  C CA  . GLY A 8  ? 0.0526 0.0661 0.0693 -0.0130 0.0115  -0.0001 8  GLY A CA  
44  C C   . GLY A 8  ? 0.0516 0.0391 0.0585 -0.0050 0.0054  0.0087  8  GLY A C   
45  O O   . GLY A 8  ? 0.0736 0.0513 0.0554 -0.0139 0.0210  -0.0157 8  GLY A O   
46  N N   . PRO A 9  ? 0.0708 0.0713 0.0701 -0.0245 0.0054  -0.0016 9  PRO A N   
47  C CA  . PRO A 9  ? 0.0577 0.0567 0.0787 -0.0223 -0.0018 0.0028  9  PRO A CA  
48  C C   . PRO A 9  ? 0.0567 0.0770 0.0853 -0.0061 0.0117  -0.0184 9  PRO A C   
49  O O   . PRO A 9  ? 0.0518 0.0974 0.0950 -0.0067 -0.0164 -0.0200 9  PRO A O   
50  C CB  . PRO A 9  ? 0.0746 0.1315 0.0886 -0.0208 0.0047  0.0030  9  PRO A CB  
51  C CG  . PRO A 9  ? 0.0940 0.1081 0.1013 -0.0339 0.0191  0.0068  9  PRO A CG  
52  C CD  . PRO A 9  ? 0.0637 0.0598 0.0736 -0.0211 0.0168  0.0066  9  PRO A CD  
53  N N   . HYP A 10 ? 0.0828 0.0720 0.1022 -0.0004 -0.0205 -0.0022 10 HYP A N   
54  C CA  . HYP A 10 ? 0.0796 0.0708 0.0957 -0.0045 -0.0221 -0.0090 10 HYP A CA  
55  C C   . HYP A 10 ? 0.0938 0.0735 0.0807 0.0098  -0.0132 -0.0137 10 HYP A C   
56  O O   . HYP A 10 ? 0.1020 0.0933 0.0658 0.0076  -0.0254 0.0001  10 HYP A O   
57  C CB  . HYP A 10 ? 0.0998 0.1017 0.1361 -0.0215 -0.0240 -0.0106 10 HYP A CB  
58  C CG  . HYP A 10 ? 0.1021 0.0867 0.1294 -0.0069 -0.0344 -0.0236 10 HYP A CG  
59  C CD  . HYP A 10 ? 0.0810 0.0907 0.1163 -0.0140 -0.0108 -0.0071 10 HYP A CD  
60  O OD1 . HYP A 10 ? 0.1347 0.1042 0.1539 0.0336  0.0008  -0.0440 10 HYP A OD1 
61  N N   . GLY A 11 ? 0.0783 0.0827 0.0715 0.0134  -0.0075 -0.0021 11 GLY A N   
62  C CA  . GLY A 11 ? 0.0550 0.0860 0.0924 0.0009  -0.0041 0.0026  11 GLY A CA  
63  C C   . GLY A 11 ? 0.0600 0.1056 0.0831 0.0085  -0.0102 0.0046  11 GLY A C   
64  O O   . GLY A 11 ? 0.0886 0.1037 0.0840 0.0237  -0.0158 0.0001  11 GLY A O   
65  N N   . LYS A 12 ? 0.0699 0.1128 0.1093 0.0140  -0.0137 -0.0033 12 LYS A N   
66  C CA  . LYS A 12 ? 0.0726 0.1356 0.1118 0.0101  -0.0019 -0.0059 12 LYS A CA  
67  C C   . LYS A 12 ? 0.0747 0.1187 0.0878 0.0112  -0.0044 0.0041  12 LYS A C   
68  O O   . LYS A 12 ? 0.0849 0.1449 0.0951 -0.0088 -0.0108 0.0259  12 LYS A O   
69  C CB  . LYS A 12 ? 0.0664 0.1694 0.1546 0.0201  0.0121  -0.0218 12 LYS A CB  
70  C CG  . LYS A 12 ? 0.1131 0.1752 0.1813 0.0098  0.0075  -0.0331 12 LYS A CG  
71  C CD  . LYS A 12 ? 0.1287 0.2324 0.2820 0.0718  0.0582  -0.0350 12 LYS A CD  
72  C CE  . LYS A 12 ? 0.2541 0.2350 0.3879 0.0672  0.0206  -0.0383 12 LYS A CE  
73  N NZ  . LYS A 12 ? 0.3476 0.1648 0.4393 0.0401  -0.0156 0.0197  12 LYS A NZ  
74  N N   . LEU A 13 ? 0.0721 0.0952 0.0575 -0.0035 -0.0095 0.0063  13 LEU A N   
75  C CA  . LEU A 13 ? 0.0923 0.1119 0.0626 -0.0072 -0.0093 -0.0098 13 LEU A CA  
76  C C   . LEU A 13 ? 0.0756 0.1227 0.0587 -0.0136 0.0092  -0.0108 13 LEU A C   
77  O O   . LEU A 13 ? 0.0881 0.1053 0.0537 -0.0002 -0.0118 0.0058  13 LEU A O   
78  C CB  . LEU A 13 ? 0.0986 0.1381 0.0741 -0.0124 -0.0273 -0.0060 13 LEU A CB  
79  C CG  . LEU A 13 ? 0.0965 0.1184 0.0706 -0.0251 -0.0157 -0.0316 13 LEU A CG  
80  C CD1 . LEU A 13 ? 0.2026 0.0905 0.1020 0.0053  -0.0218 -0.0519 13 LEU A CD1 
81  C CD2 . LEU A 13 ? 0.0913 0.2107 0.1411 -0.0525 -0.0144 0.0179  13 LEU A CD2 
82  N N   . GLY A 14 ? 0.0823 0.1253 0.0332 0.0187  -0.0103 0.0022  14 GLY A N   
83  C CA  . GLY A 14 ? 0.0736 0.1119 0.0526 -0.0109 0.0012  0.0013  14 GLY A CA  
84  C C   . GLY A 14 ? 0.0816 0.1015 0.0621 -0.0076 -0.0134 -0.0054 14 GLY A C   
85  O O   . GLY A 14 ? 0.0857 0.1030 0.0346 -0.0293 -0.0111 -0.0161 14 GLY A O   
86  N N   . PRO A 15 ? 0.0859 0.0918 0.0554 -0.0228 -0.0099 -0.0127 15 PRO A N   
87  C CA  . PRO A 15 ? 0.0806 0.0963 0.0776 -0.0133 -0.0088 0.0031  15 PRO A CA  
88  C C   . PRO A 15 ? 0.0572 0.0892 0.0523 0.0011  -0.0021 -0.0002 15 PRO A C   
89  O O   . PRO A 15 ? 0.0617 0.1518 0.0674 -0.0033 0.0066  -0.0019 15 PRO A O   
90  C CB  . PRO A 15 ? 0.1156 0.1205 0.1063 -0.0056 0.0062  0.0043  15 PRO A CB  
91  C CG  . PRO A 15 ? 0.1726 0.1513 0.1767 -0.0214 -0.0245 0.0175  15 PRO A CG  
92  C CD  . PRO A 15 ? 0.1038 0.1111 0.1003 -0.0275 -0.0092 0.0130  15 PRO A CD  
93  N N   . HYP A 16 ? 0.0768 0.0998 0.0493 0.0012  -0.0146 -0.0022 16 HYP A N   
94  C CA  . HYP A 16 ? 0.0683 0.0947 0.0342 0.0039  -0.0188 -0.0084 16 HYP A CA  
95  C C   . HYP A 16 ? 0.1003 0.1001 0.0738 -0.0047 -0.0255 0.0005  16 HYP A C   
96  O O   . HYP A 16 ? 0.1561 0.1113 0.0802 -0.0284 -0.0337 -0.0258 16 HYP A O   
97  C CB  . HYP A 16 ? 0.0748 0.0782 0.0385 0.0215  -0.0048 -0.0151 16 HYP A CB  
98  C CG  . HYP A 16 ? 0.0873 0.1118 0.0443 0.0078  -0.0035 -0.0330 16 HYP A CG  
99  C CD  . HYP A 16 ? 0.0913 0.1159 0.0571 0.0084  -0.0013 -0.0071 16 HYP A CD  
100 O OD1 . HYP A 16 ? 0.1004 0.1306 0.0699 -0.0063 0.0160  0.0111  16 HYP A OD1 
101 N N   . GLY A 17 ? 0.0925 0.0921 0.0498 -0.0059 -0.0179 0.0002  17 GLY A N   
102 C CA  . GLY A 17 ? 0.1011 0.1179 0.0642 -0.0138 -0.0112 0.0045  17 GLY A CA  
103 C C   . GLY A 17 ? 0.1258 0.1267 0.0564 -0.0313 -0.0273 0.0083  17 GLY A C   
104 O O   . GLY A 17 ? 0.1388 0.0867 0.0618 -0.0216 -0.0400 0.0156  17 GLY A O   
105 N N   . PRO A 18 ? 0.1306 0.1274 0.0662 -0.0465 -0.0349 0.0102  18 PRO A N   
106 C CA  . PRO A 18 ? 0.1567 0.1216 0.0870 -0.0454 -0.0367 0.0055  18 PRO A CA  
107 C C   . PRO A 18 ? 0.1312 0.0777 0.0575 -0.0227 -0.0250 0.0258  18 PRO A C   
108 O O   . PRO A 18 ? 0.1455 0.0878 0.0586 -0.0353 -0.0114 0.0114  18 PRO A O   
109 C CB  . PRO A 18 ? 0.1345 0.1202 0.0660 -0.0524 -0.0319 0.0293  18 PRO A CB  
110 C CG  . PRO A 18 ? 0.2051 0.1650 0.1408 -0.0548 -0.0195 0.0010  18 PRO A CG  
111 C CD  . PRO A 18 ? 0.1594 0.1806 0.0624 -0.0479 -0.0366 0.0103  18 PRO A CD  
112 N N   . HYP A 19 ? 0.1410 0.0667 0.0498 -0.0062 -0.0113 0.0197  19 HYP A N   
113 C CA  . HYP A 19 ? 0.1185 0.0649 0.0564 0.0014  -0.0061 0.0156  19 HYP A CA  
114 C C   . HYP A 19 ? 0.0808 0.0661 0.0687 -0.0049 0.0040  0.0116  19 HYP A C   
115 O O   . HYP A 19 ? 0.0726 0.0634 0.0802 -0.0155 -0.0108 0.0096  19 HYP A O   
116 C CB  . HYP A 19 ? 0.1219 0.0822 0.0762 0.0123  -0.0031 0.0035  19 HYP A CB  
117 C CG  . HYP A 19 ? 0.1845 0.0623 0.0625 0.0160  0.0049  0.0065  19 HYP A CG  
118 C CD  . HYP A 19 ? 0.1920 0.0548 0.0516 -0.0003 -0.0112 0.0093  19 HYP A CD  
119 O OD1 . HYP A 19 ? 0.3017 0.0795 0.0717 0.0631  0.0320  -0.0097 19 HYP A OD1 
120 N N   . GLY A 20 ? 0.0712 0.0497 0.0575 -0.0146 0.0105  -0.0007 20 GLY A N   
121 C CA  . GLY A 20 ? 0.0589 0.0446 0.0607 0.0022  0.0198  -0.0030 20 GLY A CA  
122 C C   . GLY A 20 ? 0.0445 0.0261 0.0566 -0.0014 0.0096  -0.0051 20 GLY A C   
123 O O   . GLY A 20 ? 0.0546 0.0317 0.0788 0.0068  0.0077  -0.0023 20 GLY A O   
124 N N   . PRO A 21 ? 0.0474 0.0321 0.0496 0.0115  0.0078  0.0082  21 PRO A N   
125 C CA  . PRO A 21 ? 0.0298 0.0546 0.0524 -0.0027 0.0058  0.0197  21 PRO A CA  
126 C C   . PRO A 21 ? 0.0289 0.0432 0.0647 -0.0025 -0.0051 0.0155  21 PRO A C   
127 O O   . PRO A 21 ? 0.0399 0.0327 0.0455 -0.0005 0.0069  0.0109  21 PRO A O   
128 C CB  . PRO A 21 ? 0.0329 0.0653 0.0772 -0.0166 0.0059  -0.0002 21 PRO A CB  
129 C CG  . PRO A 21 ? 0.1043 0.0809 0.0617 0.0095  0.0231  0.0025  21 PRO A CG  
130 C CD  . PRO A 21 ? 0.0626 0.0592 0.0766 0.0188  -0.0064 -0.0159 21 PRO A CD  
131 N N   . HYP A 22 ? 0.0438 0.0409 0.0601 0.0028  0.0039  0.0194  22 HYP A N   
132 C CA  . HYP A 22 ? 0.0456 0.0325 0.0663 0.0051  -0.0075 0.0086  22 HYP A CA  
133 C C   . HYP A 22 ? 0.0547 0.0402 0.0487 -0.0046 -0.0115 0.0181  22 HYP A C   
134 O O   . HYP A 22 ? 0.0636 0.0739 0.0671 -0.0379 -0.0023 0.0022  22 HYP A O   
135 C CB  . HYP A 22 ? 0.0496 0.0329 0.0835 -0.0043 -0.0123 0.0211  22 HYP A CB  
136 C CG  . HYP A 22 ? 0.0513 0.0417 0.0954 -0.0078 -0.0002 0.0256  22 HYP A CG  
137 C CD  . HYP A 22 ? 0.0604 0.0510 0.0664 0.0121  0.0174  0.0324  22 HYP A CD  
138 O OD1 . HYP A 22 ? 0.0911 0.0291 0.1345 -0.0021 -0.0120 0.0111  22 HYP A OD1 
139 N N   . GLY A 23 ? 0.0648 0.0532 0.0622 -0.0087 0.0153  0.0074  23 GLY A N   
140 C CA  . GLY A 23 ? 0.0971 0.0598 0.0465 -0.0126 0.0104  0.0129  23 GLY A CA  
141 C C   . GLY A 23 ? 0.1078 0.0412 0.0473 -0.0038 0.0163  -0.0172 23 GLY A C   
142 O O   . GLY A 23 ? 0.1053 0.0299 0.0826 0.0003  -0.0196 -0.0051 23 GLY A O   
143 N N   . PRO A 24 ? 0.0951 0.0602 0.0706 -0.0054 0.0033  -0.0185 24 PRO A N   
144 C CA  . PRO A 24 ? 0.1261 0.0727 0.0728 0.0095  0.0065  -0.0100 24 PRO A CA  
145 C C   . PRO A 24 ? 0.1240 0.0624 0.0710 0.0032  0.0023  -0.0153 24 PRO A C   
146 O O   . PRO A 24 ? 0.1218 0.0501 0.0769 -0.0007 0.0013  -0.0163 24 PRO A O   
147 C CB  . PRO A 24 ? 0.1342 0.1054 0.0793 0.0245  0.0014  -0.0224 24 PRO A CB  
148 C CG  . PRO A 24 ? 0.1576 0.0833 0.1204 -0.0076 0.0076  -0.0157 24 PRO A CG  
149 C CD  . PRO A 24 ? 0.1200 0.0534 0.1035 0.0015  0.0061  -0.0269 24 PRO A CD  
150 N N   . HYP A 25 ? 0.1490 0.1078 0.0691 0.0058  0.0024  0.0040  25 HYP A N   
151 C CA  . HYP A 25 ? 0.1600 0.1253 0.0836 0.0025  -0.0080 0.0069  25 HYP A CA  
152 C C   . HYP A 25 ? 0.1822 0.1161 0.1245 -0.0045 -0.0336 -0.0265 25 HYP A C   
153 O O   . HYP A 25 ? 0.2310 0.1578 0.1424 0.0116  -0.0806 -0.0164 25 HYP A O   
154 C CB  . HYP A 25 ? 0.1652 0.1758 0.0782 0.0084  -0.0124 -0.0029 25 HYP A CB  
155 C CG  . HYP A 25 ? 0.1816 0.1623 0.0948 0.0024  0.0099  0.0275  25 HYP A CG  
156 C CD  . HYP A 25 ? 0.1669 0.1059 0.0902 0.0180  0.0215  0.0086  25 HYP A CD  
157 O OD1 . HYP A 25 ? 0.2036 0.1680 0.1472 0.0267  0.0588  0.0427  25 HYP A OD1 
158 N N   . NH2 A 26 ? 0.1018 0.2129 0.0952 -0.0586 -0.0184 -0.0183 26 NH2 A N   
159 C C   . ACE B 1  ? 0.3532 0.2638 0.2560 -0.0500 -0.0315 -0.0169 1  ACE B C   
160 O O   . ACE B 1  ? 0.3867 0.2537 0.2579 -0.0491 -0.0308 -0.0183 1  ACE B O   
161 C CH3 . ACE B 1  ? 0.3852 0.2592 0.2598 -0.0440 -0.0357 0.0072  1  ACE B CH3 
162 N N   . GLY B 2  ? 0.3399 0.2450 0.2457 -0.0345 -0.0304 -0.0090 2  GLY B N   
163 C CA  . GLY B 2  ? 0.2787 0.2273 0.2301 -0.0378 -0.0227 -0.0127 2  GLY B CA  
164 C C   . GLY B 2  ? 0.2287 0.2035 0.2036 -0.0398 -0.0125 -0.0065 2  GLY B C   
165 O O   . GLY B 2  ? 0.2759 0.1937 0.1381 -0.0556 -0.0044 -0.0489 2  GLY B O   
166 N N   . PRO B 3  ? 0.1646 0.1891 0.1487 -0.0481 -0.0144 -0.0092 3  PRO B N   
167 C CA  . PRO B 3  ? 0.1298 0.1630 0.1571 -0.0271 -0.0115 -0.0075 3  PRO B CA  
168 C C   . PRO B 3  ? 0.1149 0.1161 0.1158 -0.0142 -0.0078 -0.0139 3  PRO B C   
169 O O   . PRO B 3  ? 0.0908 0.1273 0.0932 -0.0003 -0.0076 -0.0242 3  PRO B O   
170 C CB  . PRO B 3  ? 0.1423 0.2007 0.1583 -0.0467 -0.0319 -0.0051 3  PRO B CB  
171 C CG  . PRO B 3  ? 0.1943 0.2644 0.2155 -0.0342 0.0072  0.0296  3  PRO B CG  
172 C CD  . PRO B 3  ? 0.1758 0.2228 0.2288 -0.0275 -0.0118 -0.0110 3  PRO B CD  
173 N N   . HYP B 4  ? 0.0859 0.0757 0.1069 -0.0080 -0.0104 -0.0226 4  HYP B N   
174 C CA  . HYP B 4  ? 0.0923 0.0672 0.1005 0.0061  -0.0057 -0.0224 4  HYP B CA  
175 C C   . HYP B 4  ? 0.0936 0.0544 0.0923 0.0123  -0.0020 -0.0026 4  HYP B C   
176 O O   . HYP B 4  ? 0.1117 0.0676 0.1071 -0.0043 0.0019  0.0036  4  HYP B O   
177 C CB  . HYP B 4  ? 0.1153 0.0727 0.1169 0.0128  -0.0299 -0.0185 4  HYP B CB  
178 C CG  . HYP B 4  ? 0.1412 0.0888 0.1302 0.0019  0.0026  -0.0312 4  HYP B CG  
179 C CD  . HYP B 4  ? 0.1447 0.0993 0.1289 0.0011  0.0106  -0.0281 4  HYP B CD  
180 O OD1 . HYP B 4  ? 0.1342 0.1035 0.1301 -0.0113 -0.0083 -0.0643 4  HYP B OD1 
181 N N   . GLY B 5  ? 0.0790 0.0343 0.0598 -0.0212 0.0061  -0.0070 5  GLY B N   
182 C CA  . GLY B 5  ? 0.0713 0.0344 0.0504 0.0061  0.0176  0.0096  5  GLY B CA  
183 C C   . GLY B 5  ? 0.0543 0.0288 0.0518 0.0053  0.0264  0.0073  5  GLY B C   
184 O O   . GLY B 5  ? 0.0763 0.0475 0.0636 0.0058  0.0230  0.0063  5  GLY B O   
185 N N   . PRO B 6  ? 0.0523 0.0523 0.0451 0.0124  0.0158  -0.0004 6  PRO B N   
186 C CA  . PRO B 6  ? 0.0504 0.0667 0.0474 -0.0087 0.0009  -0.0009 6  PRO B CA  
187 C C   . PRO B 6  ? 0.0587 0.0681 0.0292 -0.0042 0.0033  0.0119  6  PRO B C   
188 O O   . PRO B 6  ? 0.0659 0.0412 0.0400 -0.0003 0.0244  0.0002  6  PRO B O   
189 C CB  . PRO B 6  ? 0.0876 0.1050 0.0748 0.0074  0.0083  0.0112  6  PRO B CB  
190 C CG  . PRO B 6  ? 0.1605 0.0928 0.0791 0.0302  0.0018  -0.0182 6  PRO B CG  
191 C CD  . PRO B 6  ? 0.0666 0.0461 0.0613 -0.0059 0.0194  -0.0023 6  PRO B CD  
192 N N   . HYP B 7  ? 0.0809 0.0548 0.0623 0.0131  -0.0012 0.0180  7  HYP B N   
193 C CA  . HYP B 7  ? 0.0892 0.0541 0.0659 0.0115  0.0107  0.0003  7  HYP B CA  
194 C C   . HYP B 7  ? 0.0725 0.0712 0.0696 -0.0256 -0.0018 -0.0082 7  HYP B C   
195 O O   . HYP B 7  ? 0.0629 0.0978 0.0568 -0.0136 0.0005  0.0063  7  HYP B O   
196 C CB  . HYP B 7  ? 0.0966 0.1062 0.0763 -0.0243 -0.0022 0.0144  7  HYP B CB  
197 C CG  . HYP B 7  ? 0.1215 0.0621 0.1286 -0.0027 -0.0150 0.0506  7  HYP B CG  
198 C CD  . HYP B 7  ? 0.0815 0.1012 0.0882 -0.0044 0.0048  0.0558  7  HYP B CD  
199 O OD1 . HYP B 7  ? 0.1581 0.0759 0.1903 0.0470  -0.0348 0.0199  7  HYP B OD1 
200 N N   . GLY B 8  ? 0.0816 0.0669 0.0702 -0.0200 0.0235  -0.0159 8  GLY B N   
201 C CA  . GLY B 8  ? 0.0613 0.0685 0.0555 -0.0090 -0.0034 -0.0133 8  GLY B CA  
202 C C   . GLY B 8  ? 0.0524 0.0923 0.0680 -0.0103 0.0054  -0.0239 8  GLY B C   
203 O O   . GLY B 8  ? 0.0730 0.0996 0.0694 -0.0047 0.0096  -0.0339 8  GLY B O   
204 N N   . PRO B 9  ? 0.0692 0.0935 0.0624 0.0071  0.0101  -0.0325 9  PRO B N   
205 C CA  . PRO B 9  ? 0.0830 0.1241 0.0955 -0.0065 0.0050  -0.0192 9  PRO B CA  
206 C C   . PRO B 9  ? 0.0597 0.1231 0.0551 -0.0117 -0.0036 -0.0224 9  PRO B C   
207 O O   . PRO B 9  ? 0.0660 0.1015 0.0761 -0.0007 0.0106  -0.0245 9  PRO B O   
208 C CB  . PRO B 9  ? 0.1268 0.1341 0.1186 0.0167  -0.0180 -0.0358 9  PRO B CB  
209 C CG  . PRO B 9  ? 0.1534 0.1392 0.1339 -0.0435 0.0427  -0.0204 9  PRO B CG  
210 C CD  . PRO B 9  ? 0.0879 0.0962 0.1021 0.0083  0.0227  -0.0401 9  PRO B CD  
211 N N   . HYP B 10 ? 0.0579 0.1474 0.0529 -0.0067 0.0018  -0.0038 10 HYP B N   
212 C CA  . HYP B 10 ? 0.0698 0.1541 0.0651 -0.0017 -0.0045 -0.0163 10 HYP B CA  
213 C C   . HYP B 10 ? 0.0811 0.1530 0.0695 0.0065  -0.0046 -0.0072 10 HYP B C   
214 O O   . HYP B 10 ? 0.0705 0.1541 0.1028 0.0085  -0.0100 -0.0258 10 HYP B O   
215 C CB  . HYP B 10 ? 0.1053 0.1764 0.0763 -0.0089 -0.0160 -0.0110 10 HYP B CB  
216 C CG  . HYP B 10 ? 0.1189 0.1857 0.1039 0.0007  0.0179  0.0180  10 HYP B CG  
217 C CD  . HYP B 10 ? 0.0704 0.1842 0.0832 0.0125  0.0071  -0.0234 10 HYP B CD  
218 O OD1 . HYP B 10 ? 0.1542 0.2107 0.2239 -0.0382 0.0574  0.0485  10 HYP B OD1 
219 N N   . GLY B 11 ? 0.0542 0.1621 0.0907 0.0004  -0.0059 -0.0107 11 GLY B N   
220 C CA  . GLY B 11 ? 0.0440 0.1677 0.0955 0.0046  -0.0188 -0.0126 11 GLY B CA  
221 C C   . GLY B 11 ? 0.0717 0.1763 0.1262 0.0032  -0.0049 -0.0102 11 GLY B C   
222 O O   . GLY B 11 ? 0.0753 0.2223 0.1280 -0.0062 -0.0060 -0.0028 11 GLY B O   
223 N N   . LYS B 12 ? 0.0727 0.1935 0.1294 0.0011  -0.0228 -0.0255 12 LYS B N   
224 C CA  . LYS B 12 ? 0.1038 0.1995 0.1407 0.0154  -0.0195 -0.0277 12 LYS B CA  
225 C C   . LYS B 12 ? 0.0945 0.1979 0.1194 0.0082  -0.0134 -0.0360 12 LYS B C   
226 O O   . LYS B 12 ? 0.0634 0.1533 0.0914 -0.0181 -0.0016 -0.0376 12 LYS B O   
227 C CB  . LYS B 12 ? 0.1588 0.1972 0.1612 0.0118  -0.0258 0.0021  12 LYS B CB  
228 C CG  . LYS B 12 ? 0.2291 0.2482 0.3005 0.0309  -0.0606 0.0216  12 LYS B CG  
229 C CD  . LYS B 12 ? 0.3452 0.2834 0.4195 0.0096  -0.0710 0.0537  12 LYS B CD  
230 C CE  . LYS B 12 ? 0.4350 0.3352 0.5513 0.0392  -0.0850 0.0675  12 LYS B CE  
231 N NZ  . LYS B 12 ? 0.4930 0.3803 0.6280 -0.0179 -0.0914 0.0769  12 LYS B NZ  
232 N N   . LEU B 13 ? 0.0817 0.2272 0.1054 0.0289  -0.0147 -0.0375 13 LEU B N   
233 C CA  . LEU B 13 ? 0.1036 0.2265 0.1136 0.0138  -0.0142 -0.0333 13 LEU B CA  
234 C C   . LEU B 13 ? 0.0904 0.1938 0.0962 0.0137  -0.0197 -0.0290 13 LEU B C   
235 O O   . LEU B 13 ? 0.1076 0.2055 0.0927 0.0190  -0.0080 -0.0080 13 LEU B O   
236 C CB  . LEU B 13 ? 0.1116 0.2446 0.1346 0.0170  -0.0087 -0.0477 13 LEU B CB  
237 C CG  . LEU B 13 ? 0.1972 0.3075 0.2136 0.0388  -0.0471 -0.0511 13 LEU B CG  
238 C CD1 . LEU B 13 ? 0.1373 0.3435 0.3027 -0.0186 -0.0760 -0.0112 13 LEU B CD1 
239 C CD2 . LEU B 13 ? 0.1745 0.2970 0.1080 0.0891  -0.0009 -0.0050 13 LEU B CD2 
240 N N   . GLY B 14 ? 0.0958 0.1665 0.0731 -0.0024 -0.0176 -0.0208 14 GLY B N   
241 C CA  . GLY B 14 ? 0.0818 0.1636 0.0782 0.0116  -0.0226 -0.0197 14 GLY B CA  
242 C C   . GLY B 14 ? 0.0675 0.1326 0.0605 0.0014  -0.0092 -0.0166 14 GLY B C   
243 O O   . GLY B 14 ? 0.0893 0.1829 0.0605 -0.0013 0.0011  -0.0165 14 GLY B O   
244 N N   . PRO B 15 ? 0.0688 0.1010 0.0377 -0.0029 -0.0027 0.0034  15 PRO B N   
245 C CA  . PRO B 15 ? 0.0765 0.0977 0.0558 0.0062  -0.0157 -0.0032 15 PRO B CA  
246 C C   . PRO B 15 ? 0.0700 0.0709 0.0533 0.0014  -0.0095 -0.0074 15 PRO B C   
247 O O   . PRO B 15 ? 0.1054 0.1035 0.0491 -0.0063 -0.0099 -0.0056 15 PRO B O   
248 C CB  . PRO B 15 ? 0.1118 0.0915 0.0618 -0.0144 0.0025  0.0188  15 PRO B CB  
249 C CG  . PRO B 15 ? 0.0741 0.1067 0.0815 -0.0110 -0.0210 0.0017  15 PRO B CG  
250 C CD  . PRO B 15 ? 0.0683 0.1346 0.0640 0.0144  -0.0184 -0.0009 15 PRO B CD  
251 N N   . HYP B 16 ? 0.0651 0.0744 0.0502 0.0103  -0.0081 -0.0234 16 HYP B N   
252 C CA  . HYP B 16 ? 0.0809 0.0865 0.0601 -0.0023 -0.0102 -0.0087 16 HYP B CA  
253 C C   . HYP B 16 ? 0.0802 0.0886 0.0563 -0.0026 -0.0010 -0.0048 16 HYP B C   
254 O O   . HYP B 16 ? 0.0835 0.0865 0.0532 -0.0092 0.0038  0.0094  16 HYP B O   
255 C CB  . HYP B 16 ? 0.0791 0.0961 0.0680 0.0062  -0.0008 -0.0175 16 HYP B CB  
256 C CG  . HYP B 16 ? 0.0653 0.1095 0.0851 -0.0063 -0.0015 -0.0305 16 HYP B CG  
257 C CD  . HYP B 16 ? 0.0979 0.1009 0.0697 -0.0099 0.0003  -0.0154 16 HYP B CD  
258 O OD1 . HYP B 16 ? 0.0942 0.1303 0.1213 0.0297  0.0274  -0.0223 16 HYP B OD1 
259 N N   . GLY B 17 ? 0.0669 0.0833 0.0535 -0.0033 0.0045  -0.0015 17 GLY B N   
260 C CA  . GLY B 17 ? 0.0643 0.0613 0.0350 -0.0062 -0.0002 -0.0029 17 GLY B CA  
261 C C   . GLY B 17 ? 0.0686 0.0706 0.0500 0.0049  0.0067  -0.0066 17 GLY B C   
262 O O   . GLY B 17 ? 0.0745 0.0826 0.0792 0.0073  -0.0018 0.0027  17 GLY B O   
263 N N   . PRO B 18 ? 0.0711 0.0741 0.0560 0.0143  0.0054  -0.0020 18 PRO B N   
264 C CA  . PRO B 18 ? 0.0599 0.0699 0.0653 0.0103  0.0086  0.0028  18 PRO B CA  
265 C C   . PRO B 18 ? 0.0448 0.0492 0.0666 0.0206  -0.0006 -0.0100 18 PRO B C   
266 O O   . PRO B 18 ? 0.0555 0.0818 0.0772 0.0003  0.0139  0.0128  18 PRO B O   
267 C CB  . PRO B 18 ? 0.0674 0.1169 0.0990 0.0127  0.0053  -0.0173 18 PRO B CB  
268 C CG  . PRO B 18 ? 0.1194 0.1110 0.1295 0.0242  0.0365  -0.0290 18 PRO B CG  
269 C CD  . PRO B 18 ? 0.1258 0.0764 0.0573 0.0213  0.0036  0.0026  18 PRO B CD  
270 N N   . HYP B 19 ? 0.0587 0.0713 0.0550 -0.0043 0.0000  -0.0033 19 HYP B N   
271 C CA  . HYP B 19 ? 0.0505 0.0694 0.0596 0.0037  -0.0135 0.0130  19 HYP B CA  
272 C C   . HYP B 19 ? 0.0729 0.0673 0.0436 0.0023  -0.0065 0.0102  19 HYP B C   
273 O O   . HYP B 19 ? 0.0863 0.0716 0.0636 0.0198  -0.0016 0.0052  19 HYP B O   
274 C CB  . HYP B 19 ? 0.0582 0.0555 0.0641 -0.0006 -0.0219 0.0179  19 HYP B CB  
275 C CG  . HYP B 19 ? 0.0768 0.0631 0.0664 0.0126  0.0075  -0.0010 19 HYP B CG  
276 C CD  . HYP B 19 ? 0.0380 0.0764 0.0680 -0.0091 0.0214  0.0015  19 HYP B CD  
277 O OD1 . HYP B 19 ? 0.0720 0.0610 0.1095 0.0104  0.0328  0.0072  19 HYP B OD1 
278 N N   . GLY B 20 ? 0.0637 0.0495 0.0351 0.0186  -0.0037 -0.0041 20 GLY B N   
279 C CA  . GLY B 20 ? 0.0460 0.0384 0.0610 -0.0053 -0.0061 0.0192  20 GLY B CA  
280 C C   . GLY B 20 ? 0.0315 0.0263 0.0603 0.0023  0.0107  0.0040  20 GLY B C   
281 O O   . GLY B 20 ? 0.0497 0.0410 0.0499 -0.0015 0.0038  0.0147  20 GLY B O   
282 N N   . PRO B 21 ? 0.0497 0.0363 0.0582 -0.0008 -0.0007 0.0077  21 PRO B N   
283 C CA  . PRO B 21 ? 0.0507 0.0477 0.0630 0.0043  -0.0044 0.0137  21 PRO B CA  
284 C C   . PRO B 21 ? 0.0424 0.0333 0.0590 0.0094  -0.0106 0.0026  21 PRO B C   
285 O O   . PRO B 21 ? 0.0351 0.0405 0.0772 0.0011  0.0173  -0.0021 21 PRO B O   
286 C CB  . PRO B 21 ? 0.0668 0.0361 0.1011 -0.0025 -0.0149 0.0091  21 PRO B CB  
287 C CG  . PRO B 21 ? 0.0650 0.0532 0.0782 -0.0125 0.0006  0.0217  21 PRO B CG  
288 C CD  . PRO B 21 ? 0.0377 0.0340 0.0870 -0.0033 0.0053  0.0036  21 PRO B CD  
289 N N   . HYP B 22 ? 0.0350 0.0308 0.0531 -0.0066 0.0077  -0.0006 22 HYP B N   
290 C CA  . HYP B 22 ? 0.0449 0.0388 0.0607 0.0023  0.0006  -0.0110 22 HYP B CA  
291 C C   . HYP B 22 ? 0.0579 0.0459 0.0649 -0.0183 0.0059  -0.0158 22 HYP B C   
292 O O   . HYP B 22 ? 0.0664 0.0372 0.0616 -0.0140 0.0014  -0.0037 22 HYP B O   
293 C CB  . HYP B 22 ? 0.0372 0.0467 0.0495 0.0122  -0.0003 -0.0149 22 HYP B CB  
294 C CG  . HYP B 22 ? 0.0612 0.0840 0.0506 -0.0199 0.0070  -0.0055 22 HYP B CG  
295 C CD  . HYP B 22 ? 0.0469 0.0522 0.0728 -0.0009 0.0090  -0.0277 22 HYP B CD  
296 O OD1 . HYP B 22 ? 0.1051 0.2149 0.0696 -0.0736 0.0096  0.0440  22 HYP B OD1 
297 N N   . GLY B 23 ? 0.0776 0.0343 0.0516 -0.0080 0.0132  -0.0100 23 GLY B N   
298 C CA  . GLY B 23 ? 0.0890 0.0417 0.0735 -0.0024 0.0103  -0.0038 23 GLY B CA  
299 C C   . GLY B 23 ? 0.0924 0.0445 0.0644 -0.0153 0.0054  0.0068  23 GLY B C   
300 O O   . GLY B 23 ? 0.0761 0.1026 0.0957 0.0029  0.0026  0.0267  23 GLY B O   
301 N N   . PRO B 24 ? 0.1076 0.0918 0.0534 0.0046  -0.0107 0.0124  24 PRO B N   
302 C CA  . PRO B 24 ? 0.1135 0.0938 0.0993 0.0154  0.0026  0.0102  24 PRO B CA  
303 C C   . PRO B 24 ? 0.1081 0.1243 0.1175 0.0186  -0.0036 0.0069  24 PRO B C   
304 O O   . PRO B 24 ? 0.1211 0.1077 0.1278 -0.0009 0.0017  0.0147  24 PRO B O   
305 C CB  . PRO B 24 ? 0.1293 0.1086 0.1029 0.0126  0.0019  0.0208  24 PRO B CB  
306 C CG  . PRO B 24 ? 0.1256 0.1268 0.0894 0.0072  0.0143  0.0257  24 PRO B CG  
307 C CD  . PRO B 24 ? 0.1113 0.0743 0.0644 -0.0093 -0.0068 0.0129  24 PRO B CD  
308 N N   . HYP B 25 ? 0.1052 0.1432 0.1715 0.0092  -0.0260 -0.0075 25 HYP B N   
309 C CA  . HYP B 25 ? 0.1080 0.1531 0.1975 0.0145  -0.0279 -0.0132 25 HYP B CA  
310 C C   . HYP B 25 ? 0.1462 0.1620 0.2042 0.0197  -0.0550 -0.0151 25 HYP B C   
311 O O   . HYP B 25 ? 0.1923 0.1505 0.2082 0.0122  -0.0702 -0.0270 25 HYP B O   
312 C CB  . HYP B 25 ? 0.1406 0.1785 0.2365 0.0203  -0.0238 -0.0162 25 HYP B CB  
313 C CG  . HYP B 25 ? 0.1359 0.1634 0.1739 0.0127  -0.0320 -0.0017 25 HYP B CG  
314 C CD  . HYP B 25 ? 0.1115 0.1563 0.1567 0.0189  -0.0238 -0.0021 25 HYP B CD  
315 O OD1 . HYP B 25 ? 0.1736 0.2010 0.2758 0.0259  0.0299  0.0630  25 HYP B OD1 
316 N N   . NH2 B 26 ? 0.2172 0.0941 0.2794 -0.0064 -0.1075 -0.0557 26 NH2 B N   
317 C C   . ACE C 1  ? 0.1691 0.2827 0.2193 0.0315  0.0062  0.0348  1  ACE C C   
318 O O   . ACE C 1  ? 0.1952 0.3262 0.1838 0.0256  -0.0094 0.0422  1  ACE C O   
319 C CH3 . ACE C 1  ? 0.1519 0.2782 0.2736 0.0450  0.0049  0.0369  1  ACE C CH3 
320 N N   . GLY C 2  ? 0.1393 0.2192 0.1797 0.0093  0.0033  0.0253  2  GLY C N   
321 C CA  . GLY C 2  ? 0.0997 0.1625 0.1220 0.0087  0.0146  0.0060  2  GLY C CA  
322 C C   . GLY C 2  ? 0.0921 0.1339 0.0745 0.0139  0.0151  -0.0071 2  GLY C C   
323 O O   . GLY C 2  ? 0.0961 0.1283 0.0936 0.0235  0.0218  0.0205  2  GLY C O   
324 N N   . PRO C 3  ? 0.0885 0.1011 0.0784 0.0203  0.0096  -0.0091 3  PRO C N   
325 C CA  . PRO C 3  ? 0.0856 0.0969 0.0796 0.0020  0.0115  -0.0031 3  PRO C CA  
326 C C   . PRO C 3  ? 0.0409 0.0659 0.0718 0.0218  0.0139  0.0014  3  PRO C C   
327 O O   . PRO C 3  ? 0.0819 0.0703 0.0789 0.0125  0.0182  0.0139  3  PRO C O   
328 C CB  . PRO C 3  ? 0.0506 0.1374 0.0753 0.0098  0.0337  0.0042  3  PRO C CB  
329 C CG  . PRO C 3  ? 0.1009 0.1194 0.1176 -0.0068 0.0184  -0.0058 3  PRO C CG  
330 C CD  . PRO C 3  ? 0.1076 0.1035 0.0778 0.0096  0.0064  -0.0172 3  PRO C CD  
331 N N   . HYP C 4  ? 0.0466 0.0442 0.0742 0.0197  0.0080  0.0024  4  HYP C N   
332 C CA  . HYP C 4  ? 0.0418 0.0637 0.0627 0.0229  -0.0092 -0.0013 4  HYP C CA  
333 C C   . HYP C 4  ? 0.0292 0.0442 0.0421 0.0062  0.0012  -0.0050 4  HYP C C   
334 O O   . HYP C 4  ? 0.0829 0.0407 0.0612 0.0258  0.0059  -0.0090 4  HYP C O   
335 C CB  . HYP C 4  ? 0.0532 0.0415 0.0873 0.0161  -0.0208 0.0058  4  HYP C CB  
336 C CG  . HYP C 4  ? 0.0540 0.0388 0.0866 0.0055  0.0267  -0.0108 4  HYP C CG  
337 C CD  . HYP C 4  ? 0.0864 0.0618 0.0870 0.0232  0.0260  -0.0052 4  HYP C CD  
338 O OD1 . HYP C 4  ? 0.1051 0.0418 0.1544 0.0355  0.0309  0.0049  4  HYP C OD1 
339 N N   . GLY C 5  ? 0.0579 0.0389 0.0346 0.0145  -0.0018 -0.0089 5  GLY C N   
340 C CA  . GLY C 5  ? 0.0533 0.0328 0.0532 -0.0011 0.0078  -0.0069 5  GLY C CA  
341 C C   . GLY C 5  ? 0.0609 0.0394 0.0305 -0.0005 0.0010  0.0013  5  GLY C C   
342 O O   . GLY C 5  ? 0.0790 0.0374 0.0471 0.0039  0.0016  0.0150  5  GLY C O   
343 N N   . PRO C 6  ? 0.0536 0.0375 0.0667 0.0028  0.0046  -0.0005 6  PRO C N   
344 C CA  . PRO C 6  ? 0.0654 0.0511 0.0624 0.0174  0.0055  0.0021  6  PRO C CA  
345 C C   . PRO C 6  ? 0.0499 0.0582 0.0566 0.0277  -0.0126 -0.0077 6  PRO C C   
346 O O   . PRO C 6  ? 0.0754 0.0641 0.0569 0.0110  0.0112  0.0024  6  PRO C O   
347 C CB  . PRO C 6  ? 0.0983 0.0588 0.0938 0.0361  -0.0032 0.0095  6  PRO C CB  
348 C CG  . PRO C 6  ? 0.0985 0.0864 0.1465 -0.0076 0.0031  0.0301  6  PRO C CG  
349 C CD  . PRO C 6  ? 0.0924 0.0432 0.0649 -0.0136 -0.0025 0.0230  6  PRO C CD  
350 N N   . HYP C 7  ? 0.0670 0.0611 0.0793 0.0059  -0.0014 -0.0126 7  HYP C N   
351 C CA  . HYP C 7  ? 0.0495 0.0857 0.0503 0.0129  -0.0094 -0.0156 7  HYP C CA  
352 C C   . HYP C 7  ? 0.0743 0.0755 0.0668 -0.0027 -0.0061 -0.0135 7  HYP C C   
353 O O   . HYP C 7  ? 0.0968 0.0862 0.0777 -0.0034 0.0082  -0.0046 7  HYP C O   
354 C CB  . HYP C 7  ? 0.0712 0.0821 0.0568 0.0113  -0.0017 -0.0272 7  HYP C CB  
355 C CG  . HYP C 7  ? 0.0636 0.1022 0.0688 -0.0102 0.0264  -0.0154 7  HYP C CG  
356 C CD  . HYP C 7  ? 0.0550 0.0683 0.0766 0.0015  0.0061  -0.0298 7  HYP C CD  
357 O OD1 . HYP C 7  ? 0.1127 0.1235 0.1015 -0.0327 0.0125  0.0226  7  HYP C OD1 
358 N N   . GLY C 8  ? 0.0783 0.0883 0.0598 -0.0037 0.0052  -0.0167 8  GLY C N   
359 C CA  . GLY C 8  ? 0.0967 0.1027 0.0578 0.0058  0.0097  -0.0051 8  GLY C CA  
360 C C   . GLY C 8  ? 0.1005 0.1005 0.0730 0.0002  0.0072  -0.0129 8  GLY C C   
361 O O   . GLY C 8  ? 0.0783 0.1046 0.0889 0.0285  0.0007  -0.0112 8  GLY C O   
362 N N   . PRO C 9  ? 0.0965 0.1344 0.0880 -0.0053 -0.0009 0.0274  9  PRO C N   
363 C CA  . PRO C 9  ? 0.1166 0.1445 0.1001 -0.0088 -0.0050 0.0332  9  PRO C CA  
364 C C   . PRO C 9  ? 0.1089 0.1405 0.0744 0.0050  -0.0154 0.0222  9  PRO C C   
365 O O   . PRO C 9  ? 0.1199 0.1259 0.0885 0.0157  -0.0070 0.0080  9  PRO C O   
366 C CB  . PRO C 9  ? 0.1094 0.1870 0.0996 -0.0095 0.0009  0.0336  9  PRO C CB  
367 C CG  . PRO C 9  ? 0.1715 0.2264 0.1341 0.0165  0.0084  0.0419  9  PRO C CG  
368 C CD  . PRO C 9  ? 0.1493 0.1532 0.0792 -0.0058 0.0188  0.0135  9  PRO C CD  
369 N N   . HYP C 10 ? 0.1299 0.1512 0.1076 0.0185  -0.0029 0.0077  10 HYP C N   
370 C CA  . HYP C 10 ? 0.1226 0.1841 0.1204 0.0105  -0.0008 0.0149  10 HYP C CA  
371 C C   . HYP C 10 ? 0.1042 0.1813 0.0917 0.0038  -0.0030 0.0013  10 HYP C C   
372 O O   . HYP C 10 ? 0.1058 0.1944 0.0834 -0.0247 -0.0206 -0.0028 10 HYP C O   
373 C CB  . HYP C 10 ? 0.1300 0.1919 0.1408 0.0208  -0.0012 0.0159  10 HYP C CB  
374 C CG  . HYP C 10 ? 0.1551 0.1824 0.1831 0.0492  -0.0050 0.0325  10 HYP C CG  
375 C CD  . HYP C 10 ? 0.1682 0.1855 0.1435 0.0145  -0.0111 0.0338  10 HYP C CD  
376 O OD1 . HYP C 10 ? 0.1973 0.2721 0.2244 0.0471  0.0511  0.0657  10 HYP C OD1 
377 N N   . GLY C 11 ? 0.1206 0.1924 0.0745 -0.0114 0.0056  0.0158  11 GLY C N   
378 C CA  . GLY C 11 ? 0.1018 0.2061 0.0887 -0.0251 -0.0131 -0.0026 11 GLY C CA  
379 C C   . GLY C 11 ? 0.0881 0.1910 0.0913 -0.0365 0.0005  0.0012  11 GLY C C   
380 O O   . GLY C 11 ? 0.1000 0.1901 0.0845 -0.0408 -0.0037 0.0387  11 GLY C O   
381 N N   . LYS C 12 ? 0.0927 0.2236 0.0855 -0.0603 0.0013  0.0036  12 LYS C N   
382 C CA  . LYS C 12 ? 0.1290 0.2220 0.1197 -0.0534 0.0010  -0.0054 12 LYS C CA  
383 C C   . LYS C 12 ? 0.1097 0.2010 0.0873 -0.0276 0.0086  0.0046  12 LYS C C   
384 O O   . LYS C 12 ? 0.1084 0.1766 0.0893 -0.0437 0.0176  -0.0019 12 LYS C O   
385 C CB  . LYS C 12 ? 0.1330 0.2695 0.1136 -0.0461 0.0233  -0.0084 12 LYS C CB  
386 C CG  . LYS C 12 ? 0.2380 0.2629 0.2030 -0.0595 0.0083  -0.0141 12 LYS C CG  
387 C CD  . LYS C 12 ? 0.2175 0.2894 0.2503 -0.0501 0.0362  -0.0173 12 LYS C CD  
388 C CE  . LYS C 12 ? 0.2974 0.2808 0.2367 -0.0302 0.0242  -0.0213 12 LYS C CE  
389 N NZ  . LYS C 12 ? 0.2877 0.2814 0.2134 -0.0199 -0.0340 -0.0466 12 LYS C NZ  
390 N N   . LEU C 13 ? 0.1278 0.2266 0.1020 -0.0317 -0.0013 -0.0059 13 LEU C N   
391 C CA  . LEU C 13 ? 0.1475 0.2401 0.0980 -0.0113 0.0000  0.0067  13 LEU C CA  
392 C C   . LEU C 13 ? 0.1068 0.2300 0.0726 -0.0090 0.0047  -0.0011 13 LEU C C   
393 O O   . LEU C 13 ? 0.1100 0.2527 0.0722 -0.0112 -0.0062 -0.0343 13 LEU C O   
394 C CB  . LEU C 13 ? 0.1879 0.2714 0.1582 0.0223  0.0161  -0.0021 13 LEU C CB  
395 C CG  . LEU C 13 ? 0.2706 0.2907 0.2451 -0.0127 -0.0275 -0.0214 13 LEU C CG  
396 C CD1 . LEU C 13 ? 0.2397 0.3626 0.3954 -0.0124 -0.0860 -0.0625 13 LEU C CD1 
397 C CD2 . LEU C 13 ? 0.1872 0.3677 0.3573 -0.0786 -0.0481 0.0012  13 LEU C CD2 
398 N N   . GLY C 14 ? 0.0917 0.2209 0.0725 -0.0066 -0.0092 0.0088  14 GLY C N   
399 C CA  . GLY C 14 ? 0.0948 0.2010 0.0667 -0.0030 0.0148  0.0063  14 GLY C CA  
400 C C   . GLY C 14 ? 0.0778 0.2134 0.0823 -0.0166 0.0146  -0.0023 14 GLY C C   
401 O O   . GLY C 14 ? 0.0882 0.2399 0.0601 -0.0250 -0.0063 -0.0116 14 GLY C O   
402 N N   . PRO C 15 ? 0.0820 0.2247 0.0570 -0.0140 0.0046  -0.0113 15 PRO C N   
403 C CA  . PRO C 15 ? 0.1014 0.2465 0.0621 -0.0087 0.0058  0.0098  15 PRO C CA  
404 C C   . PRO C 15 ? 0.0820 0.2269 0.0498 -0.0119 0.0047  0.0136  15 PRO C C   
405 O O   . PRO C 15 ? 0.0730 0.2029 0.0550 -0.0223 -0.0012 -0.0087 15 PRO C O   
406 C CB  . PRO C 15 ? 0.0888 0.2419 0.0906 0.0082  -0.0025 -0.0085 15 PRO C CB  
407 C CG  . PRO C 15 ? 0.1518 0.2309 0.0954 -0.0184 0.0164  -0.0127 15 PRO C CG  
408 C CD  . PRO C 15 ? 0.0814 0.2308 0.0669 -0.0389 0.0151  -0.0144 15 PRO C CD  
409 N N   . HYP C 16 ? 0.0682 0.2635 0.0512 -0.0166 -0.0028 0.0295  16 HYP C N   
410 C CA  . HYP C 16 ? 0.0514 0.2207 0.0659 -0.0218 0.0147  0.0283  16 HYP C CA  
411 C C   . HYP C 16 ? 0.0735 0.1442 0.0464 -0.0142 0.0029  0.0069  16 HYP C C   
412 O O   . HYP C 16 ? 0.0825 0.1249 0.0619 0.0275  -0.0077 0.0093  16 HYP C O   
413 C CB  . HYP C 16 ? 0.0606 0.2564 0.0710 -0.0177 0.0044  0.0270  16 HYP C CB  
414 C CG  . HYP C 16 ? 0.0453 0.2483 0.0707 -0.0028 0.0284  0.0200  16 HYP C CG  
415 C CD  . HYP C 16 ? 0.0748 0.3142 0.0526 0.0003  0.0038  0.0132  16 HYP C CD  
416 O OD1 . HYP C 16 ? 0.0873 0.3283 0.1644 -0.0553 -0.0085 0.0911  16 HYP C OD1 
417 N N   . GLY C 17 ? 0.0398 0.0944 0.0633 -0.0060 0.0120  -0.0154 17 GLY C N   
418 C CA  . GLY C 17 ? 0.0516 0.0731 0.0649 -0.0002 -0.0114 0.0058  17 GLY C CA  
419 C C   . GLY C 17 ? 0.0397 0.0494 0.0800 0.0099  -0.0052 0.0142  17 GLY C C   
420 O O   . GLY C 17 ? 0.0783 0.0727 0.0579 0.0052  -0.0167 0.0074  17 GLY C O   
421 N N   . PRO C 18 ? 0.0660 0.0788 0.0798 0.0079  -0.0212 0.0108  18 PRO C N   
422 C CA  . PRO C 18 ? 0.0581 0.0716 0.0992 0.0126  -0.0285 0.0030  18 PRO C CA  
423 C C   . PRO C 18 ? 0.0508 0.0577 0.0586 -0.0055 -0.0147 -0.0034 18 PRO C C   
424 O O   . PRO C 18 ? 0.0527 0.0458 0.0772 -0.0080 -0.0105 0.0098  18 PRO C O   
425 C CB  . PRO C 18 ? 0.0781 0.0667 0.0856 -0.0109 -0.0360 0.0168  18 PRO C CB  
426 C CG  . PRO C 18 ? 0.0976 0.0885 0.1091 0.0036  0.0204  0.0084  18 PRO C CG  
427 C CD  . PRO C 18 ? 0.0658 0.0737 0.1084 -0.0129 -0.0126 0.0264  18 PRO C CD  
428 N N   . HYP C 19 ? 0.0311 0.0510 0.0544 0.0096  0.0013  -0.0020 19 HYP C N   
429 C CA  . HYP C 19 ? 0.0484 0.0524 0.0745 -0.0095 0.0011  0.0040  19 HYP C CA  
430 C C   . HYP C 19 ? 0.0424 0.0370 0.0565 0.0056  0.0082  0.0146  19 HYP C C   
431 O O   . HYP C 19 ? 0.0624 0.0336 0.0903 -0.0126 -0.0008 0.0156  19 HYP C O   
432 C CB  . HYP C 19 ? 0.0661 0.0639 0.0880 -0.0019 0.0235  -0.0078 19 HYP C CB  
433 C CG  . HYP C 19 ? 0.0530 0.0706 0.1052 -0.0198 0.0405  -0.0039 19 HYP C CG  
434 C CD  . HYP C 19 ? 0.0610 0.0547 0.1109 0.0098  -0.0009 -0.0024 19 HYP C CD  
435 O OD1 . HYP C 19 ? 0.0702 0.0894 0.1502 -0.0288 0.0302  -0.0395 19 HYP C OD1 
436 N N   . GLY C 20 ? 0.0440 0.0383 0.0466 0.0116  0.0010  -0.0104 20 GLY C N   
437 C CA  . GLY C 20 ? 0.0401 0.0546 0.0615 -0.0032 -0.0175 -0.0013 20 GLY C CA  
438 C C   . GLY C 20 ? 0.0484 0.0282 0.0395 -0.0079 -0.0022 -0.0005 20 GLY C C   
439 O O   . GLY C 20 ? 0.0395 0.0566 0.0488 -0.0064 0.0161  0.0047  20 GLY C O   
440 N N   . PRO C 21 ? 0.0459 0.0541 0.0553 -0.0107 0.0044  -0.0091 21 PRO C N   
441 C CA  . PRO C 21 ? 0.0444 0.0402 0.0535 -0.0167 0.0052  -0.0025 21 PRO C CA  
442 C C   . PRO C 21 ? 0.0487 0.0398 0.0336 -0.0182 0.0123  -0.0090 21 PRO C C   
443 O O   . PRO C 21 ? 0.0706 0.0316 0.0515 0.0054  -0.0030 0.0050  21 PRO C O   
444 C CB  . PRO C 21 ? 0.0670 0.0816 0.0601 -0.0430 0.0009  0.0194  21 PRO C CB  
445 C CG  . PRO C 21 ? 0.0911 0.1502 0.1077 -0.0359 0.0188  -0.0434 21 PRO C CG  
446 C CD  . PRO C 21 ? 0.0652 0.0737 0.0571 -0.0223 0.0120  -0.0161 21 PRO C CD  
447 N N   . HYP C 22 ? 0.0731 0.0408 0.0478 -0.0028 0.0038  -0.0066 22 HYP C N   
448 C CA  . HYP C 22 ? 0.0769 0.0259 0.0792 0.0021  -0.0094 -0.0058 22 HYP C CA  
449 C C   . HYP C 22 ? 0.0641 0.0566 0.1028 -0.0064 0.0160  -0.0012 22 HYP C C   
450 O O   . HYP C 22 ? 0.0890 0.0754 0.0941 0.0110  0.0156  0.0035  22 HYP C O   
451 C CB  . HYP C 22 ? 0.0814 0.0322 0.0766 -0.0028 -0.0105 -0.0027 22 HYP C CB  
452 C CG  . HYP C 22 ? 0.0936 0.0325 0.0933 0.0039  -0.0209 -0.0219 22 HYP C CG  
453 C CD  . HYP C 22 ? 0.0860 0.0514 0.0691 -0.0329 -0.0082 -0.0008 22 HYP C CD  
454 O OD1 . HYP C 22 ? 0.1308 0.0853 0.1173 0.0568  -0.0251 -0.0383 22 HYP C OD1 
455 N N   . GLY C 23 ? 0.0811 0.0675 0.1417 -0.0074 0.0069  0.0258  23 GLY C N   
456 C CA  . GLY C 23 ? 0.1197 0.1401 0.2064 -0.0227 0.0050  0.0120  23 GLY C CA  
457 C C   . GLY C 23 ? 0.1523 0.1822 0.2831 -0.0349 -0.0048 0.0137  23 GLY C C   
458 O O   . GLY C 23 ? 0.1697 0.1817 0.3025 -0.0507 -0.0449 0.0154  23 GLY C O   
459 N N   . PRO C 24 ? 0.1758 0.2494 0.3367 -0.0221 -0.0298 0.0153  24 PRO C N   
460 C CA  . PRO C 24 ? 0.2091 0.2962 0.3704 -0.0269 -0.0302 0.0068  24 PRO C CA  
461 C C   . PRO C 24 ? 0.2348 0.3238 0.3948 -0.0239 -0.0396 -0.0067 24 PRO C C   
462 O O   . PRO C 24 ? 0.1861 0.3058 0.3723 -0.0301 -0.0530 -0.0021 24 PRO C O   
463 C CB  . PRO C 24 ? 0.2138 0.3192 0.3742 -0.0206 -0.0229 0.0030  24 PRO C CB  
464 C CG  . PRO C 24 ? 0.1978 0.2841 0.4076 -0.0153 -0.0235 0.0181  24 PRO C CG  
465 C CD  . PRO C 24 ? 0.1766 0.2682 0.3582 -0.0252 -0.0267 0.0121  24 PRO C CD  
466 N N   . HYP C 25 ? 0.2678 0.3405 0.4239 -0.0359 -0.0528 -0.0126 25 HYP C N   
467 C CA  . HYP C 25 ? 0.2923 0.3396 0.4262 -0.0402 -0.0634 -0.0219 25 HYP C CA  
468 C C   . HYP C 25 ? 0.2840 0.3213 0.4068 -0.0556 -0.0891 -0.0379 25 HYP C C   
469 O O   . HYP C 25 ? 0.2865 0.2726 0.3734 -0.0673 -0.1282 -0.0470 25 HYP C O   
470 C CB  . HYP C 25 ? 0.2967 0.3462 0.4347 -0.0406 -0.0645 -0.0239 25 HYP C CB  
471 C CG  . HYP C 25 ? 0.2962 0.3471 0.4468 -0.0369 -0.0564 -0.0098 25 HYP C CG  
472 C CD  . HYP C 25 ? 0.2877 0.3522 0.4322 -0.0305 -0.0480 -0.0082 25 HYP C CD  
473 O OD1 . HYP C 25 ? 0.3424 0.3849 0.4281 -0.0386 -0.0901 -0.0022 25 HYP C OD1 
474 O O   . HOH D .  ? 0.0783 0.0637 0.0597 0.0021  -0.0031 -0.0205 27 HOH A O   
475 O O   . HOH D .  ? 0.0906 0.1208 0.0787 -0.0043 0.0055  0.0018  28 HOH A O   
476 O O   . HOH D .  ? 0.1154 0.1020 0.1056 0.0408  0.0024  0.0123  29 HOH A O   
477 O O   . HOH D .  ? 0.1489 0.0597 0.1494 -0.0203 -0.0627 -0.0082 30 HOH A O   
478 O O   . HOH D .  ? 0.2772 0.1079 0.1702 -0.0310 0.0670  0.0138  31 HOH A O   
479 O O   . HOH D .  ? 0.4599 0.1998 0.1270 0.1503  0.0778  0.0279  32 HOH A O   
480 O O   . HOH D .  ? 0.1851 0.4353 0.3120 0.2482  0.1468  0.2889  33 HOH A O   
481 O O   . HOH D .  ? 0.1592 0.3348 0.1193 0.0195  0.0315  -0.0073 34 HOH A O   
482 O O   . HOH D .  ? 0.1992 0.1798 0.1722 0.0281  0.0218  0.0030  35 HOH A O   
483 O O   . HOH D .  ? 0.2383 0.1090 0.1972 -0.0347 0.0590  -0.0199 36 HOH A O   
484 O O   . HOH D .  ? 0.2647 0.1821 0.3085 0.0171  0.0600  0.0496  37 HOH A O   
485 O O   . HOH D .  ? 0.1975 0.2401 0.1525 0.0499  -0.0055 -0.0249 38 HOH A O   
486 O O   . HOH D .  ? 0.3219 0.3090 0.3524 0.0952  0.0980  0.1090  39 HOH A O   
487 O O   . HOH D .  ? 0.1944 0.2350 0.0466 -0.1302 0.0261  0.0234  40 HOH A O   
488 O O   . HOH D .  ? 0.2769 0.1330 0.1935 0.0091  -0.0002 0.0042  41 HOH A O   
489 O O   . HOH D .  ? 0.2222 0.1856 0.3441 0.0559  0.0782  0.1062  43 HOH A O   
490 O O   . HOH D .  ? 0.1894 0.0866 0.3482 0.0056  -0.1313 0.0173  45 HOH A O   
491 O O   . HOH D .  ? 0.2745 0.4354 0.2921 0.0765  0.0716  0.0166  46 HOH A O   
492 O O   . HOH D .  ? 0.3245 0.2525 0.2227 0.0734  -0.0020 -0.1344 50 HOH A O   
493 O O   . HOH D .  ? 0.1748 0.2709 0.1059 -0.0337 -0.0002 -0.0176 51 HOH A O   
494 O O   . HOH D .  ? 0.1173 0.0484 0.1127 0.0010  -0.0016 0.0169  62 HOH A O   
495 O O   . HOH D .  ? 0.1539 0.1394 0.1302 -0.0178 0.0220  0.0113  69 HOH A O   
496 O O   . HOH D .  ? 0.2255 0.2131 0.2353 0.1132  0.0542  -0.0553 74 HOH A O   
497 O O   . HOH D .  ? 0.5575 0.2570 0.4212 0.2253  0.0774  0.0096  76 HOH A O   
498 O O   . HOH D .  ? 0.1662 0.1448 0.1150 0.0182  -0.0064 0.0369  78 HOH A O   
499 O O   . HOH D .  ? 0.1900 0.1320 0.6010 0.0081  0.0906  0.0974  84 HOH A O   
500 O O   . HOH D .  ? 0.2575 0.2045 0.2292 0.0499  -0.0157 0.0332  86 HOH A O   
501 O O   . HOH D .  ? 0.6481 0.3320 0.4057 0.1435  -0.2058 -0.1402 87 HOH A O   
502 O O   . HOH D .  ? 0.5033 0.4761 0.5266 0.0245  -0.1504 -0.1070 92 HOH A O   
503 O O   . HOH E .  ? 0.2782 0.1719 0.1242 0.1668  0.0834  0.0447  27 HOH B O   
504 O O   . HOH E .  ? 0.2885 0.0289 0.2560 -0.0040 -0.0203 0.0289  28 HOH B O   
505 O O   . HOH E .  ? 0.1152 0.1566 0.1323 -0.0256 0.0368  0.0126  29 HOH B O   
506 O O   . HOH E .  ? 0.1335 0.1274 0.0517 0.0320  0.0153  -0.0302 30 HOH B O   
507 O O   . HOH E .  ? 0.1255 0.5169 0.2142 0.0137  0.0129  0.1887  31 HOH B O   
508 O O   . HOH E .  ? 0.1604 0.1243 0.2053 -0.0304 0.0039  0.0484  32 HOH B O   
509 O O   . HOH E .  ? 0.1473 0.0870 0.1348 0.0384  0.0382  0.0015  34 HOH B O   
510 O O   . HOH E .  ? 0.1391 0.1026 0.0906 0.0303  0.0103  0.0266  35 HOH B O   
511 O O   . HOH E .  ? 0.1411 0.1391 0.1332 -0.0104 0.0447  0.0191  36 HOH B O   
512 O O   . HOH E .  ? 0.1764 0.2738 0.4225 -0.1101 -0.0948 0.1003  37 HOH B O   
513 O O   . HOH E .  ? 0.1754 0.0755 0.1606 -0.0439 0.0440  -0.0090 38 HOH B O   
514 O O   . HOH E .  ? 0.3997 0.1819 0.3054 0.0713  0.0516  -0.0461 39 HOH B O   
515 O O   . HOH E .  ? 0.2483 0.2127 0.1956 0.0236  0.0304  0.0099  40 HOH B O   
516 O O   . HOH E .  ? 0.2684 0.2910 0.3286 -0.0127 -0.0967 -0.0901 41 HOH B O   
517 O O   . HOH E .  ? 0.2309 0.3798 0.2739 0.0747  -0.0659 -0.0383 42 HOH B O   
518 O O   . HOH E .  ? 0.2433 0.3938 0.3322 0.1346  -0.0856 -0.1064 44 HOH B O   
519 O O   . HOH E .  ? 0.1540 0.4735 0.3381 -0.0280 0.0256  -0.1875 49 HOH B O   
520 O O   . HOH E .  ? 0.4695 0.3389 0.3283 0.0963  -0.0708 -0.0445 52 HOH B O   
521 O O   . HOH E .  ? 0.2649 0.4534 0.2481 0.2466  -0.0125 -0.0846 55 HOH B O   
522 O O   . HOH E .  ? 0.2088 0.1935 0.2178 0.0250  -0.0172 0.0018  56 HOH B O   
523 O O   . HOH E .  ? 0.4849 0.2775 0.2112 -0.0182 -0.0184 0.0535  57 HOH B O   
524 O O   . HOH E .  ? 0.2048 0.4876 0.3145 -0.0014 -0.0367 -0.0773 58 HOH B O   
525 O O   . HOH E .  ? 0.2586 0.2975 0.2534 0.0257  -0.0410 -0.0528 59 HOH B O   
526 O O   . HOH E .  ? 0.3507 0.3415 0.2438 0.1085  -0.0243 -0.0950 60 HOH B O   
527 O O   . HOH E .  ? 0.1162 0.1042 0.1858 0.0244  0.0003  0.0185  61 HOH B O   
528 O O   . HOH E .  ? 0.1287 0.1712 0.1708 0.0229  0.0197  -0.0124 64 HOH B O   
529 O O   . HOH E .  ? 0.1243 0.0716 0.1363 0.0211  -0.0232 0.0020  68 HOH B O   
530 O O   . HOH E .  ? 0.2847 0.3671 0.5433 0.1123  -0.1017 -0.1449 72 HOH B O   
531 O O   . HOH E .  ? 0.1129 0.1464 0.1762 0.0008  0.0407  0.0509  73 HOH B O   
532 O O   . HOH E .  ? 0.2666 0.2561 0.1579 0.0957  0.0088  0.0039  75 HOH B O   
533 O O   . HOH E .  ? 0.1220 0.1810 0.1816 0.0314  0.0221  0.0165  79 HOH B O   
534 O O   . HOH E .  ? 0.2347 0.1825 0.4490 0.0594  0.0812  -0.0217 83 HOH B O   
535 O O   . HOH E .  ? 0.2388 0.3442 0.3374 0.0300  -0.0551 -0.0677 85 HOH B O   
536 O O   . HOH E .  ? 0.8585 0.5346 0.4166 0.2549  -0.1698 -0.2204 94 HOH B O   
537 O O   . HOH F .  ? 0.2477 0.3737 0.2117 0.0363  0.0536  -0.0414 27 HOH C O   
538 O O   . HOH F .  ? 0.1225 0.3324 0.0417 -0.0765 -0.0050 -0.0072 28 HOH C O   
539 O O   . HOH F .  ? 0.1093 0.0449 0.0880 0.0193  0.0026  0.0137  29 HOH C O   
540 O O   . HOH F .  ? 0.0937 0.1361 0.1282 0.0182  0.0158  0.0076  30 HOH C O   
541 O O   . HOH F .  ? 0.1831 0.0840 0.1254 -0.0061 0.0307  -0.0373 31 HOH C O   
542 O O   . HOH F .  ? 0.1469 0.0730 0.0666 0.0112  0.0111  -0.0302 32 HOH C O   
543 O O   . HOH F .  ? 0.1438 0.1532 0.1611 -0.0191 0.0243  -0.0446 33 HOH C O   
544 O O   . HOH F .  ? 0.1624 0.1156 0.1865 -0.0241 -0.0259 0.0917  34 HOH C O   
545 O O   . HOH F .  ? 0.0816 0.0784 0.1369 -0.0210 0.0275  0.0019  35 HOH C O   
546 O O   . HOH F .  ? 0.1167 0.3255 0.0970 -0.0756 0.0300  -0.0465 36 HOH C O   
547 O O   . HOH F .  ? 0.2796 0.1967 0.1291 0.0531  0.0951  0.0574  37 HOH C O   
548 O O   . HOH F .  ? 0.1832 0.1845 0.1346 0.0101  0.0224  0.0266  38 HOH C O   
549 O O   . HOH F .  ? 0.1542 0.3084 0.2281 0.0006  -0.0196 -0.0068 47 HOH C O   
550 O O   . HOH F .  ? 0.2649 0.1764 0.3509 0.0700  -0.1215 -0.0692 48 HOH C O   
551 O O   . HOH F .  ? 0.1184 0.5427 0.2690 -0.1062 -0.0192 0.1299  53 HOH C O   
552 O O   . HOH F .  ? 0.2449 0.3180 0.4846 0.0011  -0.1754 0.0826  54 HOH C O   
553 O O   . HOH F .  ? 0.1356 0.1555 0.0868 -0.0032 0.0169  0.0001  63 HOH C O   
554 O O   . HOH F .  ? 0.1058 0.1109 0.1141 -0.0242 0.0346  -0.0227 65 HOH C O   
555 O O   . HOH F .  ? 0.0957 0.0870 0.1309 0.0150  0.0191  -0.0307 66 HOH C O   
556 O O   . HOH F .  ? 0.2113 0.5106 0.1720 -0.1176 -0.0404 0.1243  67 HOH C O   
557 O O   . HOH F .  ? 0.1602 0.1089 0.1640 0.0529  0.0117  -0.0374 70 HOH C O   
558 O O   . HOH F .  ? 0.1011 0.0511 0.4445 0.0167  -0.0604 -0.0198 71 HOH C O   
559 O O   . HOH F .  ? 0.1183 0.0931 0.1735 -0.0096 0.0221  -0.0261 77 HOH C O   
560 O O   . HOH F .  ? 0.2040 0.4150 0.0692 -0.0932 0.0007  0.0424  80 HOH C O   
561 O O   . HOH F .  ? 0.1398 0.6374 0.2058 0.1234  0.0862  0.1307  81 HOH C O   
562 O O   . HOH F .  ? 0.1865 0.2794 0.1744 -0.0136 0.0220  0.0080  82 HOH C O   
563 O O   . HOH F .  ? 0.6296 0.2460 0.3131 -0.0614 -0.1143 -0.0228 88 HOH C O   
564 O O   . HOH F .  ? 0.4635 0.3031 0.4576 -0.0263 0.0556  -0.0316 89 HOH C O   
565 O O   . HOH F .  ? 0.5954 0.2906 0.2883 -0.1259 -0.0942 0.0962  90 HOH C O   
566 O O   . HOH F .  ? 0.3508 0.2316 0.2527 -0.0599 -0.0359 0.0235  91 HOH C O   
567 O O   . HOH F .  ? 0.5389 0.2781 0.6979 0.0587  -0.2085 0.0555  93 HOH C O   
# 
loop_
_pdbx_poly_seq_scheme.asym_id 
_pdbx_poly_seq_scheme.entity_id 
_pdbx_poly_seq_scheme.seq_id 
_pdbx_poly_seq_scheme.mon_id 
_pdbx_poly_seq_scheme.ndb_seq_num 
_pdbx_poly_seq_scheme.pdb_seq_num 
_pdbx_poly_seq_scheme.auth_seq_num 
_pdbx_poly_seq_scheme.pdb_mon_id 
_pdbx_poly_seq_scheme.auth_mon_id 
_pdbx_poly_seq_scheme.pdb_strand_id 
_pdbx_poly_seq_scheme.pdb_ins_code 
_pdbx_poly_seq_scheme.hetero 
A 1 1  ACE 1  1  1  ACE ACE A . n 
A 1 2  GLY 2  2  2  GLY GLY A . n 
A 1 3  PRO 3  3  3  PRO PRO A . n 
A 1 4  HYP 4  4  4  HYP HYP A . n 
A 1 5  GLY 5  5  5  GLY GLY A . n 
A 1 6  PRO 6  6  6  PRO PRO A . n 
A 1 7  HYP 7  7  7  HYP HYP A . n 
A 1 8  GLY 8  8  8  GLY GLY A . n 
A 1 9  PRO 9  9  9  PRO PRO A . n 
A 1 10 HYP 10 10 10 HYP HYP A . n 
A 1 11 GLY 11 11 11 GLY GLY A . n 
A 1 12 LYS 12 12 12 LYS LYS A . n 
A 1 13 LEU 13 13 13 LEU LEU A . n 
A 1 14 GLY 14 14 14 GLY GLY A . n 
A 1 15 PRO 15 15 15 PRO PRO A . n 
A 1 16 HYP 16 16 16 HYP HYP A . n 
A 1 17 GLY 17 17 17 GLY GLY A . n 
A 1 18 PRO 18 18 18 PRO PRO A . n 
A 1 19 HYP 19 19 19 HYP HYP A . n 
A 1 20 GLY 20 20 20 GLY GLY A . n 
A 1 21 PRO 21 21 21 PRO PRO A . n 
A 1 22 HYP 22 22 22 HYP HYP A . n 
A 1 23 GLY 23 23 23 GLY GLY A . n 
A 1 24 PRO 24 24 24 PRO PRO A . n 
A 1 25 HYP 25 25 25 HYP HYP A . n 
A 1 26 NH2 26 26 26 NH2 NH2 A . n 
B 1 1  ACE 1  1  1  ACE ACE B . n 
B 1 2  GLY 2  2  2  GLY GLY B . n 
B 1 3  PRO 3  3  3  PRO PRO B . n 
B 1 4  HYP 4  4  4  HYP HYP B . n 
B 1 5  GLY 5  5  5  GLY GLY B . n 
B 1 6  PRO 6  6  6  PRO PRO B . n 
B 1 7  HYP 7  7  7  HYP HYP B . n 
B 1 8  GLY 8  8  8  GLY GLY B . n 
B 1 9  PRO 9  9  9  PRO PRO B . n 
B 1 10 HYP 10 10 10 HYP HYP B . n 
B 1 11 GLY 11 11 11 GLY GLY B . n 
B 1 12 LYS 12 12 12 LYS LYS B . n 
B 1 13 LEU 13 13 13 LEU LEU B . n 
B 1 14 GLY 14 14 14 GLY GLY B . n 
B 1 15 PRO 15 15 15 PRO PRO B . n 
B 1 16 HYP 16 16 16 HYP HYP B . n 
B 1 17 GLY 17 17 17 GLY GLY B . n 
B 1 18 PRO 18 18 18 PRO PRO B . n 
B 1 19 HYP 19 19 19 HYP HYP B . n 
B 1 20 GLY 20 20 20 GLY GLY B . n 
B 1 21 PRO 21 21 21 PRO PRO B . n 
B 1 22 HYP 22 22 22 HYP HYP B . n 
B 1 23 GLY 23 23 23 GLY GLY B . n 
B 1 24 PRO 24 24 24 PRO PRO B . n 
B 1 25 HYP 25 25 25 HYP HYP B . n 
B 1 26 NH2 26 26 26 NH2 NH2 B . n 
C 1 1  ACE 1  1  1  ACE ACE C . n 
C 1 2  GLY 2  2  2  GLY GLY C . n 
C 1 3  PRO 3  3  3  PRO PRO C . n 
C 1 4  HYP 4  4  4  HYP HYP C . n 
C 1 5  GLY 5  5  5  GLY GLY C . n 
C 1 6  PRO 6  6  6  PRO PRO C . n 
C 1 7  HYP 7  7  7  HYP HYP C . n 
C 1 8  GLY 8  8  8  GLY GLY C . n 
C 1 9  PRO 9  9  9  PRO PRO C . n 
C 1 10 HYP 10 10 10 HYP HYP C . n 
C 1 11 GLY 11 11 11 GLY GLY C . n 
C 1 12 LYS 12 12 12 LYS LYS C . n 
C 1 13 LEU 13 13 13 LEU LEU C . n 
C 1 14 GLY 14 14 14 GLY GLY C . n 
C 1 15 PRO 15 15 15 PRO PRO C . n 
C 1 16 HYP 16 16 16 HYP HYP C . n 
C 1 17 GLY 17 17 17 GLY GLY C . n 
C 1 18 PRO 18 18 18 PRO PRO C . n 
C 1 19 HYP 19 19 19 HYP HYP C . n 
C 1 20 GLY 20 20 20 GLY GLY C . n 
C 1 21 PRO 21 21 21 PRO PRO C . n 
C 1 22 HYP 22 22 22 HYP HYP C . n 
C 1 23 GLY 23 23 23 GLY GLY C . n 
C 1 24 PRO 24 24 24 PRO PRO C . n 
C 1 25 HYP 25 25 25 HYP HYP C . n 
C 1 26 NH2 26 26 ?  ?   ?   C . n 
# 
loop_
_pdbx_nonpoly_scheme.asym_id 
_pdbx_nonpoly_scheme.entity_id 
_pdbx_nonpoly_scheme.mon_id 
_pdbx_nonpoly_scheme.ndb_seq_num 
_pdbx_nonpoly_scheme.pdb_seq_num 
_pdbx_nonpoly_scheme.auth_seq_num 
_pdbx_nonpoly_scheme.pdb_mon_id 
_pdbx_nonpoly_scheme.auth_mon_id 
_pdbx_nonpoly_scheme.pdb_strand_id 
_pdbx_nonpoly_scheme.pdb_ins_code 
D 2 HOH 1  27 4  HOH HOH A . 
D 2 HOH 2  28 5  HOH HOH A . 
D 2 HOH 3  29 6  HOH HOH A . 
D 2 HOH 4  30 30 HOH HOH A . 
D 2 HOH 5  31 31 HOH HOH A . 
D 2 HOH 6  32 9  HOH HOH A . 
D 2 HOH 7  33 33 HOH HOH A . 
D 2 HOH 8  34 34 HOH HOH A . 
D 2 HOH 9  35 13 HOH HOH A . 
D 2 HOH 10 36 21 HOH HOH A . 
D 2 HOH 11 37 24 HOH HOH A . 
D 2 HOH 12 38 25 HOH HOH A . 
D 2 HOH 13 39 39 HOH HOH A . 
D 2 HOH 14 40 40 HOH HOH A . 
D 2 HOH 15 41 18 HOH HOH A . 
D 2 HOH 16 43 43 HOH HOH A . 
D 2 HOH 17 45 45 HOH HOH A . 
D 2 HOH 18 46 46 HOH HOH A . 
D 2 HOH 19 50 50 HOH HOH A . 
D 2 HOH 20 51 51 HOH HOH A . 
D 2 HOH 21 62 62 HOH HOH A . 
D 2 HOH 22 69 69 HOH HOH A . 
D 2 HOH 23 74 74 HOH HOH A . 
D 2 HOH 24 76 76 HOH HOH A . 
D 2 HOH 25 78 78 HOH HOH A . 
D 2 HOH 26 84 84 HOH HOH A . 
D 2 HOH 27 86 86 HOH HOH A . 
D 2 HOH 28 87 87 HOH HOH A . 
D 2 HOH 29 92 92 HOH HOH A . 
E 2 HOH 1  27 2  HOH HOH B . 
E 2 HOH 2  28 7  HOH HOH B . 
E 2 HOH 3  29 29 HOH HOH B . 
E 2 HOH 4  30 10 HOH HOH B . 
E 2 HOH 5  31 16 HOH HOH B . 
E 2 HOH 6  32 32 HOH HOH B . 
E 2 HOH 7  34 19 HOH HOH B . 
E 2 HOH 8  35 35 HOH HOH B . 
E 2 HOH 9  36 36 HOH HOH B . 
E 2 HOH 10 37 20 HOH HOH B . 
E 2 HOH 11 38 38 HOH HOH B . 
E 2 HOH 12 39 22 HOH HOH B . 
E 2 HOH 13 40 26 HOH HOH B . 
E 2 HOH 14 41 41 HOH HOH B . 
E 2 HOH 15 42 42 HOH HOH B . 
E 2 HOH 16 44 44 HOH HOH B . 
E 2 HOH 17 49 49 HOH HOH B . 
E 2 HOH 18 52 52 HOH HOH B . 
E 2 HOH 19 55 55 HOH HOH B . 
E 2 HOH 20 56 56 HOH HOH B . 
E 2 HOH 21 57 57 HOH HOH B . 
E 2 HOH 22 58 58 HOH HOH B . 
E 2 HOH 23 59 59 HOH HOH B . 
E 2 HOH 24 60 60 HOH HOH B . 
E 2 HOH 25 61 61 HOH HOH B . 
E 2 HOH 26 64 64 HOH HOH B . 
E 2 HOH 27 68 68 HOH HOH B . 
E 2 HOH 28 72 72 HOH HOH B . 
E 2 HOH 29 73 73 HOH HOH B . 
E 2 HOH 30 75 75 HOH HOH B . 
E 2 HOH 31 79 79 HOH HOH B . 
E 2 HOH 32 83 83 HOH HOH B . 
E 2 HOH 33 85 85 HOH HOH B . 
E 2 HOH 34 94 94 HOH HOH B . 
F 2 HOH 1  27 27 HOH HOH C . 
F 2 HOH 2  28 28 HOH HOH C . 
F 2 HOH 3  29 1  HOH HOH C . 
F 2 HOH 4  30 3  HOH HOH C . 
F 2 HOH 5  31 8  HOH HOH C . 
F 2 HOH 6  32 11 HOH HOH C . 
F 2 HOH 7  33 12 HOH HOH C . 
F 2 HOH 8  34 14 HOH HOH C . 
F 2 HOH 9  35 15 HOH HOH C . 
F 2 HOH 10 36 17 HOH HOH C . 
F 2 HOH 11 37 37 HOH HOH C . 
F 2 HOH 12 38 23 HOH HOH C . 
F 2 HOH 13 47 47 HOH HOH C . 
F 2 HOH 14 48 48 HOH HOH C . 
F 2 HOH 15 53 53 HOH HOH C . 
F 2 HOH 16 54 54 HOH HOH C . 
F 2 HOH 17 63 63 HOH HOH C . 
F 2 HOH 18 65 65 HOH HOH C . 
F 2 HOH 19 66 66 HOH HOH C . 
F 2 HOH 20 67 67 HOH HOH C . 
F 2 HOH 21 70 70 HOH HOH C . 
F 2 HOH 22 71 71 HOH HOH C . 
F 2 HOH 23 77 77 HOH HOH C . 
F 2 HOH 24 80 80 HOH HOH C . 
F 2 HOH 25 81 81 HOH HOH C . 
F 2 HOH 26 82 82 HOH HOH C . 
F 2 HOH 27 88 88 HOH HOH C . 
F 2 HOH 28 89 89 HOH HOH C . 
F 2 HOH 29 90 90 HOH HOH C . 
F 2 HOH 30 91 91 HOH HOH C . 
F 2 HOH 31 93 93 HOH HOH C . 
# 
loop_
_pdbx_struct_mod_residue.id 
_pdbx_struct_mod_residue.label_asym_id 
_pdbx_struct_mod_residue.label_comp_id 
_pdbx_struct_mod_residue.label_seq_id 
_pdbx_struct_mod_residue.auth_asym_id 
_pdbx_struct_mod_residue.auth_comp_id 
_pdbx_struct_mod_residue.auth_seq_id 
_pdbx_struct_mod_residue.PDB_ins_code 
_pdbx_struct_mod_residue.parent_comp_id 
_pdbx_struct_mod_residue.details 
1  A HYP 4  A HYP 4  ? PRO 4-HYDROXYPROLINE 
2  A HYP 7  A HYP 7  ? PRO 4-HYDROXYPROLINE 
3  A HYP 10 A HYP 10 ? PRO 4-HYDROXYPROLINE 
4  A HYP 16 A HYP 16 ? PRO 4-HYDROXYPROLINE 
5  A HYP 19 A HYP 19 ? PRO 4-HYDROXYPROLINE 
6  A HYP 22 A HYP 22 ? PRO 4-HYDROXYPROLINE 
7  A HYP 25 A HYP 25 ? PRO 4-HYDROXYPROLINE 
8  B HYP 4  B HYP 4  ? PRO 4-HYDROXYPROLINE 
9  B HYP 7  B HYP 7  ? PRO 4-HYDROXYPROLINE 
10 B HYP 10 B HYP 10 ? PRO 4-HYDROXYPROLINE 
11 B HYP 16 B HYP 16 ? PRO 4-HYDROXYPROLINE 
12 B HYP 19 B HYP 19 ? PRO 4-HYDROXYPROLINE 
13 B HYP 22 B HYP 22 ? PRO 4-HYDROXYPROLINE 
14 B HYP 25 B HYP 25 ? PRO 4-HYDROXYPROLINE 
15 C HYP 4  C HYP 4  ? PRO 4-HYDROXYPROLINE 
16 C HYP 7  C HYP 7  ? PRO 4-HYDROXYPROLINE 
17 C HYP 10 C HYP 10 ? PRO 4-HYDROXYPROLINE 
18 C HYP 16 C HYP 16 ? PRO 4-HYDROXYPROLINE 
19 C HYP 19 C HYP 19 ? PRO 4-HYDROXYPROLINE 
20 C HYP 22 C HYP 22 ? PRO 4-HYDROXYPROLINE 
21 C HYP 25 C HYP 25 ? PRO 4-HYDROXYPROLINE 
# 
loop_
_pdbx_struct_assembly.id 
_pdbx_struct_assembly.details 
_pdbx_struct_assembly.method_details 
_pdbx_struct_assembly.oligomeric_details 
_pdbx_struct_assembly.oligomeric_count 
1 author_and_software_defined_assembly PISA trimeric  3 
2 software_defined_assembly            PISA hexameric 6 
3 software_defined_assembly            PISA hexameric 6 
# 
loop_
_pdbx_struct_assembly_gen.assembly_id 
_pdbx_struct_assembly_gen.oper_expression 
_pdbx_struct_assembly_gen.asym_id_list 
1 1   A,B,C,D,E,F 
2 1,2 A,B,C,D,E,F 
3 1,3 A,B,C,D,E,F 
# 
loop_
_pdbx_struct_assembly_prop.biol_id 
_pdbx_struct_assembly_prop.type 
_pdbx_struct_assembly_prop.value 
_pdbx_struct_assembly_prop.details 
1 'ABSA (A^2)' 4910  ? 
1 MORE         -25   ? 
1 'SSA (A^2)'  4250  ? 
2 'ABSA (A^2)' 11910 ? 
2 MORE         -71   ? 
2 'SSA (A^2)'  6410  ? 
3 'ABSA (A^2)' 11470 ? 
3 MORE         -68   ? 
3 'SSA (A^2)'  6860  ? 
# 
loop_
_pdbx_struct_oper_list.id 
_pdbx_struct_oper_list.type 
_pdbx_struct_oper_list.name 
_pdbx_struct_oper_list.symmetry_operation 
_pdbx_struct_oper_list.matrix[1][1] 
_pdbx_struct_oper_list.matrix[1][2] 
_pdbx_struct_oper_list.matrix[1][3] 
_pdbx_struct_oper_list.vector[1] 
_pdbx_struct_oper_list.matrix[2][1] 
_pdbx_struct_oper_list.matrix[2][2] 
_pdbx_struct_oper_list.matrix[2][3] 
_pdbx_struct_oper_list.vector[2] 
_pdbx_struct_oper_list.matrix[3][1] 
_pdbx_struct_oper_list.matrix[3][2] 
_pdbx_struct_oper_list.matrix[3][3] 
_pdbx_struct_oper_list.vector[3] 
1 'identity operation'         1_555 x,y,z     1.0000000000  0.0000000000 0.0000000000  0.0000000000  0.0000000000 1.0000000000 0.0000000000  0.0000000000  0.0000000000  0.0000000000  1.0000000000  0.0000000000  
2 'crystal symmetry operation' 2_555 -x,y,-z   -0.9998605275 0.0166577043 -0.0012026992 13.2798885628 0.0166577043 0.9894894146 -0.1436426791 -0.3905136639 -0.0012026992 -0.1436426791 -0.9896288871 -3.8686993763 
3 'crystal symmetry operation' 2_556 -x,y,-z+1 -0.9998605275 0.0166577043 -0.0012026992 -9.3154143026 0.0166577043 0.9894894146 -0.1436426791 0.6944149038  -0.0012026992 -0.1436426791 -0.9896288871 8.5375578523 
# 
loop_
_pdbx_audit_revision_history.ordinal 
_pdbx_audit_revision_history.data_content_type 
_pdbx_audit_revision_history.major_revision 
_pdbx_audit_revision_history.minor_revision 
_pdbx_audit_revision_history.revision_date 
1 'Structure model' 1 0 2011-08-24 
2 'Structure model' 1 1 2011-11-30 
3 'Structure model' 1 2 2023-09-06 
# 
_pdbx_audit_revision_details.ordinal             1 
_pdbx_audit_revision_details.revision_ordinal    1 
_pdbx_audit_revision_details.data_content_type   'Structure model' 
_pdbx_audit_revision_details.provider            repository 
_pdbx_audit_revision_details.type                'Initial release' 
_pdbx_audit_revision_details.description         ? 
_pdbx_audit_revision_details.details             ? 
# 
loop_
_pdbx_audit_revision_group.ordinal 
_pdbx_audit_revision_group.revision_ordinal 
_pdbx_audit_revision_group.data_content_type 
_pdbx_audit_revision_group.group 
1 2 'Structure model' 'Database references'    
2 3 'Structure model' 'Data collection'        
3 3 'Structure model' 'Database references'    
4 3 'Structure model' 'Derived calculations'   
5 3 'Structure model' 'Refinement description' 
# 
loop_
_pdbx_audit_revision_category.ordinal 
_pdbx_audit_revision_category.revision_ordinal 
_pdbx_audit_revision_category.data_content_type 
_pdbx_audit_revision_category.category 
1 3 'Structure model' chem_comp_atom                
2 3 'Structure model' chem_comp_bond                
3 3 'Structure model' database_2                    
4 3 'Structure model' pdbx_initial_refinement_model 
5 3 'Structure model' struct_conn                   
# 
loop_
_pdbx_audit_revision_item.ordinal 
_pdbx_audit_revision_item.revision_ordinal 
_pdbx_audit_revision_item.data_content_type 
_pdbx_audit_revision_item.item 
1  3 'Structure model' '_database_2.pdbx_DOI'                
2  3 'Structure model' '_database_2.pdbx_database_accession' 
3  3 'Structure model' '_struct_conn.pdbx_dist_value'        
4  3 'Structure model' '_struct_conn.pdbx_leaving_atom_flag' 
5  3 'Structure model' '_struct_conn.ptnr1_auth_asym_id'     
6  3 'Structure model' '_struct_conn.ptnr1_auth_comp_id'     
7  3 'Structure model' '_struct_conn.ptnr1_auth_seq_id'      
8  3 'Structure model' '_struct_conn.ptnr1_label_asym_id'    
9  3 'Structure model' '_struct_conn.ptnr1_label_comp_id'    
10 3 'Structure model' '_struct_conn.ptnr1_label_seq_id'     
11 3 'Structure model' '_struct_conn.ptnr2_auth_asym_id'     
12 3 'Structure model' '_struct_conn.ptnr2_auth_comp_id'     
13 3 'Structure model' '_struct_conn.ptnr2_auth_seq_id'      
14 3 'Structure model' '_struct_conn.ptnr2_label_asym_id'    
15 3 'Structure model' '_struct_conn.ptnr2_label_comp_id'    
16 3 'Structure model' '_struct_conn.ptnr2_label_seq_id'     
# 
loop_
_software.name 
_software.classification 
_software.version 
_software.citation_id 
_software.pdbx_ordinal 
MxCuBE 'data collection' .        ? 1 
PHASER phasing           .        ? 2 
REFMAC refinement        5.5.0109 ? 3 
XDS    'data reduction'  .        ? 4 
XSCALE 'data scaling'    .        ? 5 
# 
_pdbx_validate_close_contact.id               1 
_pdbx_validate_close_contact.PDB_model_num    1 
_pdbx_validate_close_contact.auth_atom_id_1   O 
_pdbx_validate_close_contact.auth_asym_id_1   C 
_pdbx_validate_close_contact.auth_comp_id_1   GLY 
_pdbx_validate_close_contact.auth_seq_id_1    23 
_pdbx_validate_close_contact.PDB_ins_code_1   ? 
_pdbx_validate_close_contact.label_alt_id_1   ? 
_pdbx_validate_close_contact.auth_atom_id_2   O 
_pdbx_validate_close_contact.auth_asym_id_2   C 
_pdbx_validate_close_contact.auth_comp_id_2   HOH 
_pdbx_validate_close_contact.auth_seq_id_2    54 
_pdbx_validate_close_contact.PDB_ins_code_2   ? 
_pdbx_validate_close_contact.label_alt_id_2   ? 
_pdbx_validate_close_contact.dist             2.18 
# 
_pdbx_validate_rmsd_angle.id                         1 
_pdbx_validate_rmsd_angle.PDB_model_num              1 
_pdbx_validate_rmsd_angle.auth_atom_id_1             CB 
_pdbx_validate_rmsd_angle.auth_asym_id_1             B 
_pdbx_validate_rmsd_angle.auth_comp_id_1             LEU 
_pdbx_validate_rmsd_angle.auth_seq_id_1              13 
_pdbx_validate_rmsd_angle.PDB_ins_code_1             ? 
_pdbx_validate_rmsd_angle.label_alt_id_1             ? 
_pdbx_validate_rmsd_angle.auth_atom_id_2             CG 
_pdbx_validate_rmsd_angle.auth_asym_id_2             B 
_pdbx_validate_rmsd_angle.auth_comp_id_2             LEU 
_pdbx_validate_rmsd_angle.auth_seq_id_2              13 
_pdbx_validate_rmsd_angle.PDB_ins_code_2             ? 
_pdbx_validate_rmsd_angle.label_alt_id_2             ? 
_pdbx_validate_rmsd_angle.auth_atom_id_3             CD2 
_pdbx_validate_rmsd_angle.auth_asym_id_3             B 
_pdbx_validate_rmsd_angle.auth_comp_id_3             LEU 
_pdbx_validate_rmsd_angle.auth_seq_id_3              13 
_pdbx_validate_rmsd_angle.PDB_ins_code_3             ? 
_pdbx_validate_rmsd_angle.label_alt_id_3             ? 
_pdbx_validate_rmsd_angle.angle_value                122.08 
_pdbx_validate_rmsd_angle.angle_target_value         111.00 
_pdbx_validate_rmsd_angle.angle_deviation            11.08 
_pdbx_validate_rmsd_angle.angle_standard_deviation   1.70 
_pdbx_validate_rmsd_angle.linker_flag                N 
# 
_pdbx_unobs_or_zero_occ_residues.id               1 
_pdbx_unobs_or_zero_occ_residues.PDB_model_num    1 
_pdbx_unobs_or_zero_occ_residues.polymer_flag     Y 
_pdbx_unobs_or_zero_occ_residues.occupancy_flag   1 
_pdbx_unobs_or_zero_occ_residues.auth_asym_id     C 
_pdbx_unobs_or_zero_occ_residues.auth_comp_id     NH2 
_pdbx_unobs_or_zero_occ_residues.auth_seq_id      26 
_pdbx_unobs_or_zero_occ_residues.PDB_ins_code     ? 
_pdbx_unobs_or_zero_occ_residues.label_asym_id    C 
_pdbx_unobs_or_zero_occ_residues.label_comp_id    NH2 
_pdbx_unobs_or_zero_occ_residues.label_seq_id     26 
# 
loop_
_chem_comp_atom.comp_id 
_chem_comp_atom.atom_id 
_chem_comp_atom.type_symbol 
_chem_comp_atom.pdbx_aromatic_flag 
_chem_comp_atom.pdbx_stereo_config 
_chem_comp_atom.pdbx_ordinal 
ACE C    C N N 1   
ACE O    O N N 2   
ACE CH3  C N N 3   
ACE H    H N N 4   
ACE H1   H N N 5   
ACE H2   H N N 6   
ACE H3   H N N 7   
GLY N    N N N 8   
GLY CA   C N N 9   
GLY C    C N N 10  
GLY O    O N N 11  
GLY OXT  O N N 12  
GLY H    H N N 13  
GLY H2   H N N 14  
GLY HA2  H N N 15  
GLY HA3  H N N 16  
GLY HXT  H N N 17  
HOH O    O N N 18  
HOH H1   H N N 19  
HOH H2   H N N 20  
HYP N    N N N 21  
HYP CA   C N S 22  
HYP C    C N N 23  
HYP O    O N N 24  
HYP CB   C N N 25  
HYP CG   C N R 26  
HYP CD   C N N 27  
HYP OD1  O N N 28  
HYP OXT  O N N 29  
HYP H    H N N 30  
HYP HA   H N N 31  
HYP HB2  H N N 32  
HYP HB3  H N N 33  
HYP HG   H N N 34  
HYP HD22 H N N 35  
HYP HD23 H N N 36  
HYP HD1  H N N 37  
HYP HXT  H N N 38  
LEU N    N N N 39  
LEU CA   C N S 40  
LEU C    C N N 41  
LEU O    O N N 42  
LEU CB   C N N 43  
LEU CG   C N N 44  
LEU CD1  C N N 45  
LEU CD2  C N N 46  
LEU OXT  O N N 47  
LEU H    H N N 48  
LEU H2   H N N 49  
LEU HA   H N N 50  
LEU HB2  H N N 51  
LEU HB3  H N N 52  
LEU HG   H N N 53  
LEU HD11 H N N 54  
LEU HD12 H N N 55  
LEU HD13 H N N 56  
LEU HD21 H N N 57  
LEU HD22 H N N 58  
LEU HD23 H N N 59  
LEU HXT  H N N 60  
LYS N    N N N 61  
LYS CA   C N S 62  
LYS C    C N N 63  
LYS O    O N N 64  
LYS CB   C N N 65  
LYS CG   C N N 66  
LYS CD   C N N 67  
LYS CE   C N N 68  
LYS NZ   N N N 69  
LYS OXT  O N N 70  
LYS H    H N N 71  
LYS H2   H N N 72  
LYS HA   H N N 73  
LYS HB2  H N N 74  
LYS HB3  H N N 75  
LYS HG2  H N N 76  
LYS HG3  H N N 77  
LYS HD2  H N N 78  
LYS HD3  H N N 79  
LYS HE2  H N N 80  
LYS HE3  H N N 81  
LYS HZ1  H N N 82  
LYS HZ2  H N N 83  
LYS HZ3  H N N 84  
LYS HXT  H N N 85  
NH2 N    N N N 86  
NH2 HN1  H N N 87  
NH2 HN2  H N N 88  
PRO N    N N N 89  
PRO CA   C N S 90  
PRO C    C N N 91  
PRO O    O N N 92  
PRO CB   C N N 93  
PRO CG   C N N 94  
PRO CD   C N N 95  
PRO OXT  O N N 96  
PRO H    H N N 97  
PRO HA   H N N 98  
PRO HB2  H N N 99  
PRO HB3  H N N 100 
PRO HG2  H N N 101 
PRO HG3  H N N 102 
PRO HD2  H N N 103 
PRO HD3  H N N 104 
PRO HXT  H N N 105 
# 
loop_
_chem_comp_bond.comp_id 
_chem_comp_bond.atom_id_1 
_chem_comp_bond.atom_id_2 
_chem_comp_bond.value_order 
_chem_comp_bond.pdbx_aromatic_flag 
_chem_comp_bond.pdbx_stereo_config 
_chem_comp_bond.pdbx_ordinal 
ACE C   O    doub N N 1  
ACE C   CH3  sing N N 2  
ACE C   H    sing N N 3  
ACE CH3 H1   sing N N 4  
ACE CH3 H2   sing N N 5  
ACE CH3 H3   sing N N 6  
GLY N   CA   sing N N 7  
GLY N   H    sing N N 8  
GLY N   H2   sing N N 9  
GLY CA  C    sing N N 10 
GLY CA  HA2  sing N N 11 
GLY CA  HA3  sing N N 12 
GLY C   O    doub N N 13 
GLY C   OXT  sing N N 14 
GLY OXT HXT  sing N N 15 
HOH O   H1   sing N N 16 
HOH O   H2   sing N N 17 
HYP N   CA   sing N N 18 
HYP N   CD   sing N N 19 
HYP N   H    sing N N 20 
HYP CA  C    sing N N 21 
HYP CA  CB   sing N N 22 
HYP CA  HA   sing N N 23 
HYP C   O    doub N N 24 
HYP C   OXT  sing N N 25 
HYP CB  CG   sing N N 26 
HYP CB  HB2  sing N N 27 
HYP CB  HB3  sing N N 28 
HYP CG  CD   sing N N 29 
HYP CG  OD1  sing N N 30 
HYP CG  HG   sing N N 31 
HYP CD  HD22 sing N N 32 
HYP CD  HD23 sing N N 33 
HYP OD1 HD1  sing N N 34 
HYP OXT HXT  sing N N 35 
LEU N   CA   sing N N 36 
LEU N   H    sing N N 37 
LEU N   H2   sing N N 38 
LEU CA  C    sing N N 39 
LEU CA  CB   sing N N 40 
LEU CA  HA   sing N N 41 
LEU C   O    doub N N 42 
LEU C   OXT  sing N N 43 
LEU CB  CG   sing N N 44 
LEU CB  HB2  sing N N 45 
LEU CB  HB3  sing N N 46 
LEU CG  CD1  sing N N 47 
LEU CG  CD2  sing N N 48 
LEU CG  HG   sing N N 49 
LEU CD1 HD11 sing N N 50 
LEU CD1 HD12 sing N N 51 
LEU CD1 HD13 sing N N 52 
LEU CD2 HD21 sing N N 53 
LEU CD2 HD22 sing N N 54 
LEU CD2 HD23 sing N N 55 
LEU OXT HXT  sing N N 56 
LYS N   CA   sing N N 57 
LYS N   H    sing N N 58 
LYS N   H2   sing N N 59 
LYS CA  C    sing N N 60 
LYS CA  CB   sing N N 61 
LYS CA  HA   sing N N 62 
LYS C   O    doub N N 63 
LYS C   OXT  sing N N 64 
LYS CB  CG   sing N N 65 
LYS CB  HB2  sing N N 66 
LYS CB  HB3  sing N N 67 
LYS CG  CD   sing N N 68 
LYS CG  HG2  sing N N 69 
LYS CG  HG3  sing N N 70 
LYS CD  CE   sing N N 71 
LYS CD  HD2  sing N N 72 
LYS CD  HD3  sing N N 73 
LYS CE  NZ   sing N N 74 
LYS CE  HE2  sing N N 75 
LYS CE  HE3  sing N N 76 
LYS NZ  HZ1  sing N N 77 
LYS NZ  HZ2  sing N N 78 
LYS NZ  HZ3  sing N N 79 
LYS OXT HXT  sing N N 80 
NH2 N   HN1  sing N N 81 
NH2 N   HN2  sing N N 82 
PRO N   CA   sing N N 83 
PRO N   CD   sing N N 84 
PRO N   H    sing N N 85 
PRO CA  C    sing N N 86 
PRO CA  CB   sing N N 87 
PRO CA  HA   sing N N 88 
PRO C   O    doub N N 89 
PRO C   OXT  sing N N 90 
PRO CB  CG   sing N N 91 
PRO CB  HB2  sing N N 92 
PRO CB  HB3  sing N N 93 
PRO CG  CD   sing N N 94 
PRO CG  HG2  sing N N 95 
PRO CG  HG3  sing N N 96 
PRO CD  HD2  sing N N 97 
PRO CD  HD3  sing N N 98 
PRO OXT HXT  sing N N 99 
# 
_pdbx_entity_nonpoly.entity_id   2 
_pdbx_entity_nonpoly.name        water 
_pdbx_entity_nonpoly.comp_id     HOH 
# 
_pdbx_initial_refinement_model.id               1 
_pdbx_initial_refinement_model.entity_id_list   ? 
_pdbx_initial_refinement_model.type             'experimental model' 
_pdbx_initial_refinement_model.source_name      PDB 
_pdbx_initial_refinement_model.accession_code   1CAG 
_pdbx_initial_refinement_model.details          'PDB ENTRY 1CAG' 
# 
